data_2B01
# 
_entry.id   2B01 
# 
_audit_conform.dict_name       mmcif_pdbx.dic 
_audit_conform.dict_version    5.397 
_audit_conform.dict_location   http://mmcif.pdb.org/dictionaries/ascii/mmcif_pdbx.dic 
# 
loop_
_database_2.database_id 
_database_2.database_code 
_database_2.pdbx_database_accession 
_database_2.pdbx_DOI 
PDB   2B01         pdb_00002b01 10.2210/pdb2b01/pdb 
RCSB  RCSB034505   ?            ?                   
WWPDB D_1000034505 ?            ?                   
# 
loop_
_pdbx_audit_revision_history.ordinal 
_pdbx_audit_revision_history.data_content_type 
_pdbx_audit_revision_history.major_revision 
_pdbx_audit_revision_history.minor_revision 
_pdbx_audit_revision_history.revision_date 
1 'Structure model' 1 0 2006-11-14 
2 'Structure model' 1 1 2008-05-01 
3 'Structure model' 1 2 2011-07-13 
4 'Structure model' 1 3 2023-08-23 
5 'Structure model' 1 4 2024-10-30 
# 
_pdbx_audit_revision_details.ordinal             1 
_pdbx_audit_revision_details.revision_ordinal    1 
_pdbx_audit_revision_details.data_content_type   'Structure model' 
_pdbx_audit_revision_details.provider            repository 
_pdbx_audit_revision_details.type                'Initial release' 
_pdbx_audit_revision_details.description         ? 
_pdbx_audit_revision_details.details             ? 
# 
loop_
_pdbx_audit_revision_group.ordinal 
_pdbx_audit_revision_group.revision_ordinal 
_pdbx_audit_revision_group.data_content_type 
_pdbx_audit_revision_group.group 
1 2 'Structure model' 'Version format compliance' 
2 3 'Structure model' 'Derived calculations'      
3 3 'Structure model' 'Version format compliance' 
4 4 'Structure model' 'Data collection'           
5 4 'Structure model' 'Database references'       
6 4 'Structure model' 'Derived calculations'      
7 4 'Structure model' 'Refinement description'    
8 5 'Structure model' 'Structure summary'         
# 
loop_
_pdbx_audit_revision_category.ordinal 
_pdbx_audit_revision_category.revision_ordinal 
_pdbx_audit_revision_category.data_content_type 
_pdbx_audit_revision_category.category 
1 4 'Structure model' chem_comp_atom                
2 4 'Structure model' chem_comp_bond                
3 4 'Structure model' database_2                    
4 4 'Structure model' pdbx_initial_refinement_model 
5 4 'Structure model' pdbx_struct_conn_angle        
6 4 'Structure model' struct_conn                   
7 4 'Structure model' struct_site                   
8 5 'Structure model' pdbx_entry_details            
9 5 'Structure model' pdbx_modification_feature     
# 
loop_
_pdbx_audit_revision_item.ordinal 
_pdbx_audit_revision_item.revision_ordinal 
_pdbx_audit_revision_item.data_content_type 
_pdbx_audit_revision_item.item 
1  4 'Structure model' '_database_2.pdbx_DOI'                        
2  4 'Structure model' '_database_2.pdbx_database_accession'         
3  4 'Structure model' '_pdbx_struct_conn_angle.ptnr1_auth_comp_id'  
4  4 'Structure model' '_pdbx_struct_conn_angle.ptnr1_auth_seq_id'   
5  4 'Structure model' '_pdbx_struct_conn_angle.ptnr1_label_asym_id' 
6  4 'Structure model' '_pdbx_struct_conn_angle.ptnr1_label_atom_id' 
7  4 'Structure model' '_pdbx_struct_conn_angle.ptnr1_label_comp_id' 
8  4 'Structure model' '_pdbx_struct_conn_angle.ptnr1_label_seq_id'  
9  4 'Structure model' '_pdbx_struct_conn_angle.ptnr1_symmetry'      
10 4 'Structure model' '_pdbx_struct_conn_angle.ptnr2_auth_seq_id'   
11 4 'Structure model' '_pdbx_struct_conn_angle.ptnr2_label_asym_id' 
12 4 'Structure model' '_pdbx_struct_conn_angle.ptnr3_auth_comp_id'  
13 4 'Structure model' '_pdbx_struct_conn_angle.ptnr3_auth_seq_id'   
14 4 'Structure model' '_pdbx_struct_conn_angle.ptnr3_label_asym_id' 
15 4 'Structure model' '_pdbx_struct_conn_angle.ptnr3_label_atom_id' 
16 4 'Structure model' '_pdbx_struct_conn_angle.ptnr3_label_comp_id' 
17 4 'Structure model' '_pdbx_struct_conn_angle.ptnr3_label_seq_id'  
18 4 'Structure model' '_pdbx_struct_conn_angle.ptnr3_symmetry'      
19 4 'Structure model' '_pdbx_struct_conn_angle.value'               
20 4 'Structure model' '_struct_conn.pdbx_dist_value'                
21 4 'Structure model' '_struct_conn.ptnr1_auth_comp_id'             
22 4 'Structure model' '_struct_conn.ptnr1_auth_seq_id'              
23 4 'Structure model' '_struct_conn.ptnr1_label_asym_id'            
24 4 'Structure model' '_struct_conn.ptnr1_label_atom_id'            
25 4 'Structure model' '_struct_conn.ptnr1_label_comp_id'            
26 4 'Structure model' '_struct_conn.ptnr1_label_seq_id'             
27 4 'Structure model' '_struct_conn.ptnr1_symmetry'                 
28 4 'Structure model' '_struct_conn.ptnr2_auth_comp_id'             
29 4 'Structure model' '_struct_conn.ptnr2_auth_seq_id'              
30 4 'Structure model' '_struct_conn.ptnr2_label_asym_id'            
31 4 'Structure model' '_struct_conn.ptnr2_label_atom_id'            
32 4 'Structure model' '_struct_conn.ptnr2_label_comp_id'            
33 4 'Structure model' '_struct_conn.ptnr2_label_seq_id'             
34 4 'Structure model' '_struct_conn.ptnr2_symmetry'                 
35 4 'Structure model' '_struct_site.pdbx_auth_asym_id'              
36 4 'Structure model' '_struct_site.pdbx_auth_comp_id'              
37 4 'Structure model' '_struct_site.pdbx_auth_seq_id'               
# 
_pdbx_database_status.status_code                     REL 
_pdbx_database_status.entry_id                        2B01 
_pdbx_database_status.recvd_initial_deposition_date   2005-09-12 
_pdbx_database_status.deposit_site                    RCSB 
_pdbx_database_status.process_site                    RCSB 
_pdbx_database_status.status_code_sf                  REL 
_pdbx_database_status.status_code_mr                  ? 
_pdbx_database_status.SG_entry                        N 
_pdbx_database_status.pdb_format_compatible           Y 
_pdbx_database_status.status_code_cs                  ? 
_pdbx_database_status.status_code_nmr_data            ? 
_pdbx_database_status.methods_development_category    ? 
# 
loop_
_pdbx_database_related.db_name 
_pdbx_database_related.db_id 
_pdbx_database_related.details 
_pdbx_database_related.content_type 
PDB 2AZY 'Crystal Structure of Porcine Pancreatic Phospholipase A2 in Complex with Cholate'                unspecified 
PDB 2AZZ 'Crystal Structure of Porcine Pancreatic Phospholipase A2 in Complex with Taurocholate'           unspecified 
PDB 2B00 'Crystal Structure of Porcine Pancreatic Phospholipase A2 in Complex with Glycocholate'           unspecified 
PDB 2B03 'Crystal Structure of Porcine Pancreatic Phospholipase A2 in Complex with Taurochenodeoxycholate' unspecified 
PDB 2B04 'Crystal Structure of Porcine Pancreatic Phospholipase A2 in Complex with Glycochenodeoxycholate' unspecified 
# 
loop_
_audit_author.name 
_audit_author.pdbx_ordinal 
'Pan, Y.H.'     1 
'Bahnson, B.J.' 2 
'Jain, M.K.'    3 
# 
_citation.id                        primary 
_citation.title                     'Structural basis for bile salt inhibition of pancreatic phospholipase A2.' 
_citation.journal_abbrev            J.Mol.Biol. 
_citation.journal_volume            369 
_citation.page_first                439 
_citation.page_last                 450 
_citation.year                      2007 
_citation.journal_id_ASTM           JMOBAK 
_citation.country                   UK 
_citation.journal_id_ISSN           0022-2836 
_citation.journal_id_CSD            0070 
_citation.book_publisher            ? 
_citation.pdbx_database_id_PubMed   17434532 
_citation.pdbx_database_id_DOI      10.1016/j.jmb.2007.03.034 
# 
loop_
_citation_author.citation_id 
_citation_author.name 
_citation_author.ordinal 
_citation_author.identifier_ORCID 
primary 'Pan, Y.H.'     1 ? 
primary 'Bahnson, B.J.' 2 ? 
# 
loop_
_entity.id 
_entity.type 
_entity.src_method 
_entity.pdbx_description 
_entity.formula_weight 
_entity.pdbx_number_of_molecules 
_entity.pdbx_ec 
_entity.pdbx_mutation 
_entity.pdbx_fragment 
_entity.details 
1 polymer     man 'Phospholipase A2, major isoenzyme' 14009.714 1   3.1.1.4 ? ? ? 
2 non-polymer syn 'CALCIUM ION'                       40.078    3   ?       ? ? ? 
3 non-polymer syn 'CHLORIDE ION'                      35.453    4   ?       ? ? ? 
4 non-polymer syn 'TAUROCHENODEOXYCHOLIC ACID'        499.704   1   ?       ? ? ? 
5 water       nat water                               18.015    114 ?       ? ? ? 
# 
_entity_name_com.entity_id   1 
_entity_name_com.name        'Phosphatidylcholine 2-acylhydrolase, Group IB phospholipase A2' 
# 
_entity_poly.entity_id                      1 
_entity_poly.type                           'polypeptide(L)' 
_entity_poly.nstd_linkage                   no 
_entity_poly.nstd_monomer                   no 
_entity_poly.pdbx_seq_one_letter_code       
;ALWQFRSMIKCAIPGSHPLMDFNNYGCYCGLGGSGTPVDELDRCCETHDNCYRDAKNLDSCKFLVDNPYTESYSYSCSNT
EITCNSKNNACEAFICNCDRNAAICFSKAPYNKEHKNLDTKKYC
;
_entity_poly.pdbx_seq_one_letter_code_can   
;ALWQFRSMIKCAIPGSHPLMDFNNYGCYCGLGGSGTPVDELDRCCETHDNCYRDAKNLDSCKFLVDNPYTESYSYSCSNT
EITCNSKNNACEAFICNCDRNAAICFSKAPYNKEHKNLDTKKYC
;
_entity_poly.pdbx_strand_id                 A 
_entity_poly.pdbx_target_identifier         ? 
# 
loop_
_pdbx_entity_nonpoly.entity_id 
_pdbx_entity_nonpoly.name 
_pdbx_entity_nonpoly.comp_id 
2 'CALCIUM ION'                CA  
3 'CHLORIDE ION'               CL  
4 'TAUROCHENODEOXYCHOLIC ACID' TUD 
5 water                        HOH 
# 
loop_
_entity_poly_seq.entity_id 
_entity_poly_seq.num 
_entity_poly_seq.mon_id 
_entity_poly_seq.hetero 
1 1   ALA n 
1 2   LEU n 
1 3   TRP n 
1 4   GLN n 
1 5   PHE n 
1 6   ARG n 
1 7   SER n 
1 8   MET n 
1 9   ILE n 
1 10  LYS n 
1 11  CYS n 
1 12  ALA n 
1 13  ILE n 
1 14  PRO n 
1 15  GLY n 
1 16  SER n 
1 17  HIS n 
1 18  PRO n 
1 19  LEU n 
1 20  MET n 
1 21  ASP n 
1 22  PHE n 
1 23  ASN n 
1 24  ASN n 
1 25  TYR n 
1 26  GLY n 
1 27  CYS n 
1 28  TYR n 
1 29  CYS n 
1 30  GLY n 
1 31  LEU n 
1 32  GLY n 
1 33  GLY n 
1 34  SER n 
1 35  GLY n 
1 36  THR n 
1 37  PRO n 
1 38  VAL n 
1 39  ASP n 
1 40  GLU n 
1 41  LEU n 
1 42  ASP n 
1 43  ARG n 
1 44  CYS n 
1 45  CYS n 
1 46  GLU n 
1 47  THR n 
1 48  HIS n 
1 49  ASP n 
1 50  ASN n 
1 51  CYS n 
1 52  TYR n 
1 53  ARG n 
1 54  ASP n 
1 55  ALA n 
1 56  LYS n 
1 57  ASN n 
1 58  LEU n 
1 59  ASP n 
1 60  SER n 
1 61  CYS n 
1 62  LYS n 
1 63  PHE n 
1 64  LEU n 
1 65  VAL n 
1 66  ASP n 
1 67  ASN n 
1 68  PRO n 
1 69  TYR n 
1 70  THR n 
1 71  GLU n 
1 72  SER n 
1 73  TYR n 
1 74  SER n 
1 75  TYR n 
1 76  SER n 
1 77  CYS n 
1 78  SER n 
1 79  ASN n 
1 80  THR n 
1 81  GLU n 
1 82  ILE n 
1 83  THR n 
1 84  CYS n 
1 85  ASN n 
1 86  SER n 
1 87  LYS n 
1 88  ASN n 
1 89  ASN n 
1 90  ALA n 
1 91  CYS n 
1 92  GLU n 
1 93  ALA n 
1 94  PHE n 
1 95  ILE n 
1 96  CYS n 
1 97  ASN n 
1 98  CYS n 
1 99  ASP n 
1 100 ARG n 
1 101 ASN n 
1 102 ALA n 
1 103 ALA n 
1 104 ILE n 
1 105 CYS n 
1 106 PHE n 
1 107 SER n 
1 108 LYS n 
1 109 ALA n 
1 110 PRO n 
1 111 TYR n 
1 112 ASN n 
1 113 LYS n 
1 114 GLU n 
1 115 HIS n 
1 116 LYS n 
1 117 ASN n 
1 118 LEU n 
1 119 ASP n 
1 120 THR n 
1 121 LYS n 
1 122 LYS n 
1 123 TYR n 
1 124 CYS n 
# 
_entity_src_gen.entity_id                          1 
_entity_src_gen.pdbx_src_id                        1 
_entity_src_gen.pdbx_alt_source_flag               sample 
_entity_src_gen.pdbx_seq_type                      ? 
_entity_src_gen.pdbx_beg_seq_num                   ? 
_entity_src_gen.pdbx_end_seq_num                   ? 
_entity_src_gen.gene_src_common_name               pig 
_entity_src_gen.gene_src_genus                     Sus 
_entity_src_gen.pdbx_gene_src_gene                 PLA2G1B 
_entity_src_gen.gene_src_species                   ? 
_entity_src_gen.gene_src_strain                    ? 
_entity_src_gen.gene_src_tissue                    ? 
_entity_src_gen.gene_src_tissue_fraction           ? 
_entity_src_gen.gene_src_details                   ? 
_entity_src_gen.pdbx_gene_src_fragment             ? 
_entity_src_gen.pdbx_gene_src_scientific_name      'Sus scrofa' 
_entity_src_gen.pdbx_gene_src_ncbi_taxonomy_id     9823 
_entity_src_gen.pdbx_gene_src_variant              ? 
_entity_src_gen.pdbx_gene_src_cell_line            ? 
_entity_src_gen.pdbx_gene_src_atcc                 ? 
_entity_src_gen.pdbx_gene_src_organ                ? 
_entity_src_gen.pdbx_gene_src_organelle            ? 
_entity_src_gen.pdbx_gene_src_cell                 ? 
_entity_src_gen.pdbx_gene_src_cellular_location    ? 
_entity_src_gen.host_org_common_name               ? 
_entity_src_gen.pdbx_host_org_scientific_name      'Escherichia coli' 
_entity_src_gen.pdbx_host_org_ncbi_taxonomy_id     562 
_entity_src_gen.host_org_genus                     Escherichia 
_entity_src_gen.pdbx_host_org_gene                 ? 
_entity_src_gen.pdbx_host_org_organ                ? 
_entity_src_gen.host_org_species                   ? 
_entity_src_gen.pdbx_host_org_tissue               ? 
_entity_src_gen.pdbx_host_org_tissue_fraction      ? 
_entity_src_gen.pdbx_host_org_strain               ? 
_entity_src_gen.pdbx_host_org_variant              ? 
_entity_src_gen.pdbx_host_org_cell_line            ? 
_entity_src_gen.pdbx_host_org_atcc                 ? 
_entity_src_gen.pdbx_host_org_culture_collection   ? 
_entity_src_gen.pdbx_host_org_cell                 ? 
_entity_src_gen.pdbx_host_org_organelle            ? 
_entity_src_gen.pdbx_host_org_cellular_location    ? 
_entity_src_gen.pdbx_host_org_vector_type          ? 
_entity_src_gen.pdbx_host_org_vector               ? 
_entity_src_gen.host_org_details                   ? 
_entity_src_gen.expression_system_id               ? 
_entity_src_gen.plasmid_name                       ? 
_entity_src_gen.plasmid_details                    ? 
_entity_src_gen.pdbx_description                   ? 
# 
loop_
_chem_comp.id 
_chem_comp.type 
_chem_comp.mon_nstd_flag 
_chem_comp.name 
_chem_comp.pdbx_synonyms 
_chem_comp.formula 
_chem_comp.formula_weight 
ALA 'L-peptide linking' y ALANINE                      ? 'C3 H7 N O2'     89.093  
ARG 'L-peptide linking' y ARGININE                     ? 'C6 H15 N4 O2 1' 175.209 
ASN 'L-peptide linking' y ASPARAGINE                   ? 'C4 H8 N2 O3'    132.118 
ASP 'L-peptide linking' y 'ASPARTIC ACID'              ? 'C4 H7 N O4'     133.103 
CA  non-polymer         . 'CALCIUM ION'                ? 'Ca 2'           40.078  
CL  non-polymer         . 'CHLORIDE ION'               ? 'Cl -1'          35.453  
CYS 'L-peptide linking' y CYSTEINE                     ? 'C3 H7 N O2 S'   121.158 
GLN 'L-peptide linking' y GLUTAMINE                    ? 'C5 H10 N2 O3'   146.144 
GLU 'L-peptide linking' y 'GLUTAMIC ACID'              ? 'C5 H9 N O4'     147.129 
GLY 'peptide linking'   y GLYCINE                      ? 'C2 H5 N O2'     75.067  
HIS 'L-peptide linking' y HISTIDINE                    ? 'C6 H10 N3 O2 1' 156.162 
HOH non-polymer         . WATER                        ? 'H2 O'           18.015  
ILE 'L-peptide linking' y ISOLEUCINE                   ? 'C6 H13 N O2'    131.173 
LEU 'L-peptide linking' y LEUCINE                      ? 'C6 H13 N O2'    131.173 
LYS 'L-peptide linking' y LYSINE                       ? 'C6 H15 N2 O2 1' 147.195 
MET 'L-peptide linking' y METHIONINE                   ? 'C5 H11 N O2 S'  149.211 
PHE 'L-peptide linking' y PHENYLALANINE                ? 'C9 H11 N O2'    165.189 
PRO 'L-peptide linking' y PROLINE                      ? 'C5 H9 N O2'     115.130 
SER 'L-peptide linking' y SERINE                       ? 'C3 H7 N O3'     105.093 
THR 'L-peptide linking' y THREONINE                    ? 'C4 H9 N O3'     119.119 
TRP 'L-peptide linking' y TRYPTOPHAN                   ? 'C11 H12 N2 O2'  204.225 
TUD non-polymer         . 'TAUROCHENODEOXYCHOLIC ACID' 
'2-(((3ALPHA,5BETA,7ALPHA)-3,7-DIHYDROXY-24-OXOCHOLAN-24-YL)AMINO)ETHANESULFONIC ACID; TAUROCHENODEOXYCHOLATE' 'C26 H45 N O6 S' 
499.704 
TYR 'L-peptide linking' y TYROSINE                     ? 'C9 H11 N O3'    181.189 
VAL 'L-peptide linking' y VALINE                       ? 'C5 H11 N O2'    117.146 
# 
loop_
_pdbx_poly_seq_scheme.asym_id 
_pdbx_poly_seq_scheme.entity_id 
_pdbx_poly_seq_scheme.seq_id 
_pdbx_poly_seq_scheme.mon_id 
_pdbx_poly_seq_scheme.ndb_seq_num 
_pdbx_poly_seq_scheme.pdb_seq_num 
_pdbx_poly_seq_scheme.auth_seq_num 
_pdbx_poly_seq_scheme.pdb_mon_id 
_pdbx_poly_seq_scheme.auth_mon_id 
_pdbx_poly_seq_scheme.pdb_strand_id 
_pdbx_poly_seq_scheme.pdb_ins_code 
_pdbx_poly_seq_scheme.hetero 
A 1 1   ALA 1   1   1   ALA ALA A . n 
A 1 2   LEU 2   2   2   LEU LEU A . n 
A 1 3   TRP 3   3   3   TRP TRP A . n 
A 1 4   GLN 4   4   4   GLN GLN A . n 
A 1 5   PHE 5   5   5   PHE PHE A . n 
A 1 6   ARG 6   6   6   ARG ARG A . n 
A 1 7   SER 7   7   7   SER SER A . n 
A 1 8   MET 8   8   8   MET MET A . n 
A 1 9   ILE 9   9   9   ILE ILE A . n 
A 1 10  LYS 10  10  10  LYS LYS A . n 
A 1 11  CYS 11  11  11  CYS CYS A . n 
A 1 12  ALA 12  12  12  ALA ALA A . n 
A 1 13  ILE 13  13  13  ILE ILE A . n 
A 1 14  PRO 14  14  14  PRO PRO A . n 
A 1 15  GLY 15  15  15  GLY GLY A . n 
A 1 16  SER 16  16  16  SER SER A . n 
A 1 17  HIS 17  17  17  HIS HIS A . n 
A 1 18  PRO 18  18  18  PRO PRO A . n 
A 1 19  LEU 19  19  19  LEU LEU A . n 
A 1 20  MET 20  20  20  MET MET A . n 
A 1 21  ASP 21  21  21  ASP ASP A . n 
A 1 22  PHE 22  22  22  PHE PHE A . n 
A 1 23  ASN 23  23  23  ASN ASN A . n 
A 1 24  ASN 24  24  24  ASN ASN A . n 
A 1 25  TYR 25  25  25  TYR TYR A . n 
A 1 26  GLY 26  26  26  GLY GLY A . n 
A 1 27  CYS 27  27  27  CYS CYS A . n 
A 1 28  TYR 28  28  28  TYR TYR A . n 
A 1 29  CYS 29  29  29  CYS CYS A . n 
A 1 30  GLY 30  30  30  GLY GLY A . n 
A 1 31  LEU 31  31  31  LEU LEU A . n 
A 1 32  GLY 32  32  32  GLY GLY A . n 
A 1 33  GLY 33  33  33  GLY GLY A . n 
A 1 34  SER 34  34  34  SER SER A . n 
A 1 35  GLY 35  35  35  GLY GLY A . n 
A 1 36  THR 36  36  36  THR THR A . n 
A 1 37  PRO 37  37  37  PRO PRO A . n 
A 1 38  VAL 38  38  38  VAL VAL A . n 
A 1 39  ASP 39  39  39  ASP ASP A . n 
A 1 40  GLU 40  40  40  GLU GLU A . n 
A 1 41  LEU 41  41  41  LEU LEU A . n 
A 1 42  ASP 42  42  42  ASP ASP A . n 
A 1 43  ARG 43  43  43  ARG ARG A . n 
A 1 44  CYS 44  44  44  CYS CYS A . n 
A 1 45  CYS 45  45  45  CYS CYS A . n 
A 1 46  GLU 46  46  46  GLU GLU A . n 
A 1 47  THR 47  47  47  THR THR A . n 
A 1 48  HIS 48  48  48  HIS HIS A . n 
A 1 49  ASP 49  49  49  ASP ASP A . n 
A 1 50  ASN 50  50  50  ASN ASN A . n 
A 1 51  CYS 51  51  51  CYS CYS A . n 
A 1 52  TYR 52  52  52  TYR TYR A . n 
A 1 53  ARG 53  53  53  ARG ARG A . n 
A 1 54  ASP 54  54  54  ASP ASP A . n 
A 1 55  ALA 55  55  55  ALA ALA A . n 
A 1 56  LYS 56  56  56  LYS LYS A . n 
A 1 57  ASN 57  57  57  ASN ASN A . n 
A 1 58  LEU 58  58  58  LEU LEU A . n 
A 1 59  ASP 59  59  59  ASP ASP A . n 
A 1 60  SER 60  60  60  SER SER A . n 
A 1 61  CYS 61  61  61  CYS CYS A . n 
A 1 62  LYS 62  62  62  LYS LYS A . n 
A 1 63  PHE 63  63  63  PHE PHE A . n 
A 1 64  LEU 64  64  64  LEU LEU A . n 
A 1 65  VAL 65  65  65  VAL VAL A . n 
A 1 66  ASP 66  66  66  ASP ASP A . n 
A 1 67  ASN 67  67  67  ASN ASN A . n 
A 1 68  PRO 68  68  68  PRO PRO A . n 
A 1 69  TYR 69  69  69  TYR TYR A . n 
A 1 70  THR 70  70  70  THR THR A . n 
A 1 71  GLU 71  71  71  GLU GLU A . n 
A 1 72  SER 72  72  72  SER SER A . n 
A 1 73  TYR 73  73  73  TYR TYR A . n 
A 1 74  SER 74  74  74  SER SER A . n 
A 1 75  TYR 75  75  75  TYR TYR A . n 
A 1 76  SER 76  76  76  SER SER A . n 
A 1 77  CYS 77  77  77  CYS CYS A . n 
A 1 78  SER 78  78  78  SER SER A . n 
A 1 79  ASN 79  79  79  ASN ASN A . n 
A 1 80  THR 80  80  80  THR THR A . n 
A 1 81  GLU 81  81  81  GLU GLU A . n 
A 1 82  ILE 82  82  82  ILE ILE A . n 
A 1 83  THR 83  83  83  THR THR A . n 
A 1 84  CYS 84  84  84  CYS CYS A . n 
A 1 85  ASN 85  85  85  ASN ASN A . n 
A 1 86  SER 86  86  86  SER SER A . n 
A 1 87  LYS 87  87  87  LYS LYS A . n 
A 1 88  ASN 88  88  88  ASN ASN A . n 
A 1 89  ASN 89  89  89  ASN ASN A . n 
A 1 90  ALA 90  90  90  ALA ALA A . n 
A 1 91  CYS 91  91  91  CYS CYS A . n 
A 1 92  GLU 92  92  92  GLU GLU A . n 
A 1 93  ALA 93  93  93  ALA ALA A . n 
A 1 94  PHE 94  94  94  PHE PHE A . n 
A 1 95  ILE 95  95  95  ILE ILE A . n 
A 1 96  CYS 96  96  96  CYS CYS A . n 
A 1 97  ASN 97  97  97  ASN ASN A . n 
A 1 98  CYS 98  98  98  CYS CYS A . n 
A 1 99  ASP 99  99  99  ASP ASP A . n 
A 1 100 ARG 100 100 100 ARG ARG A . n 
A 1 101 ASN 101 101 101 ASN ASN A . n 
A 1 102 ALA 102 102 102 ALA ALA A . n 
A 1 103 ALA 103 103 103 ALA ALA A . n 
A 1 104 ILE 104 104 104 ILE ILE A . n 
A 1 105 CYS 105 105 105 CYS CYS A . n 
A 1 106 PHE 106 106 106 PHE PHE A . n 
A 1 107 SER 107 107 107 SER SER A . n 
A 1 108 LYS 108 108 108 LYS LYS A . n 
A 1 109 ALA 109 109 109 ALA ALA A . n 
A 1 110 PRO 110 110 110 PRO PRO A . n 
A 1 111 TYR 111 111 111 TYR TYR A . n 
A 1 112 ASN 112 112 112 ASN ASN A . n 
A 1 113 LYS 113 113 113 LYS LYS A . n 
A 1 114 GLU 114 114 114 GLU GLU A . n 
A 1 115 HIS 115 115 115 HIS HIS A . n 
A 1 116 LYS 116 116 116 LYS LYS A . n 
A 1 117 ASN 117 117 117 ASN ASN A . n 
A 1 118 LEU 118 118 118 LEU LEU A . n 
A 1 119 ASP 119 119 119 ASP ASP A . n 
A 1 120 THR 120 120 120 THR THR A . n 
A 1 121 LYS 121 121 121 LYS LYS A . n 
A 1 122 LYS 122 122 122 LYS LYS A . n 
A 1 123 TYR 123 123 123 TYR TYR A . n 
A 1 124 CYS 124 124 124 CYS CYS A . n 
# 
loop_
_pdbx_nonpoly_scheme.asym_id 
_pdbx_nonpoly_scheme.entity_id 
_pdbx_nonpoly_scheme.mon_id 
_pdbx_nonpoly_scheme.ndb_seq_num 
_pdbx_nonpoly_scheme.pdb_seq_num 
_pdbx_nonpoly_scheme.auth_seq_num 
_pdbx_nonpoly_scheme.pdb_mon_id 
_pdbx_nonpoly_scheme.auth_mon_id 
_pdbx_nonpoly_scheme.pdb_strand_id 
_pdbx_nonpoly_scheme.pdb_ins_code 
B 2 CA  1   130 130 CA  CA  A . 
C 2 CA  1   131 131 CA  CA  A . 
D 2 CA  1   132 132 CA  CA  A . 
E 3 CL  1   133 133 CL  CL  A . 
F 3 CL  1   134 134 CL  CL  A . 
G 3 CL  1   135 135 CL  CL  A . 
H 3 CL  1   136 136 CL  CL  A . 
I 4 TUD 1   137 137 TUD TUD A . 
J 5 HOH 1   138 1   HOH HOH A . 
J 5 HOH 2   139 2   HOH HOH A . 
J 5 HOH 3   140 3   HOH HOH A . 
J 5 HOH 4   141 4   HOH HOH A . 
J 5 HOH 5   142 5   HOH HOH A . 
J 5 HOH 6   143 6   HOH HOH A . 
J 5 HOH 7   144 7   HOH HOH A . 
J 5 HOH 8   145 8   HOH HOH A . 
J 5 HOH 9   146 9   HOH HOH A . 
J 5 HOH 10  147 10  HOH HOH A . 
J 5 HOH 11  148 11  HOH HOH A . 
J 5 HOH 12  149 12  HOH HOH A . 
J 5 HOH 13  150 13  HOH HOH A . 
J 5 HOH 14  151 14  HOH HOH A . 
J 5 HOH 15  152 15  HOH HOH A . 
J 5 HOH 16  153 16  HOH HOH A . 
J 5 HOH 17  154 17  HOH HOH A . 
J 5 HOH 18  155 18  HOH HOH A . 
J 5 HOH 19  156 19  HOH HOH A . 
J 5 HOH 20  157 20  HOH HOH A . 
J 5 HOH 21  158 21  HOH HOH A . 
J 5 HOH 22  159 22  HOH HOH A . 
J 5 HOH 23  160 23  HOH HOH A . 
J 5 HOH 24  161 24  HOH HOH A . 
J 5 HOH 25  162 25  HOH HOH A . 
J 5 HOH 26  163 26  HOH HOH A . 
J 5 HOH 27  164 27  HOH HOH A . 
J 5 HOH 28  165 28  HOH HOH A . 
J 5 HOH 29  166 29  HOH HOH A . 
J 5 HOH 30  167 32  HOH HOH A . 
J 5 HOH 31  168 33  HOH HOH A . 
J 5 HOH 32  169 34  HOH HOH A . 
J 5 HOH 33  170 35  HOH HOH A . 
J 5 HOH 34  171 36  HOH HOH A . 
J 5 HOH 35  172 37  HOH HOH A . 
J 5 HOH 36  173 38  HOH HOH A . 
J 5 HOH 37  174 39  HOH HOH A . 
J 5 HOH 38  175 40  HOH HOH A . 
J 5 HOH 39  176 41  HOH HOH A . 
J 5 HOH 40  177 42  HOH HOH A . 
J 5 HOH 41  178 43  HOH HOH A . 
J 5 HOH 42  179 44  HOH HOH A . 
J 5 HOH 43  180 45  HOH HOH A . 
J 5 HOH 44  181 47  HOH HOH A . 
J 5 HOH 45  182 48  HOH HOH A . 
J 5 HOH 46  183 50  HOH HOH A . 
J 5 HOH 47  184 51  HOH HOH A . 
J 5 HOH 48  185 52  HOH HOH A . 
J 5 HOH 49  186 53  HOH HOH A . 
J 5 HOH 50  187 54  HOH HOH A . 
J 5 HOH 51  188 55  HOH HOH A . 
J 5 HOH 52  189 56  HOH HOH A . 
J 5 HOH 53  190 58  HOH HOH A . 
J 5 HOH 54  191 59  HOH HOH A . 
J 5 HOH 55  192 61  HOH HOH A . 
J 5 HOH 56  193 62  HOH HOH A . 
J 5 HOH 57  194 63  HOH HOH A . 
J 5 HOH 58  195 65  HOH HOH A . 
J 5 HOH 59  196 67  HOH HOH A . 
J 5 HOH 60  197 68  HOH HOH A . 
J 5 HOH 61  198 69  HOH HOH A . 
J 5 HOH 62  199 70  HOH HOH A . 
J 5 HOH 63  200 71  HOH HOH A . 
J 5 HOH 64  201 72  HOH HOH A . 
J 5 HOH 65  202 73  HOH HOH A . 
J 5 HOH 66  203 74  HOH HOH A . 
J 5 HOH 67  204 75  HOH HOH A . 
J 5 HOH 68  205 77  HOH HOH A . 
J 5 HOH 69  206 78  HOH HOH A . 
J 5 HOH 70  207 79  HOH HOH A . 
J 5 HOH 71  208 80  HOH HOH A . 
J 5 HOH 72  209 81  HOH HOH A . 
J 5 HOH 73  210 82  HOH HOH A . 
J 5 HOH 74  211 83  HOH HOH A . 
J 5 HOH 75  212 84  HOH HOH A . 
J 5 HOH 76  213 85  HOH HOH A . 
J 5 HOH 77  214 86  HOH HOH A . 
J 5 HOH 78  215 88  HOH HOH A . 
J 5 HOH 79  216 90  HOH HOH A . 
J 5 HOH 80  217 91  HOH HOH A . 
J 5 HOH 81  218 92  HOH HOH A . 
J 5 HOH 82  219 93  HOH HOH A . 
J 5 HOH 83  220 95  HOH HOH A . 
J 5 HOH 84  221 96  HOH HOH A . 
J 5 HOH 85  222 97  HOH HOH A . 
J 5 HOH 86  223 98  HOH HOH A . 
J 5 HOH 87  224 101 HOH HOH A . 
J 5 HOH 88  225 102 HOH HOH A . 
J 5 HOH 89  226 103 HOH HOH A . 
J 5 HOH 90  227 104 HOH HOH A . 
J 5 HOH 91  228 105 HOH HOH A . 
J 5 HOH 92  229 106 HOH HOH A . 
J 5 HOH 93  230 107 HOH HOH A . 
J 5 HOH 94  231 108 HOH HOH A . 
J 5 HOH 95  232 110 HOH HOH A . 
J 5 HOH 96  233 111 HOH HOH A . 
J 5 HOH 97  234 112 HOH HOH A . 
J 5 HOH 98  235 113 HOH HOH A . 
J 5 HOH 99  236 114 HOH HOH A . 
J 5 HOH 100 237 115 HOH HOH A . 
J 5 HOH 101 238 116 HOH HOH A . 
J 5 HOH 102 239 117 HOH HOH A . 
J 5 HOH 103 240 118 HOH HOH A . 
J 5 HOH 104 241 119 HOH HOH A . 
J 5 HOH 105 242 120 HOH HOH A . 
J 5 HOH 106 243 121 HOH HOH A . 
J 5 HOH 107 244 122 HOH HOH A . 
J 5 HOH 108 245 123 HOH HOH A . 
J 5 HOH 109 246 124 HOH HOH A . 
J 5 HOH 110 247 125 HOH HOH A . 
J 5 HOH 111 248 126 HOH HOH A . 
J 5 HOH 112 249 127 HOH HOH A . 
J 5 HOH 113 250 128 HOH HOH A . 
J 5 HOH 114 251 129 HOH HOH A . 
# 
loop_
_software.name 
_software.classification 
_software.version 
_software.citation_id 
_software.pdbx_ordinal 
CNS       refinement       1.1 ? 1 
DENZO     'data reduction' .   ? 2 
SCALEPACK 'data scaling'   .   ? 3 
AMoRE     phasing          .   ? 4 
# 
_cell.entry_id           2B01 
_cell.length_a           68.346 
_cell.length_b           68.346 
_cell.length_c           67.070 
_cell.angle_alpha        90.00 
_cell.angle_beta         90.00 
_cell.angle_gamma        120.00 
_cell.Z_PDB              6 
_cell.pdbx_unique_axis   ? 
# 
_symmetry.entry_id                         2B01 
_symmetry.space_group_name_H-M             'P 31 2 1' 
_symmetry.pdbx_full_space_group_name_H-M   ? 
_symmetry.cell_setting                     ? 
_symmetry.Int_Tables_number                152 
_symmetry.space_group_name_Hall            ? 
# 
_exptl.entry_id          2B01 
_exptl.method            'X-RAY DIFFRACTION' 
_exptl.crystals_number   1 
# 
_exptl_crystal.id                    1 
_exptl_crystal.density_meas          ? 
_exptl_crystal.density_Matthews      3.23 
_exptl_crystal.density_percent_sol   61.88 
_exptl_crystal.description           ? 
_exptl_crystal.F_000                 ? 
_exptl_crystal.preparation           ? 
# 
_exptl_crystal_grow.crystal_id      1 
_exptl_crystal_grow.method          'VAPOR DIFFUSION, HANGING DROP' 
_exptl_crystal_grow.temp            298 
_exptl_crystal_grow.temp_details    ? 
_exptl_crystal_grow.pH              7.5 
_exptl_crystal_grow.pdbx_details    '0.2 M Calcium Chloride, 28% PEG 400, pH 7.5, VAPOR DIFFUSION, HANGING DROP, temperature 298K' 
_exptl_crystal_grow.pdbx_pH_range   . 
# 
_diffrn.id                     1 
_diffrn.ambient_temp           93 
_diffrn.ambient_temp_details   ? 
_diffrn.crystal_id             1 
# 
_diffrn_detector.diffrn_id              1 
_diffrn_detector.detector               'IMAGE PLATE' 
_diffrn_detector.type                   'RIGAKU RAXIS IV' 
_diffrn_detector.pdbx_collection_date   2004-03-02 
_diffrn_detector.details                Mirrors 
# 
_diffrn_radiation.diffrn_id                        1 
_diffrn_radiation.wavelength_id                    1 
_diffrn_radiation.pdbx_monochromatic_or_laue_m_l   M 
_diffrn_radiation.monochromator                    'Yale Mirrors' 
_diffrn_radiation.pdbx_diffrn_protocol             'SINGLE WAVELENGTH' 
_diffrn_radiation.pdbx_scattering_type             x-ray 
# 
_diffrn_radiation_wavelength.id           1 
_diffrn_radiation_wavelength.wavelength   1.5418 
_diffrn_radiation_wavelength.wt           1.0 
# 
_diffrn_source.diffrn_id                   1 
_diffrn_source.source                      'ROTATING ANODE' 
_diffrn_source.type                        'RIGAKU RU300' 
_diffrn_source.pdbx_synchrotron_site       ? 
_diffrn_source.pdbx_synchrotron_beamline   ? 
_diffrn_source.pdbx_wavelength             ? 
_diffrn_source.pdbx_wavelength_list        1.5418 
# 
_reflns.entry_id                     2B01 
_reflns.observed_criterion_sigma_I   -3.0 
_reflns.observed_criterion_sigma_F   0.0 
_reflns.d_resolution_low             100 
_reflns.d_resolution_high            2.20 
_reflns.number_obs                   9562 
_reflns.number_all                   ? 
_reflns.percent_possible_obs         99.8 
_reflns.pdbx_Rmerge_I_obs            0.066 
_reflns.pdbx_Rsym_value              0.05 
_reflns.pdbx_netI_over_sigmaI        27 
_reflns.B_iso_Wilson_estimate        26.2 
_reflns.pdbx_redundancy              4 
_reflns.R_free_details               ? 
_reflns.limit_h_max                  ? 
_reflns.limit_h_min                  ? 
_reflns.limit_k_max                  ? 
_reflns.limit_k_min                  ? 
_reflns.limit_l_max                  ? 
_reflns.limit_l_min                  ? 
_reflns.observed_criterion_F_max     ? 
_reflns.observed_criterion_F_min     ? 
_reflns.pdbx_chi_squared             ? 
_reflns.pdbx_scaling_rejects         ? 
_reflns.pdbx_ordinal                 1 
_reflns.pdbx_diffrn_id               1 
# 
_reflns_shell.d_res_high             2.20 
_reflns_shell.d_res_low              2.28 
_reflns_shell.percent_possible_all   99.8 
_reflns_shell.Rmerge_I_obs           0.39 
_reflns_shell.pdbx_Rsym_value        0.317 
_reflns_shell.meanI_over_sigI_obs    3.9 
_reflns_shell.pdbx_redundancy        5 
_reflns_shell.percent_possible_obs   ? 
_reflns_shell.number_unique_all      946 
_reflns_shell.number_measured_all    ? 
_reflns_shell.number_measured_obs    ? 
_reflns_shell.number_unique_obs      ? 
_reflns_shell.pdbx_chi_squared       ? 
_reflns_shell.pdbx_ordinal           1 
_reflns_shell.pdbx_diffrn_id         1 
# 
_refine.entry_id                                 2B01 
_refine.ls_number_reflns_obs                     9071 
_refine.ls_number_reflns_all                     9542 
_refine.pdbx_ls_sigma_I                          ? 
_refine.pdbx_ls_sigma_F                          0.0 
_refine.pdbx_data_cutoff_high_absF               336324.38 
_refine.pdbx_data_cutoff_low_absF                0.000000 
_refine.pdbx_data_cutoff_high_rms_absF           ? 
_refine.ls_d_res_low                             27.08 
_refine.ls_d_res_high                            2.20 
_refine.ls_percent_reflns_obs                    95.1 
_refine.ls_R_factor_obs                          0.203 
_refine.ls_R_factor_all                          0.204 
_refine.ls_R_factor_R_work                       0.203 
_refine.ls_R_factor_R_free                       0.233 
_refine.ls_R_factor_R_free_error                 0.011 
_refine.ls_R_factor_R_free_error_details         ? 
_refine.ls_percent_reflns_R_free                 5.2 
_refine.ls_number_reflns_R_free                  471 
_refine.ls_number_parameters                     ? 
_refine.ls_number_restraints                     ? 
_refine.occupancy_min                            ? 
_refine.occupancy_max                            ? 
_refine.correlation_coeff_Fo_to_Fc               ? 
_refine.correlation_coeff_Fo_to_Fc_free          ? 
_refine.B_iso_mean                               43.0 
_refine.aniso_B[1][1]                            6.72 
_refine.aniso_B[2][2]                            6.72 
_refine.aniso_B[3][3]                            -13.45 
_refine.aniso_B[1][2]                            7.17 
_refine.aniso_B[1][3]                            0.00 
_refine.aniso_B[2][3]                            0.00 
_refine.solvent_model_details                    'FLAT MODEL' 
_refine.solvent_model_param_ksol                 ? 
_refine.solvent_model_param_bsol                 ? 
_refine.pdbx_solvent_vdw_probe_radii             ? 
_refine.pdbx_solvent_ion_probe_radii             ? 
_refine.pdbx_solvent_shrinkage_radii             ? 
_refine.pdbx_ls_cross_valid_method               THROUGHOUT 
_refine.details                                  ? 
_refine.pdbx_starting_model                      'PDB entry 1FXF' 
_refine.pdbx_method_to_determine_struct          'MOLECULAR REPLACEMENT' 
_refine.pdbx_isotropic_thermal_model             RESTRAINED 
_refine.pdbx_stereochemistry_target_values       'Engh & Huber' 
_refine.pdbx_stereochem_target_val_spec_case     ? 
_refine.pdbx_R_Free_selection_details            RANDOM 
_refine.pdbx_overall_ESU_R                       ? 
_refine.pdbx_overall_ESU_R_Free                  ? 
_refine.overall_SU_ML                            ? 
_refine.overall_SU_B                             ? 
_refine.ls_redundancy_reflns_obs                 ? 
_refine.B_iso_min                                ? 
_refine.B_iso_max                                ? 
_refine.overall_SU_R_Cruickshank_DPI             ? 
_refine.overall_SU_R_free                        ? 
_refine.ls_wR_factor_R_free                      ? 
_refine.ls_wR_factor_R_work                      ? 
_refine.overall_FOM_free_R_set                   ? 
_refine.overall_FOM_work_R_set                   ? 
_refine.pdbx_refine_id                           'X-RAY DIFFRACTION' 
_refine.pdbx_diffrn_id                           1 
_refine.pdbx_TLS_residual_ADP_flag               ? 
_refine.pdbx_overall_phase_error                 ? 
_refine.pdbx_overall_SU_R_free_Cruickshank_DPI   ? 
_refine.pdbx_overall_SU_R_Blow_DPI               ? 
_refine.pdbx_overall_SU_R_free_Blow_DPI          ? 
# 
_refine_analyze.entry_id                        2B01 
_refine_analyze.Luzzati_coordinate_error_obs    0.25 
_refine_analyze.Luzzati_sigma_a_obs             0.24 
_refine_analyze.Luzzati_d_res_low_obs           5.00 
_refine_analyze.Luzzati_coordinate_error_free   0.30 
_refine_analyze.Luzzati_sigma_a_free            0.30 
_refine_analyze.Luzzati_d_res_low_free          ? 
_refine_analyze.number_disordered_residues      ? 
_refine_analyze.occupancy_sum_hydrogen          ? 
_refine_analyze.occupancy_sum_non_hydrogen      ? 
_refine_analyze.pdbx_Luzzati_d_res_high_obs     ? 
_refine_analyze.pdbx_refine_id                  'X-RAY DIFFRACTION' 
# 
_refine_hist.pdbx_refine_id                   'X-RAY DIFFRACTION' 
_refine_hist.cycle_id                         LAST 
_refine_hist.pdbx_number_atoms_protein        971 
_refine_hist.pdbx_number_atoms_nucleic_acid   0 
_refine_hist.pdbx_number_atoms_ligand         41 
_refine_hist.number_atoms_solvent             114 
_refine_hist.number_atoms_total               1126 
_refine_hist.d_res_high                       2.20 
_refine_hist.d_res_low                        27.08 
# 
loop_
_refine_ls_restr.type 
_refine_ls_restr.dev_ideal 
_refine_ls_restr.dev_ideal_target 
_refine_ls_restr.weight 
_refine_ls_restr.number 
_refine_ls_restr.pdbx_refine_id 
_refine_ls_restr.pdbx_restraint_function 
c_bond_d           0.005 ? ? ? 'X-RAY DIFFRACTION' ? 
c_angle_deg        1.1   ? ? ? 'X-RAY DIFFRACTION' ? 
c_dihedral_angle_d 21.5  ? ? ? 'X-RAY DIFFRACTION' ? 
c_improper_angle_d 0.79  ? ? ? 'X-RAY DIFFRACTION' ? 
c_mcbond_it        ?     ? ? ? 'X-RAY DIFFRACTION' ? 
c_mcangle_it       ?     ? ? ? 'X-RAY DIFFRACTION' ? 
c_scbond_it        ?     ? ? ? 'X-RAY DIFFRACTION' ? 
c_scangle_it       ?     ? ? ? 'X-RAY DIFFRACTION' ? 
# 
loop_
_pdbx_xplor_file.serial_no 
_pdbx_xplor_file.param_file 
_pdbx_xplor_file.topol_file 
_pdbx_xplor_file.pdbx_refine_id 
1 protein_rep.param protein.top   'X-RAY DIFFRACTION' 
2 water_rep.param   water_rep.top 'X-RAY DIFFRACTION' 
3 ion.param         ion.top       'X-RAY DIFFRACTION' 
4 tcd.par           tcd.top       'X-RAY DIFFRACTION' 
# 
_struct.entry_id                  2B01 
_struct.title                     'Crystal Structure of Porcine Pancreatic Phospholipase A2 in Complex with Taurochenodeoxycholate' 
_struct.pdbx_model_details        ? 
_struct.pdbx_CASP_flag            ? 
_struct.pdbx_model_type_details   ? 
# 
_struct_keywords.entry_id        2B01 
_struct_keywords.pdbx_keywords   HYDROLASE 
_struct_keywords.text            
'Bile Salt, Taurochenodeoxycholate, Carboxylic ester hydrolase, PLA2, Pancreatic Enzyme, HYDROLASE' 
# 
loop_
_struct_asym.id 
_struct_asym.pdbx_blank_PDB_chainid_flag 
_struct_asym.pdbx_modified 
_struct_asym.entity_id 
_struct_asym.details 
A N N 1 ? 
B N N 2 ? 
C N N 2 ? 
D N N 2 ? 
E N N 3 ? 
F N N 3 ? 
G N N 3 ? 
H N N 3 ? 
I N N 4 ? 
J N N 5 ? 
# 
_struct_ref.id                         1 
_struct_ref.db_name                    UNP 
_struct_ref.db_code                    PA21B_PIG 
_struct_ref.pdbx_db_accession          P00592 
_struct_ref.entity_id                  1 
_struct_ref.pdbx_align_begin           23 
_struct_ref.pdbx_db_isoform            ? 
_struct_ref.pdbx_seq_one_letter_code   ? 
# 
_struct_ref_seq.align_id                      1 
_struct_ref_seq.ref_id                        1 
_struct_ref_seq.pdbx_PDB_id_code              2B01 
_struct_ref_seq.pdbx_strand_id                A 
_struct_ref_seq.seq_align_beg                 1 
_struct_ref_seq.pdbx_seq_align_beg_ins_code   ? 
_struct_ref_seq.seq_align_end                 124 
_struct_ref_seq.pdbx_seq_align_end_ins_code   ? 
_struct_ref_seq.pdbx_db_accession             P00592 
_struct_ref_seq.db_align_beg                  23 
_struct_ref_seq.pdbx_db_align_beg_ins_code    ? 
_struct_ref_seq.db_align_end                  146 
_struct_ref_seq.pdbx_db_align_end_ins_code    ? 
_struct_ref_seq.pdbx_auth_seq_align_beg       1 
_struct_ref_seq.pdbx_auth_seq_align_end       124 
# 
loop_
_pdbx_struct_assembly.id 
_pdbx_struct_assembly.details 
_pdbx_struct_assembly.method_details 
_pdbx_struct_assembly.oligomeric_details 
_pdbx_struct_assembly.oligomeric_count 
1 author_and_software_defined_assembly PQS  monomeric 1 
2 software_defined_assembly            PISA dimeric   2 
# 
loop_
_pdbx_struct_assembly_prop.biol_id 
_pdbx_struct_assembly_prop.type 
_pdbx_struct_assembly_prop.value 
_pdbx_struct_assembly_prop.details 
2 'ABSA (A^2)' 4870  ? 
2 MORE         -153  ? 
2 'SSA (A^2)'  13360 ? 
# 
loop_
_pdbx_struct_assembly_gen.assembly_id 
_pdbx_struct_assembly_gen.oper_expression 
_pdbx_struct_assembly_gen.asym_id_list 
1 1   A,B,C,D,E,F,G,H,I,J 
2 1,2 A,B,C,D,E,F,G,H,I,J 
# 
loop_
_pdbx_struct_oper_list.id 
_pdbx_struct_oper_list.type 
_pdbx_struct_oper_list.name 
_pdbx_struct_oper_list.symmetry_operation 
_pdbx_struct_oper_list.matrix[1][1] 
_pdbx_struct_oper_list.matrix[1][2] 
_pdbx_struct_oper_list.matrix[1][3] 
_pdbx_struct_oper_list.vector[1] 
_pdbx_struct_oper_list.matrix[2][1] 
_pdbx_struct_oper_list.matrix[2][2] 
_pdbx_struct_oper_list.matrix[2][3] 
_pdbx_struct_oper_list.vector[2] 
_pdbx_struct_oper_list.matrix[3][1] 
_pdbx_struct_oper_list.matrix[3][2] 
_pdbx_struct_oper_list.matrix[3][3] 
_pdbx_struct_oper_list.vector[3] 
1 'identity operation'         1_555 x,y,z         1.0000000000  0.0000000000  0.0000000000  0.0000000000   0.0000000000  1.0000000000  0.0000000000 0.0000000000  0.0000000000  0.0000000000 1.0000000000 0.0000000000   
2 'crystal symmetry operation' 5_555 x-y,-y,-z+2/3 -0.7848711999 -0.3806593408 -0.4889536439 -22.0179534612 -0.3806593408 -0.3264428859 0.8651783102 13.5486057773 -0.4889536439 0.8651783102 0.1113140858 -20.2352500648 
# 
_struct_biol.id                    1 
_struct_biol.pdbx_parent_biol_id   ? 
_struct_biol.details               ? 
# 
loop_
_struct_conf.conf_type_id 
_struct_conf.id 
_struct_conf.pdbx_PDB_helix_id 
_struct_conf.beg_label_comp_id 
_struct_conf.beg_label_asym_id 
_struct_conf.beg_label_seq_id 
_struct_conf.pdbx_beg_PDB_ins_code 
_struct_conf.end_label_comp_id 
_struct_conf.end_label_asym_id 
_struct_conf.end_label_seq_id 
_struct_conf.pdbx_end_PDB_ins_code 
_struct_conf.beg_auth_comp_id 
_struct_conf.beg_auth_asym_id 
_struct_conf.beg_auth_seq_id 
_struct_conf.end_auth_comp_id 
_struct_conf.end_auth_asym_id 
_struct_conf.end_auth_seq_id 
_struct_conf.pdbx_PDB_helix_class 
_struct_conf.details 
_struct_conf.pdbx_PDB_helix_length 
HELX_P HELX_P1 1 ALA A 1   ? ILE A 13  ? ALA A 1   ILE A 13  1 ? 13 
HELX_P HELX_P2 2 ASP A 39  ? ASN A 57  ? ASP A 39  ASN A 57  1 ? 19 
HELX_P HELX_P3 3 PHE A 63  ? GLU A 71  ? PHE A 63  GLU A 71  5 ? 9  
HELX_P HELX_P4 4 ASN A 89  ? SER A 107 ? ASN A 89  SER A 107 1 ? 19 
HELX_P HELX_P5 5 ASN A 112 ? LYS A 116 ? ASN A 112 LYS A 116 5 ? 5  
HELX_P HELX_P6 6 ASP A 119 ? CYS A 124 ? ASP A 119 CYS A 124 1 ? 6  
# 
_struct_conf_type.id          HELX_P 
_struct_conf_type.criteria    ? 
_struct_conf_type.reference   ? 
# 
loop_
_struct_conn.id 
_struct_conn.conn_type_id 
_struct_conn.pdbx_leaving_atom_flag 
_struct_conn.pdbx_PDB_id 
_struct_conn.ptnr1_label_asym_id 
_struct_conn.ptnr1_label_comp_id 
_struct_conn.ptnr1_label_seq_id 
_struct_conn.ptnr1_label_atom_id 
_struct_conn.pdbx_ptnr1_label_alt_id 
_struct_conn.pdbx_ptnr1_PDB_ins_code 
_struct_conn.pdbx_ptnr1_standard_comp_id 
_struct_conn.ptnr1_symmetry 
_struct_conn.ptnr2_label_asym_id 
_struct_conn.ptnr2_label_comp_id 
_struct_conn.ptnr2_label_seq_id 
_struct_conn.ptnr2_label_atom_id 
_struct_conn.pdbx_ptnr2_label_alt_id 
_struct_conn.pdbx_ptnr2_PDB_ins_code 
_struct_conn.ptnr1_auth_asym_id 
_struct_conn.ptnr1_auth_comp_id 
_struct_conn.ptnr1_auth_seq_id 
_struct_conn.ptnr2_auth_asym_id 
_struct_conn.ptnr2_auth_comp_id 
_struct_conn.ptnr2_auth_seq_id 
_struct_conn.ptnr2_symmetry 
_struct_conn.pdbx_ptnr3_label_atom_id 
_struct_conn.pdbx_ptnr3_label_seq_id 
_struct_conn.pdbx_ptnr3_label_comp_id 
_struct_conn.pdbx_ptnr3_label_asym_id 
_struct_conn.pdbx_ptnr3_label_alt_id 
_struct_conn.pdbx_ptnr3_PDB_ins_code 
_struct_conn.details 
_struct_conn.pdbx_dist_value 
_struct_conn.pdbx_value_order 
_struct_conn.pdbx_role 
disulf1  disulf ? ? A CYS 11 SG  ? ? ? 1_555 A CYS 77  SG ? ? A CYS 11  A CYS 77  1_555 ? ? ? ? ? ? ? 2.029 ? ? 
disulf2  disulf ? ? A CYS 27 SG  ? ? ? 1_555 A CYS 124 SG ? ? A CYS 27  A CYS 124 1_555 ? ? ? ? ? ? ? 2.019 ? ? 
disulf3  disulf ? ? A CYS 29 SG  ? ? ? 1_555 A CYS 45  SG ? ? A CYS 29  A CYS 45  1_555 ? ? ? ? ? ? ? 2.029 ? ? 
disulf4  disulf ? ? A CYS 44 SG  ? ? ? 1_555 A CYS 105 SG ? ? A CYS 44  A CYS 105 1_555 ? ? ? ? ? ? ? 2.027 ? ? 
disulf5  disulf ? ? A CYS 51 SG  ? ? ? 1_555 A CYS 98  SG ? ? A CYS 51  A CYS 98  1_555 ? ? ? ? ? ? ? 2.024 ? ? 
disulf6  disulf ? ? A CYS 61 SG  ? ? ? 1_555 A CYS 91  SG ? ? A CYS 61  A CYS 91  1_555 ? ? ? ? ? ? ? 2.022 ? ? 
disulf7  disulf ? ? A CYS 84 SG  ? ? ? 1_555 A CYS 96  SG ? ? A CYS 84  A CYS 96  1_555 ? ? ? ? ? ? ? 2.031 ? ? 
metalc1  metalc ? ? A TYR 28 O   ? ? ? 1_555 B CA  .   CA ? ? A TYR 28  A CA  130 1_555 ? ? ? ? ? ? ? 2.327 ? ? 
metalc2  metalc ? ? A GLY 30 O   ? ? ? 1_555 B CA  .   CA ? ? A GLY 30  A CA  130 1_555 ? ? ? ? ? ? ? 2.318 ? ? 
metalc3  metalc ? ? A GLY 32 O   ? ? ? 1_555 B CA  .   CA ? ? A GLY 32  A CA  130 1_555 ? ? ? ? ? ? ? 2.374 ? ? 
metalc4  metalc ? ? A ASP 49 OD1 ? ? ? 1_555 B CA  .   CA ? ? A ASP 49  A CA  130 1_555 ? ? ? ? ? ? ? 2.295 ? ? 
metalc5  metalc ? ? A ASP 49 OD2 ? ? ? 1_555 B CA  .   CA ? ? A ASP 49  A CA  130 1_555 ? ? ? ? ? ? ? 2.620 ? ? 
metalc6  metalc ? ? A LYS 62 O   ? ? ? 1_555 D CA  .   CA ? ? A LYS 62  A CA  132 1_555 ? ? ? ? ? ? ? 2.250 ? ? 
metalc7  metalc ? ? A LYS 62 O   ? ? ? 5_555 D CA  .   CA ? ? A LYS 62  A CA  132 1_555 ? ? ? ? ? ? ? 2.242 ? ? 
metalc8  metalc ? ? A GLU 71 OE1 ? ? ? 1_555 C CA  .   CA ? ? A GLU 71  A CA  131 1_555 ? ? ? ? ? ? ? 2.299 ? ? 
metalc9  metalc ? ? A GLU 71 OE1 ? ? ? 5_555 C CA  .   CA ? ? A GLU 71  A CA  131 1_555 ? ? ? ? ? ? ? 2.307 ? ? 
metalc10 metalc ? ? A SER 72 O   ? ? ? 1_555 C CA  .   CA ? ? A SER 72  A CA  131 1_555 ? ? ? ? ? ? ? 2.433 ? ? 
metalc11 metalc ? ? A SER 72 O   ? ? ? 5_555 C CA  .   CA ? ? A SER 72  A CA  131 1_555 ? ? ? ? ? ? ? 2.444 ? ? 
metalc12 metalc ? ? A GLU 92 OE1 ? ? ? 1_555 C CA  .   CA ? ? A GLU 92  A CA  131 1_555 ? ? ? ? ? ? ? 2.317 ? ? 
metalc13 metalc ? ? A GLU 92 OE1 ? ? ? 5_555 C CA  .   CA ? ? A GLU 92  A CA  131 1_555 ? ? ? ? ? ? ? 2.331 ? ? 
metalc14 metalc ? ? B CA  .  CA  ? ? ? 1_555 J HOH .   O  ? ? A CA  130 A HOH 156 1_555 ? ? ? ? ? ? ? 2.465 ? ? 
metalc15 metalc ? ? B CA  .  CA  ? ? ? 1_555 J HOH .   O  ? ? A CA  130 A HOH 213 1_555 ? ? ? ? ? ? ? 2.254 ? ? 
metalc16 metalc ? ? D CA  .  CA  ? ? ? 1_555 F CL  .   CL ? ? A CA  132 A CL  134 1_555 ? ? ? ? ? ? ? 3.035 ? ? 
metalc17 metalc ? ? D CA  .  CA  ? ? ? 1_555 F CL  .   CL ? ? A CA  132 A CL  134 5_555 ? ? ? ? ? ? ? 3.010 ? ? 
metalc18 metalc ? ? D CA  .  CA  ? ? ? 1_555 G CL  .   CL ? ? A CA  132 A CL  135 1_555 ? ? ? ? ? ? ? 2.603 ? ? 
metalc19 metalc ? ? D CA  .  CA  ? ? ? 1_555 G CL  .   CL ? ? A CA  132 A CL  135 5_555 ? ? ? ? ? ? ? 2.603 ? ? 
metalc20 metalc ? ? D CA  .  CA  ? ? ? 1_555 J HOH .   O  ? ? A CA  132 A HOH 138 1_555 ? ? ? ? ? ? ? 2.860 ? ? 
metalc21 metalc ? ? D CA  .  CA  ? ? ? 1_555 J HOH .   O  ? ? A CA  132 A HOH 138 5_555 ? ? ? ? ? ? ? 2.837 ? ? 
# 
loop_
_struct_conn_type.id 
_struct_conn_type.criteria 
_struct_conn_type.reference 
disulf ? ? 
metalc ? ? 
# 
loop_
_pdbx_struct_conn_angle.id 
_pdbx_struct_conn_angle.ptnr1_label_atom_id 
_pdbx_struct_conn_angle.ptnr1_label_alt_id 
_pdbx_struct_conn_angle.ptnr1_label_asym_id 
_pdbx_struct_conn_angle.ptnr1_label_comp_id 
_pdbx_struct_conn_angle.ptnr1_label_seq_id 
_pdbx_struct_conn_angle.ptnr1_auth_atom_id 
_pdbx_struct_conn_angle.ptnr1_auth_asym_id 
_pdbx_struct_conn_angle.ptnr1_auth_comp_id 
_pdbx_struct_conn_angle.ptnr1_auth_seq_id 
_pdbx_struct_conn_angle.ptnr1_PDB_ins_code 
_pdbx_struct_conn_angle.ptnr1_symmetry 
_pdbx_struct_conn_angle.ptnr2_label_atom_id 
_pdbx_struct_conn_angle.ptnr2_label_alt_id 
_pdbx_struct_conn_angle.ptnr2_label_asym_id 
_pdbx_struct_conn_angle.ptnr2_label_comp_id 
_pdbx_struct_conn_angle.ptnr2_label_seq_id 
_pdbx_struct_conn_angle.ptnr2_auth_atom_id 
_pdbx_struct_conn_angle.ptnr2_auth_asym_id 
_pdbx_struct_conn_angle.ptnr2_auth_comp_id 
_pdbx_struct_conn_angle.ptnr2_auth_seq_id 
_pdbx_struct_conn_angle.ptnr2_PDB_ins_code 
_pdbx_struct_conn_angle.ptnr2_symmetry 
_pdbx_struct_conn_angle.ptnr3_label_atom_id 
_pdbx_struct_conn_angle.ptnr3_label_alt_id 
_pdbx_struct_conn_angle.ptnr3_label_asym_id 
_pdbx_struct_conn_angle.ptnr3_label_comp_id 
_pdbx_struct_conn_angle.ptnr3_label_seq_id 
_pdbx_struct_conn_angle.ptnr3_auth_atom_id 
_pdbx_struct_conn_angle.ptnr3_auth_asym_id 
_pdbx_struct_conn_angle.ptnr3_auth_comp_id 
_pdbx_struct_conn_angle.ptnr3_auth_seq_id 
_pdbx_struct_conn_angle.ptnr3_PDB_ins_code 
_pdbx_struct_conn_angle.ptnr3_symmetry 
_pdbx_struct_conn_angle.value 
_pdbx_struct_conn_angle.value_esd 
1  O   ? A TYR 28 ? A TYR 28  ? 1_555 CA ? B CA . ? A CA 130 ? 1_555 O   ? A GLY 30 ? A GLY 30  ? 1_555 88.8  ? 
2  O   ? A TYR 28 ? A TYR 28  ? 1_555 CA ? B CA . ? A CA 130 ? 1_555 O   ? A GLY 32 ? A GLY 32  ? 1_555 91.5  ? 
3  O   ? A GLY 30 ? A GLY 30  ? 1_555 CA ? B CA . ? A CA 130 ? 1_555 O   ? A GLY 32 ? A GLY 32  ? 1_555 81.0  ? 
4  O   ? A TYR 28 ? A TYR 28  ? 1_555 CA ? B CA . ? A CA 130 ? 1_555 OD1 ? A ASP 49 ? A ASP 49  ? 1_555 100.0 ? 
5  O   ? A GLY 30 ? A GLY 30  ? 1_555 CA ? B CA . ? A CA 130 ? 1_555 OD1 ? A ASP 49 ? A ASP 49  ? 1_555 158.0 ? 
6  O   ? A GLY 32 ? A GLY 32  ? 1_555 CA ? B CA . ? A CA 130 ? 1_555 OD1 ? A ASP 49 ? A ASP 49  ? 1_555 78.6  ? 
7  O   ? A TYR 28 ? A TYR 28  ? 1_555 CA ? B CA . ? A CA 130 ? 1_555 OD2 ? A ASP 49 ? A ASP 49  ? 1_555 105.9 ? 
8  O   ? A GLY 30 ? A GLY 30  ? 1_555 CA ? B CA . ? A CA 130 ? 1_555 OD2 ? A ASP 49 ? A ASP 49  ? 1_555 144.2 ? 
9  O   ? A GLY 32 ? A GLY 32  ? 1_555 CA ? B CA . ? A CA 130 ? 1_555 OD2 ? A ASP 49 ? A ASP 49  ? 1_555 129.7 ? 
10 OD1 ? A ASP 49 ? A ASP 49  ? 1_555 CA ? B CA . ? A CA 130 ? 1_555 OD2 ? A ASP 49 ? A ASP 49  ? 1_555 52.3  ? 
11 O   ? A TYR 28 ? A TYR 28  ? 1_555 CA ? B CA . ? A CA 130 ? 1_555 O   ? J HOH .  ? A HOH 156 ? 1_555 76.8  ? 
12 O   ? A GLY 30 ? A GLY 30  ? 1_555 CA ? B CA . ? A CA 130 ? 1_555 O   ? J HOH .  ? A HOH 156 ? 1_555 71.0  ? 
13 O   ? A GLY 32 ? A GLY 32  ? 1_555 CA ? B CA . ? A CA 130 ? 1_555 O   ? J HOH .  ? A HOH 156 ? 1_555 149.6 ? 
14 OD1 ? A ASP 49 ? A ASP 49  ? 1_555 CA ? B CA . ? A CA 130 ? 1_555 O   ? J HOH .  ? A HOH 156 ? 1_555 130.6 ? 
15 OD2 ? A ASP 49 ? A ASP 49  ? 1_555 CA ? B CA . ? A CA 130 ? 1_555 O   ? J HOH .  ? A HOH 156 ? 1_555 80.7  ? 
16 O   ? A TYR 28 ? A TYR 28  ? 1_555 CA ? B CA . ? A CA 130 ? 1_555 O   ? J HOH .  ? A HOH 213 ? 1_555 173.1 ? 
17 O   ? A GLY 30 ? A GLY 30  ? 1_555 CA ? B CA . ? A CA 130 ? 1_555 O   ? J HOH .  ? A HOH 213 ? 1_555 87.3  ? 
18 O   ? A GLY 32 ? A GLY 32  ? 1_555 CA ? B CA . ? A CA 130 ? 1_555 O   ? J HOH .  ? A HOH 213 ? 1_555 93.4  ? 
19 OD1 ? A ASP 49 ? A ASP 49  ? 1_555 CA ? B CA . ? A CA 130 ? 1_555 O   ? J HOH .  ? A HOH 213 ? 1_555 85.7  ? 
20 OD2 ? A ASP 49 ? A ASP 49  ? 1_555 CA ? B CA . ? A CA 130 ? 1_555 O   ? J HOH .  ? A HOH 213 ? 1_555 74.4  ? 
21 O   ? J HOH .  ? A HOH 156 ? 1_555 CA ? B CA . ? A CA 130 ? 1_555 O   ? J HOH .  ? A HOH 213 ? 1_555 96.6  ? 
22 O   ? A LYS 62 ? A LYS 62  ? 1_555 CA ? D CA . ? A CA 132 ? 1_555 O   ? A LYS 62 ? A LYS 62  ? 5_555 178.4 ? 
23 O   ? A LYS 62 ? A LYS 62  ? 1_555 CA ? D CA . ? A CA 132 ? 1_555 CL  ? F CL  .  ? A CL  134 ? 1_555 87.2  ? 
24 O   ? A LYS 62 ? A LYS 62  ? 5_555 CA ? D CA . ? A CA 132 ? 1_555 CL  ? F CL  .  ? A CL  134 ? 1_555 92.8  ? 
25 O   ? A LYS 62 ? A LYS 62  ? 1_555 CA ? D CA . ? A CA 132 ? 1_555 CL  ? F CL  .  ? A CL  134 ? 5_555 93.3  ? 
26 O   ? A LYS 62 ? A LYS 62  ? 5_555 CA ? D CA . ? A CA 132 ? 1_555 CL  ? F CL  .  ? A CL  134 ? 5_555 87.9  ? 
27 CL  ? F CL  .  ? A CL  134 ? 1_555 CA ? D CA . ? A CA 132 ? 1_555 CL  ? F CL  .  ? A CL  134 ? 5_555 128.5 ? 
28 O   ? A LYS 62 ? A LYS 62  ? 1_555 CA ? D CA . ? A CA 132 ? 1_555 CL  ? G CL  .  ? A CL  135 ? 1_555 90.1  ? 
29 O   ? A LYS 62 ? A LYS 62  ? 5_555 CA ? D CA . ? A CA 132 ? 1_555 CL  ? G CL  .  ? A CL  135 ? 1_555 88.5  ? 
30 CL  ? F CL  .  ? A CL  134 ? 1_555 CA ? D CA . ? A CA 132 ? 1_555 CL  ? G CL  .  ? A CL  135 ? 1_555 115.1 ? 
31 CL  ? F CL  .  ? A CL  134 ? 5_555 CA ? D CA . ? A CA 132 ? 1_555 CL  ? G CL  .  ? A CL  135 ? 1_555 116.4 ? 
32 O   ? A LYS 62 ? A LYS 62  ? 1_555 CA ? D CA . ? A CA 132 ? 1_555 CL  ? G CL  .  ? A CL  135 ? 5_555 88.3  ? 
33 O   ? A LYS 62 ? A LYS 62  ? 5_555 CA ? D CA . ? A CA 132 ? 1_555 CL  ? G CL  .  ? A CL  135 ? 5_555 90.2  ? 
34 CL  ? F CL  .  ? A CL  134 ? 1_555 CA ? D CA . ? A CA 132 ? 1_555 CL  ? G CL  .  ? A CL  135 ? 5_555 115.5 ? 
35 CL  ? F CL  .  ? A CL  134 ? 5_555 CA ? D CA . ? A CA 132 ? 1_555 CL  ? G CL  .  ? A CL  135 ? 5_555 116.0 ? 
36 CL  ? G CL  .  ? A CL  135 ? 1_555 CA ? D CA . ? A CA 132 ? 1_555 CL  ? G CL  .  ? A CL  135 ? 5_555 1.8   ? 
37 O   ? A LYS 62 ? A LYS 62  ? 1_555 CA ? D CA . ? A CA 132 ? 1_555 O   ? J HOH .  ? A HOH 138 ? 1_555 91.2  ? 
38 O   ? A LYS 62 ? A LYS 62  ? 5_555 CA ? D CA . ? A CA 132 ? 1_555 O   ? J HOH .  ? A HOH 138 ? 1_555 87.5  ? 
39 CL  ? F CL  .  ? A CL  134 ? 1_555 CA ? D CA . ? A CA 132 ? 1_555 O   ? J HOH .  ? A HOH 138 ? 1_555 54.6  ? 
40 CL  ? F CL  .  ? A CL  134 ? 5_555 CA ? D CA . ? A CA 132 ? 1_555 O   ? J HOH .  ? A HOH 138 ? 1_555 174.6 ? 
41 CL  ? G CL  .  ? A CL  135 ? 1_555 CA ? D CA . ? A CA 132 ? 1_555 O   ? J HOH .  ? A HOH 138 ? 1_555 60.7  ? 
42 CL  ? G CL  .  ? A CL  135 ? 5_555 CA ? D CA . ? A CA 132 ? 1_555 O   ? J HOH .  ? A HOH 138 ? 1_555 61.3  ? 
43 O   ? A LYS 62 ? A LYS 62  ? 1_555 CA ? D CA . ? A CA 132 ? 1_555 O   ? J HOH .  ? A HOH 138 ? 5_555 87.9  ? 
44 O   ? A LYS 62 ? A LYS 62  ? 5_555 CA ? D CA . ? A CA 132 ? 1_555 O   ? J HOH .  ? A HOH 138 ? 5_555 92.0  ? 
45 CL  ? F CL  .  ? A CL  134 ? 1_555 CA ? D CA . ? A CA 132 ? 1_555 O   ? J HOH .  ? A HOH 138 ? 5_555 174.1 ? 
46 CL  ? F CL  .  ? A CL  134 ? 5_555 CA ? D CA . ? A CA 132 ? 1_555 O   ? J HOH .  ? A HOH 138 ? 5_555 55.0  ? 
47 CL  ? G CL  .  ? A CL  135 ? 1_555 CA ? D CA . ? A CA 132 ? 1_555 O   ? J HOH .  ? A HOH 138 ? 5_555 61.6  ? 
48 CL  ? G CL  .  ? A CL  135 ? 5_555 CA ? D CA . ? A CA 132 ? 1_555 O   ? J HOH .  ? A HOH 138 ? 5_555 61.1  ? 
49 O   ? J HOH .  ? A HOH 138 ? 1_555 CA ? D CA . ? A CA 132 ? 1_555 O   ? J HOH .  ? A HOH 138 ? 5_555 122.4 ? 
50 OE1 ? A GLU 71 ? A GLU 71  ? 1_555 CA ? C CA . ? A CA 131 ? 1_555 OE1 ? A GLU 71 ? A GLU 71  ? 5_555 93.3  ? 
51 OE1 ? A GLU 71 ? A GLU 71  ? 1_555 CA ? C CA . ? A CA 131 ? 1_555 O   ? A SER 72 ? A SER 72  ? 1_555 87.7  ? 
52 OE1 ? A GLU 71 ? A GLU 71  ? 5_555 CA ? C CA . ? A CA 131 ? 1_555 O   ? A SER 72 ? A SER 72  ? 1_555 167.4 ? 
53 OE1 ? A GLU 71 ? A GLU 71  ? 1_555 CA ? C CA . ? A CA 131 ? 1_555 O   ? A SER 72 ? A SER 72  ? 5_555 166.7 ? 
54 OE1 ? A GLU 71 ? A GLU 71  ? 5_555 CA ? C CA . ? A CA 131 ? 1_555 O   ? A SER 72 ? A SER 72  ? 5_555 87.3  ? 
55 O   ? A SER 72 ? A SER 72  ? 1_555 CA ? C CA . ? A CA 131 ? 1_555 O   ? A SER 72 ? A SER 72  ? 5_555 94.6  ? 
56 OE1 ? A GLU 71 ? A GLU 71  ? 1_555 CA ? C CA . ? A CA 131 ? 1_555 OE1 ? A GLU 92 ? A GLU 92  ? 1_555 97.9  ? 
57 OE1 ? A GLU 71 ? A GLU 71  ? 5_555 CA ? C CA . ? A CA 131 ? 1_555 OE1 ? A GLU 92 ? A GLU 92  ? 1_555 84.8  ? 
58 O   ? A SER 72 ? A SER 72  ? 1_555 CA ? C CA . ? A CA 131 ? 1_555 OE1 ? A GLU 92 ? A GLU 92  ? 1_555 82.6  ? 
59 O   ? A SER 72 ? A SER 72  ? 5_555 CA ? C CA . ? A CA 131 ? 1_555 OE1 ? A GLU 92 ? A GLU 92  ? 1_555 95.4  ? 
60 OE1 ? A GLU 71 ? A GLU 71  ? 1_555 CA ? C CA . ? A CA 131 ? 1_555 OE1 ? A GLU 92 ? A GLU 92  ? 5_555 84.7  ? 
61 OE1 ? A GLU 71 ? A GLU 71  ? 5_555 CA ? C CA . ? A CA 131 ? 1_555 OE1 ? A GLU 92 ? A GLU 92  ? 5_555 97.3  ? 
62 O   ? A SER 72 ? A SER 72  ? 1_555 CA ? C CA . ? A CA 131 ? 1_555 OE1 ? A GLU 92 ? A GLU 92  ? 5_555 95.3  ? 
63 O   ? A SER 72 ? A SER 72  ? 5_555 CA ? C CA . ? A CA 131 ? 1_555 OE1 ? A GLU 92 ? A GLU 92  ? 5_555 82.1  ? 
64 OE1 ? A GLU 92 ? A GLU 92  ? 1_555 CA ? C CA . ? A CA 131 ? 1_555 OE1 ? A GLU 92 ? A GLU 92  ? 5_555 176.6 ? 
# 
loop_
_pdbx_modification_feature.ordinal 
_pdbx_modification_feature.label_comp_id 
_pdbx_modification_feature.label_asym_id 
_pdbx_modification_feature.label_seq_id 
_pdbx_modification_feature.label_alt_id 
_pdbx_modification_feature.modified_residue_label_comp_id 
_pdbx_modification_feature.modified_residue_label_asym_id 
_pdbx_modification_feature.modified_residue_label_seq_id 
_pdbx_modification_feature.modified_residue_label_alt_id 
_pdbx_modification_feature.auth_comp_id 
_pdbx_modification_feature.auth_asym_id 
_pdbx_modification_feature.auth_seq_id 
_pdbx_modification_feature.PDB_ins_code 
_pdbx_modification_feature.symmetry 
_pdbx_modification_feature.modified_residue_auth_comp_id 
_pdbx_modification_feature.modified_residue_auth_asym_id 
_pdbx_modification_feature.modified_residue_auth_seq_id 
_pdbx_modification_feature.modified_residue_PDB_ins_code 
_pdbx_modification_feature.modified_residue_symmetry 
_pdbx_modification_feature.comp_id_linking_atom 
_pdbx_modification_feature.modified_residue_id_linking_atom 
_pdbx_modification_feature.modified_residue_id 
_pdbx_modification_feature.ref_pcm_id 
_pdbx_modification_feature.ref_comp_id 
_pdbx_modification_feature.type 
_pdbx_modification_feature.category 
1 CYS A 11 ? CYS A 77  ? CYS A 11 ? 1_555 CYS A 77  ? 1_555 SG SG . . . None 'Disulfide bridge' 
2 CYS A 27 ? CYS A 124 ? CYS A 27 ? 1_555 CYS A 124 ? 1_555 SG SG . . . None 'Disulfide bridge' 
3 CYS A 29 ? CYS A 45  ? CYS A 29 ? 1_555 CYS A 45  ? 1_555 SG SG . . . None 'Disulfide bridge' 
4 CYS A 44 ? CYS A 105 ? CYS A 44 ? 1_555 CYS A 105 ? 1_555 SG SG . . . None 'Disulfide bridge' 
5 CYS A 51 ? CYS A 98  ? CYS A 51 ? 1_555 CYS A 98  ? 1_555 SG SG . . . None 'Disulfide bridge' 
6 CYS A 61 ? CYS A 91  ? CYS A 61 ? 1_555 CYS A 91  ? 1_555 SG SG . . . None 'Disulfide bridge' 
7 CYS A 84 ? CYS A 96  ? CYS A 84 ? 1_555 CYS A 96  ? 1_555 SG SG . . . None 'Disulfide bridge' 
# 
_struct_sheet.id               A 
_struct_sheet.type             ? 
_struct_sheet.number_strands   2 
_struct_sheet.details          ? 
# 
_struct_sheet_order.sheet_id     A 
_struct_sheet_order.range_id_1   1 
_struct_sheet_order.range_id_2   2 
_struct_sheet_order.offset       ? 
_struct_sheet_order.sense        anti-parallel 
# 
loop_
_struct_sheet_range.sheet_id 
_struct_sheet_range.id 
_struct_sheet_range.beg_label_comp_id 
_struct_sheet_range.beg_label_asym_id 
_struct_sheet_range.beg_label_seq_id 
_struct_sheet_range.pdbx_beg_PDB_ins_code 
_struct_sheet_range.end_label_comp_id 
_struct_sheet_range.end_label_asym_id 
_struct_sheet_range.end_label_seq_id 
_struct_sheet_range.pdbx_end_PDB_ins_code 
_struct_sheet_range.beg_auth_comp_id 
_struct_sheet_range.beg_auth_asym_id 
_struct_sheet_range.beg_auth_seq_id 
_struct_sheet_range.end_auth_comp_id 
_struct_sheet_range.end_auth_asym_id 
_struct_sheet_range.end_auth_seq_id 
A 1 TYR A 75 ? CYS A 77 ? TYR A 75 CYS A 77 
A 2 ILE A 82 ? CYS A 84 ? ILE A 82 CYS A 84 
# 
_pdbx_struct_sheet_hbond.sheet_id                A 
_pdbx_struct_sheet_hbond.range_id_1              1 
_pdbx_struct_sheet_hbond.range_id_2              2 
_pdbx_struct_sheet_hbond.range_1_label_atom_id   N 
_pdbx_struct_sheet_hbond.range_1_label_comp_id   SER 
_pdbx_struct_sheet_hbond.range_1_label_asym_id   A 
_pdbx_struct_sheet_hbond.range_1_label_seq_id    76 
_pdbx_struct_sheet_hbond.range_1_PDB_ins_code    ? 
_pdbx_struct_sheet_hbond.range_1_auth_atom_id    N 
_pdbx_struct_sheet_hbond.range_1_auth_comp_id    SER 
_pdbx_struct_sheet_hbond.range_1_auth_asym_id    A 
_pdbx_struct_sheet_hbond.range_1_auth_seq_id     76 
_pdbx_struct_sheet_hbond.range_2_label_atom_id   O 
_pdbx_struct_sheet_hbond.range_2_label_comp_id   THR 
_pdbx_struct_sheet_hbond.range_2_label_asym_id   A 
_pdbx_struct_sheet_hbond.range_2_label_seq_id    83 
_pdbx_struct_sheet_hbond.range_2_PDB_ins_code    ? 
_pdbx_struct_sheet_hbond.range_2_auth_atom_id    O 
_pdbx_struct_sheet_hbond.range_2_auth_comp_id    THR 
_pdbx_struct_sheet_hbond.range_2_auth_asym_id    A 
_pdbx_struct_sheet_hbond.range_2_auth_seq_id     83 
# 
loop_
_struct_site.id 
_struct_site.pdbx_evidence_code 
_struct_site.pdbx_auth_asym_id 
_struct_site.pdbx_auth_comp_id 
_struct_site.pdbx_auth_seq_id 
_struct_site.pdbx_auth_ins_code 
_struct_site.pdbx_num_residues 
_struct_site.details 
AC1 Software A CA  130 ? 6  'BINDING SITE FOR RESIDUE CA A 130'  
AC2 Software A CA  131 ? 6  'BINDING SITE FOR RESIDUE CA A 131'  
AC3 Software A CA  132 ? 8  'BINDING SITE FOR RESIDUE CA A 132'  
AC4 Software A CL  133 ? 4  'BINDING SITE FOR RESIDUE CL A 133'  
AC5 Software A CL  134 ? 5  'BINDING SITE FOR RESIDUE CL A 134'  
AC6 Software A CL  135 ? 6  'BINDING SITE FOR RESIDUE CL A 135'  
AC7 Software A CL  136 ? 5  'BINDING SITE FOR RESIDUE CL A 136'  
AC8 Software A TUD 137 ? 12 'BINDING SITE FOR RESIDUE TUD A 137' 
# 
loop_
_struct_site_gen.id 
_struct_site_gen.site_id 
_struct_site_gen.pdbx_num_res 
_struct_site_gen.label_comp_id 
_struct_site_gen.label_asym_id 
_struct_site_gen.label_seq_id 
_struct_site_gen.pdbx_auth_ins_code 
_struct_site_gen.auth_comp_id 
_struct_site_gen.auth_asym_id 
_struct_site_gen.auth_seq_id 
_struct_site_gen.label_atom_id 
_struct_site_gen.label_alt_id 
_struct_site_gen.symmetry 
_struct_site_gen.details 
1  AC1 6  TYR A 28  ? TYR A 28  . ? 1_555 ? 
2  AC1 6  GLY A 30  ? GLY A 30  . ? 1_555 ? 
3  AC1 6  GLY A 32  ? GLY A 32  . ? 1_555 ? 
4  AC1 6  ASP A 49  ? ASP A 49  . ? 1_555 ? 
5  AC1 6  HOH J .   ? HOH A 156 . ? 1_555 ? 
6  AC1 6  HOH J .   ? HOH A 213 . ? 1_555 ? 
7  AC2 6  GLU A 71  ? GLU A 71  . ? 1_555 ? 
8  AC2 6  GLU A 71  ? GLU A 71  . ? 5_555 ? 
9  AC2 6  SER A 72  ? SER A 72  . ? 5_555 ? 
10 AC2 6  SER A 72  ? SER A 72  . ? 1_555 ? 
11 AC2 6  GLU A 92  ? GLU A 92  . ? 5_555 ? 
12 AC2 6  GLU A 92  ? GLU A 92  . ? 1_555 ? 
13 AC3 8  LYS A 62  ? LYS A 62  . ? 5_555 ? 
14 AC3 8  LYS A 62  ? LYS A 62  . ? 1_555 ? 
15 AC3 8  CL  F .   ? CL  A 134 . ? 5_555 ? 
16 AC3 8  CL  F .   ? CL  A 134 . ? 1_555 ? 
17 AC3 8  CL  G .   ? CL  A 135 . ? 5_555 ? 
18 AC3 8  CL  G .   ? CL  A 135 . ? 1_555 ? 
19 AC3 8  HOH J .   ? HOH A 138 . ? 5_555 ? 
20 AC3 8  HOH J .   ? HOH A 138 . ? 1_555 ? 
21 AC4 4  GLY A 30  ? GLY A 30  . ? 1_555 ? 
22 AC4 4  ARG A 43  ? ARG A 43  . ? 2_655 ? 
23 AC4 4  TYR A 69  ? TYR A 69  . ? 1_555 ? 
24 AC4 4  HOH J .   ? HOH A 156 . ? 1_555 ? 
25 AC5 5  LYS A 62  ? LYS A 62  . ? 1_555 ? 
26 AC5 5  LYS A 62  ? LYS A 62  . ? 5_555 ? 
27 AC5 5  CA  D .   ? CA  A 132 . ? 5_555 ? 
28 AC5 5  CA  D .   ? CA  A 132 . ? 1_555 ? 
29 AC5 5  HOH J .   ? HOH A 138 . ? 1_555 ? 
30 AC6 6  LYS A 62  ? LYS A 62  . ? 1_555 ? 
31 AC6 6  LYS A 62  ? LYS A 62  . ? 5_555 ? 
32 AC6 6  CA  D .   ? CA  A 132 . ? 1_555 ? 
33 AC6 6  CA  D .   ? CA  A 132 . ? 5_555 ? 
34 AC6 6  HOH J .   ? HOH A 138 . ? 5_555 ? 
35 AC6 6  HOH J .   ? HOH A 138 . ? 1_555 ? 
36 AC7 5  LEU A 31  ? LEU A 31  . ? 1_555 ? 
37 AC7 5  HOH J .   ? HOH A 235 . ? 1_555 ? 
38 AC7 5  HOH J .   ? HOH A 236 . ? 1_555 ? 
39 AC7 5  HOH J .   ? HOH A 237 . ? 1_555 ? 
40 AC7 5  HOH J .   ? HOH A 239 . ? 1_555 ? 
41 AC8 12 ARG A 6   ? ARG A 6   . ? 1_555 ? 
42 AC8 12 ILE A 9   ? ILE A 9   . ? 1_555 ? 
43 AC8 12 MET A 20  ? MET A 20  . ? 1_555 ? 
44 AC8 12 PHE A 22  ? PHE A 22  . ? 1_555 ? 
45 AC8 12 ASN A 23  ? ASN A 23  . ? 1_555 ? 
46 AC8 12 TYR A 25  ? TYR A 25  . ? 1_555 ? 
47 AC8 12 GLY A 30  ? GLY A 30  . ? 1_555 ? 
48 AC8 12 PHE A 106 ? PHE A 106 . ? 1_555 ? 
49 AC8 12 TYR A 111 ? TYR A 111 . ? 1_555 ? 
50 AC8 12 LYS A 113 ? LYS A 113 . ? 1_555 ? 
51 AC8 12 LYS A 116 ? LYS A 116 . ? 1_555 ? 
52 AC8 12 HOH J .   ? HOH A 168 . ? 1_555 ? 
# 
_pdbx_entry_details.entry_id                   2B01 
_pdbx_entry_details.compound_details           ? 
_pdbx_entry_details.source_details             ? 
_pdbx_entry_details.nonpolymer_details         ? 
_pdbx_entry_details.sequence_details           ? 
_pdbx_entry_details.has_ligand_of_interest     ? 
_pdbx_entry_details.has_protein_modification   Y 
# 
loop_
_pdbx_validate_torsion.id 
_pdbx_validate_torsion.PDB_model_num 
_pdbx_validate_torsion.auth_comp_id 
_pdbx_validate_torsion.auth_asym_id 
_pdbx_validate_torsion.auth_seq_id 
_pdbx_validate_torsion.PDB_ins_code 
_pdbx_validate_torsion.label_alt_id 
_pdbx_validate_torsion.phi 
_pdbx_validate_torsion.psi 
1 1 PRO A 18 ? ? -60.93  -103.52 
2 1 ASP A 21 ? ? 67.09   110.52  
3 1 VAL A 65 ? ? 39.92   35.54   
4 1 SER A 78 ? ? -119.16 -127.54 
# 
loop_
_pdbx_struct_special_symmetry.id 
_pdbx_struct_special_symmetry.PDB_model_num 
_pdbx_struct_special_symmetry.auth_asym_id 
_pdbx_struct_special_symmetry.auth_comp_id 
_pdbx_struct_special_symmetry.auth_seq_id 
_pdbx_struct_special_symmetry.PDB_ins_code 
_pdbx_struct_special_symmetry.label_asym_id 
_pdbx_struct_special_symmetry.label_comp_id 
_pdbx_struct_special_symmetry.label_seq_id 
1 1 A CA 131 ? C CA . 
2 1 A CA 132 ? D CA . 
3 1 A CL 135 ? G CL . 
# 
loop_
_chem_comp_atom.comp_id 
_chem_comp_atom.atom_id 
_chem_comp_atom.type_symbol 
_chem_comp_atom.pdbx_aromatic_flag 
_chem_comp_atom.pdbx_stereo_config 
_chem_comp_atom.pdbx_ordinal 
ALA N    N  N N 1   
ALA CA   C  N S 2   
ALA C    C  N N 3   
ALA O    O  N N 4   
ALA CB   C  N N 5   
ALA OXT  O  N N 6   
ALA H    H  N N 7   
ALA H2   H  N N 8   
ALA HA   H  N N 9   
ALA HB1  H  N N 10  
ALA HB2  H  N N 11  
ALA HB3  H  N N 12  
ALA HXT  H  N N 13  
ARG N    N  N N 14  
ARG CA   C  N S 15  
ARG C    C  N N 16  
ARG O    O  N N 17  
ARG CB   C  N N 18  
ARG CG   C  N N 19  
ARG CD   C  N N 20  
ARG NE   N  N N 21  
ARG CZ   C  N N 22  
ARG NH1  N  N N 23  
ARG NH2  N  N N 24  
ARG OXT  O  N N 25  
ARG H    H  N N 26  
ARG H2   H  N N 27  
ARG HA   H  N N 28  
ARG HB2  H  N N 29  
ARG HB3  H  N N 30  
ARG HG2  H  N N 31  
ARG HG3  H  N N 32  
ARG HD2  H  N N 33  
ARG HD3  H  N N 34  
ARG HE   H  N N 35  
ARG HH11 H  N N 36  
ARG HH12 H  N N 37  
ARG HH21 H  N N 38  
ARG HH22 H  N N 39  
ARG HXT  H  N N 40  
ASN N    N  N N 41  
ASN CA   C  N S 42  
ASN C    C  N N 43  
ASN O    O  N N 44  
ASN CB   C  N N 45  
ASN CG   C  N N 46  
ASN OD1  O  N N 47  
ASN ND2  N  N N 48  
ASN OXT  O  N N 49  
ASN H    H  N N 50  
ASN H2   H  N N 51  
ASN HA   H  N N 52  
ASN HB2  H  N N 53  
ASN HB3  H  N N 54  
ASN HD21 H  N N 55  
ASN HD22 H  N N 56  
ASN HXT  H  N N 57  
ASP N    N  N N 58  
ASP CA   C  N S 59  
ASP C    C  N N 60  
ASP O    O  N N 61  
ASP CB   C  N N 62  
ASP CG   C  N N 63  
ASP OD1  O  N N 64  
ASP OD2  O  N N 65  
ASP OXT  O  N N 66  
ASP H    H  N N 67  
ASP H2   H  N N 68  
ASP HA   H  N N 69  
ASP HB2  H  N N 70  
ASP HB3  H  N N 71  
ASP HD2  H  N N 72  
ASP HXT  H  N N 73  
CA  CA   CA N N 74  
CL  CL   CL N N 75  
CYS N    N  N N 76  
CYS CA   C  N R 77  
CYS C    C  N N 78  
CYS O    O  N N 79  
CYS CB   C  N N 80  
CYS SG   S  N N 81  
CYS OXT  O  N N 82  
CYS H    H  N N 83  
CYS H2   H  N N 84  
CYS HA   H  N N 85  
CYS HB2  H  N N 86  
CYS HB3  H  N N 87  
CYS HG   H  N N 88  
CYS HXT  H  N N 89  
GLN N    N  N N 90  
GLN CA   C  N S 91  
GLN C    C  N N 92  
GLN O    O  N N 93  
GLN CB   C  N N 94  
GLN CG   C  N N 95  
GLN CD   C  N N 96  
GLN OE1  O  N N 97  
GLN NE2  N  N N 98  
GLN OXT  O  N N 99  
GLN H    H  N N 100 
GLN H2   H  N N 101 
GLN HA   H  N N 102 
GLN HB2  H  N N 103 
GLN HB3  H  N N 104 
GLN HG2  H  N N 105 
GLN HG3  H  N N 106 
GLN HE21 H  N N 107 
GLN HE22 H  N N 108 
GLN HXT  H  N N 109 
GLU N    N  N N 110 
GLU CA   C  N S 111 
GLU C    C  N N 112 
GLU O    O  N N 113 
GLU CB   C  N N 114 
GLU CG   C  N N 115 
GLU CD   C  N N 116 
GLU OE1  O  N N 117 
GLU OE2  O  N N 118 
GLU OXT  O  N N 119 
GLU H    H  N N 120 
GLU H2   H  N N 121 
GLU HA   H  N N 122 
GLU HB2  H  N N 123 
GLU HB3  H  N N 124 
GLU HG2  H  N N 125 
GLU HG3  H  N N 126 
GLU HE2  H  N N 127 
GLU HXT  H  N N 128 
GLY N    N  N N 129 
GLY CA   C  N N 130 
GLY C    C  N N 131 
GLY O    O  N N 132 
GLY OXT  O  N N 133 
GLY H    H  N N 134 
GLY H2   H  N N 135 
GLY HA2  H  N N 136 
GLY HA3  H  N N 137 
GLY HXT  H  N N 138 
HIS N    N  N N 139 
HIS CA   C  N S 140 
HIS C    C  N N 141 
HIS O    O  N N 142 
HIS CB   C  N N 143 
HIS CG   C  Y N 144 
HIS ND1  N  Y N 145 
HIS CD2  C  Y N 146 
HIS CE1  C  Y N 147 
HIS NE2  N  Y N 148 
HIS OXT  O  N N 149 
HIS H    H  N N 150 
HIS H2   H  N N 151 
HIS HA   H  N N 152 
HIS HB2  H  N N 153 
HIS HB3  H  N N 154 
HIS HD1  H  N N 155 
HIS HD2  H  N N 156 
HIS HE1  H  N N 157 
HIS HE2  H  N N 158 
HIS HXT  H  N N 159 
HOH O    O  N N 160 
HOH H1   H  N N 161 
HOH H2   H  N N 162 
ILE N    N  N N 163 
ILE CA   C  N S 164 
ILE C    C  N N 165 
ILE O    O  N N 166 
ILE CB   C  N S 167 
ILE CG1  C  N N 168 
ILE CG2  C  N N 169 
ILE CD1  C  N N 170 
ILE OXT  O  N N 171 
ILE H    H  N N 172 
ILE H2   H  N N 173 
ILE HA   H  N N 174 
ILE HB   H  N N 175 
ILE HG12 H  N N 176 
ILE HG13 H  N N 177 
ILE HG21 H  N N 178 
ILE HG22 H  N N 179 
ILE HG23 H  N N 180 
ILE HD11 H  N N 181 
ILE HD12 H  N N 182 
ILE HD13 H  N N 183 
ILE HXT  H  N N 184 
LEU N    N  N N 185 
LEU CA   C  N S 186 
LEU C    C  N N 187 
LEU O    O  N N 188 
LEU CB   C  N N 189 
LEU CG   C  N N 190 
LEU CD1  C  N N 191 
LEU CD2  C  N N 192 
LEU OXT  O  N N 193 
LEU H    H  N N 194 
LEU H2   H  N N 195 
LEU HA   H  N N 196 
LEU HB2  H  N N 197 
LEU HB3  H  N N 198 
LEU HG   H  N N 199 
LEU HD11 H  N N 200 
LEU HD12 H  N N 201 
LEU HD13 H  N N 202 
LEU HD21 H  N N 203 
LEU HD22 H  N N 204 
LEU HD23 H  N N 205 
LEU HXT  H  N N 206 
LYS N    N  N N 207 
LYS CA   C  N S 208 
LYS C    C  N N 209 
LYS O    O  N N 210 
LYS CB   C  N N 211 
LYS CG   C  N N 212 
LYS CD   C  N N 213 
LYS CE   C  N N 214 
LYS NZ   N  N N 215 
LYS OXT  O  N N 216 
LYS H    H  N N 217 
LYS H2   H  N N 218 
LYS HA   H  N N 219 
LYS HB2  H  N N 220 
LYS HB3  H  N N 221 
LYS HG2  H  N N 222 
LYS HG3  H  N N 223 
LYS HD2  H  N N 224 
LYS HD3  H  N N 225 
LYS HE2  H  N N 226 
LYS HE3  H  N N 227 
LYS HZ1  H  N N 228 
LYS HZ2  H  N N 229 
LYS HZ3  H  N N 230 
LYS HXT  H  N N 231 
MET N    N  N N 232 
MET CA   C  N S 233 
MET C    C  N N 234 
MET O    O  N N 235 
MET CB   C  N N 236 
MET CG   C  N N 237 
MET SD   S  N N 238 
MET CE   C  N N 239 
MET OXT  O  N N 240 
MET H    H  N N 241 
MET H2   H  N N 242 
MET HA   H  N N 243 
MET HB2  H  N N 244 
MET HB3  H  N N 245 
MET HG2  H  N N 246 
MET HG3  H  N N 247 
MET HE1  H  N N 248 
MET HE2  H  N N 249 
MET HE3  H  N N 250 
MET HXT  H  N N 251 
PHE N    N  N N 252 
PHE CA   C  N S 253 
PHE C    C  N N 254 
PHE O    O  N N 255 
PHE CB   C  N N 256 
PHE CG   C  Y N 257 
PHE CD1  C  Y N 258 
PHE CD2  C  Y N 259 
PHE CE1  C  Y N 260 
PHE CE2  C  Y N 261 
PHE CZ   C  Y N 262 
PHE OXT  O  N N 263 
PHE H    H  N N 264 
PHE H2   H  N N 265 
PHE HA   H  N N 266 
PHE HB2  H  N N 267 
PHE HB3  H  N N 268 
PHE HD1  H  N N 269 
PHE HD2  H  N N 270 
PHE HE1  H  N N 271 
PHE HE2  H  N N 272 
PHE HZ   H  N N 273 
PHE HXT  H  N N 274 
PRO N    N  N N 275 
PRO CA   C  N S 276 
PRO C    C  N N 277 
PRO O    O  N N 278 
PRO CB   C  N N 279 
PRO CG   C  N N 280 
PRO CD   C  N N 281 
PRO OXT  O  N N 282 
PRO H    H  N N 283 
PRO HA   H  N N 284 
PRO HB2  H  N N 285 
PRO HB3  H  N N 286 
PRO HG2  H  N N 287 
PRO HG3  H  N N 288 
PRO HD2  H  N N 289 
PRO HD3  H  N N 290 
PRO HXT  H  N N 291 
SER N    N  N N 292 
SER CA   C  N S 293 
SER C    C  N N 294 
SER O    O  N N 295 
SER CB   C  N N 296 
SER OG   O  N N 297 
SER OXT  O  N N 298 
SER H    H  N N 299 
SER H2   H  N N 300 
SER HA   H  N N 301 
SER HB2  H  N N 302 
SER HB3  H  N N 303 
SER HG   H  N N 304 
SER HXT  H  N N 305 
THR N    N  N N 306 
THR CA   C  N S 307 
THR C    C  N N 308 
THR O    O  N N 309 
THR CB   C  N R 310 
THR OG1  O  N N 311 
THR CG2  C  N N 312 
THR OXT  O  N N 313 
THR H    H  N N 314 
THR H2   H  N N 315 
THR HA   H  N N 316 
THR HB   H  N N 317 
THR HG1  H  N N 318 
THR HG21 H  N N 319 
THR HG22 H  N N 320 
THR HG23 H  N N 321 
THR HXT  H  N N 322 
TRP N    N  N N 323 
TRP CA   C  N S 324 
TRP C    C  N N 325 
TRP O    O  N N 326 
TRP CB   C  N N 327 
TRP CG   C  Y N 328 
TRP CD1  C  Y N 329 
TRP CD2  C  Y N 330 
TRP NE1  N  Y N 331 
TRP CE2  C  Y N 332 
TRP CE3  C  Y N 333 
TRP CZ2  C  Y N 334 
TRP CZ3  C  Y N 335 
TRP CH2  C  Y N 336 
TRP OXT  O  N N 337 
TRP H    H  N N 338 
TRP H2   H  N N 339 
TRP HA   H  N N 340 
TRP HB2  H  N N 341 
TRP HB3  H  N N 342 
TRP HD1  H  N N 343 
TRP HE1  H  N N 344 
TRP HE3  H  N N 345 
TRP HZ2  H  N N 346 
TRP HZ3  H  N N 347 
TRP HH2  H  N N 348 
TRP HXT  H  N N 349 
TUD C1   C  N N 350 
TUD C2   C  N N 351 
TUD C3   C  N R 352 
TUD O3   O  N N 353 
TUD C4   C  N N 354 
TUD C5   C  N S 355 
TUD C6   C  N N 356 
TUD C7   C  N R 357 
TUD O7   O  N N 358 
TUD C8   C  N R 359 
TUD C9   C  N S 360 
TUD C10  C  N S 361 
TUD C11  C  N N 362 
TUD C12  C  N N 363 
TUD C13  C  N R 364 
TUD C14  C  N S 365 
TUD C15  C  N N 366 
TUD C16  C  N N 367 
TUD C17  C  N R 368 
TUD C18  C  N N 369 
TUD C19  C  N N 370 
TUD C20  C  N R 371 
TUD C21  C  N N 372 
TUD C22  C  N N 373 
TUD C23  C  N N 374 
TUD O25  O  N N 375 
TUD C24  C  N N 376 
TUD N26  N  N N 377 
TUD C25  C  N N 378 
TUD C26  C  N N 379 
TUD S27  S  N N 380 
TUD O28  O  N N 381 
TUD O29  O  N N 382 
TUD O30  O  N N 383 
TUD H11  H  N N 384 
TUD H12  H  N N 385 
TUD H21  H  N N 386 
TUD H22  H  N N 387 
TUD H3   H  N N 388 
TUD HO3  H  N N 389 
TUD H41  H  N N 390 
TUD H42  H  N N 391 
TUD H5   H  N N 392 
TUD H61  H  N N 393 
TUD H62  H  N N 394 
TUD H7   H  N N 395 
TUD HO7  H  N N 396 
TUD H8   H  N N 397 
TUD H9   H  N N 398 
TUD H111 H  N N 399 
TUD H112 H  N N 400 
TUD H121 H  N N 401 
TUD H122 H  N N 402 
TUD H14  H  N N 403 
TUD H151 H  N N 404 
TUD H152 H  N N 405 
TUD H161 H  N N 406 
TUD H162 H  N N 407 
TUD H17  H  N N 408 
TUD H181 H  N N 409 
TUD H182 H  N N 410 
TUD H183 H  N N 411 
TUD H191 H  N N 412 
TUD H192 H  N N 413 
TUD H193 H  N N 414 
TUD H20  H  N N 415 
TUD H211 H  N N 416 
TUD H212 H  N N 417 
TUD H213 H  N N 418 
TUD H221 H  N N 419 
TUD H222 H  N N 420 
TUD H231 H  N N 421 
TUD H232 H  N N 422 
TUD H26  H  N N 423 
TUD H251 H  N N 424 
TUD H252 H  N N 425 
TUD H261 H  N N 426 
TUD H262 H  N N 427 
TUD H30  H  N N 428 
TYR N    N  N N 429 
TYR CA   C  N S 430 
TYR C    C  N N 431 
TYR O    O  N N 432 
TYR CB   C  N N 433 
TYR CG   C  Y N 434 
TYR CD1  C  Y N 435 
TYR CD2  C  Y N 436 
TYR CE1  C  Y N 437 
TYR CE2  C  Y N 438 
TYR CZ   C  Y N 439 
TYR OH   O  N N 440 
TYR OXT  O  N N 441 
TYR H    H  N N 442 
TYR H2   H  N N 443 
TYR HA   H  N N 444 
TYR HB2  H  N N 445 
TYR HB3  H  N N 446 
TYR HD1  H  N N 447 
TYR HD2  H  N N 448 
TYR HE1  H  N N 449 
TYR HE2  H  N N 450 
TYR HH   H  N N 451 
TYR HXT  H  N N 452 
VAL N    N  N N 453 
VAL CA   C  N S 454 
VAL C    C  N N 455 
VAL O    O  N N 456 
VAL CB   C  N N 457 
VAL CG1  C  N N 458 
VAL CG2  C  N N 459 
VAL OXT  O  N N 460 
VAL H    H  N N 461 
VAL H2   H  N N 462 
VAL HA   H  N N 463 
VAL HB   H  N N 464 
VAL HG11 H  N N 465 
VAL HG12 H  N N 466 
VAL HG13 H  N N 467 
VAL HG21 H  N N 468 
VAL HG22 H  N N 469 
VAL HG23 H  N N 470 
VAL HXT  H  N N 471 
# 
loop_
_chem_comp_bond.comp_id 
_chem_comp_bond.atom_id_1 
_chem_comp_bond.atom_id_2 
_chem_comp_bond.value_order 
_chem_comp_bond.pdbx_aromatic_flag 
_chem_comp_bond.pdbx_stereo_config 
_chem_comp_bond.pdbx_ordinal 
ALA N   CA   sing N N 1   
ALA N   H    sing N N 2   
ALA N   H2   sing N N 3   
ALA CA  C    sing N N 4   
ALA CA  CB   sing N N 5   
ALA CA  HA   sing N N 6   
ALA C   O    doub N N 7   
ALA C   OXT  sing N N 8   
ALA CB  HB1  sing N N 9   
ALA CB  HB2  sing N N 10  
ALA CB  HB3  sing N N 11  
ALA OXT HXT  sing N N 12  
ARG N   CA   sing N N 13  
ARG N   H    sing N N 14  
ARG N   H2   sing N N 15  
ARG CA  C    sing N N 16  
ARG CA  CB   sing N N 17  
ARG CA  HA   sing N N 18  
ARG C   O    doub N N 19  
ARG C   OXT  sing N N 20  
ARG CB  CG   sing N N 21  
ARG CB  HB2  sing N N 22  
ARG CB  HB3  sing N N 23  
ARG CG  CD   sing N N 24  
ARG CG  HG2  sing N N 25  
ARG CG  HG3  sing N N 26  
ARG CD  NE   sing N N 27  
ARG CD  HD2  sing N N 28  
ARG CD  HD3  sing N N 29  
ARG NE  CZ   sing N N 30  
ARG NE  HE   sing N N 31  
ARG CZ  NH1  sing N N 32  
ARG CZ  NH2  doub N N 33  
ARG NH1 HH11 sing N N 34  
ARG NH1 HH12 sing N N 35  
ARG NH2 HH21 sing N N 36  
ARG NH2 HH22 sing N N 37  
ARG OXT HXT  sing N N 38  
ASN N   CA   sing N N 39  
ASN N   H    sing N N 40  
ASN N   H2   sing N N 41  
ASN CA  C    sing N N 42  
ASN CA  CB   sing N N 43  
ASN CA  HA   sing N N 44  
ASN C   O    doub N N 45  
ASN C   OXT  sing N N 46  
ASN CB  CG   sing N N 47  
ASN CB  HB2  sing N N 48  
ASN CB  HB3  sing N N 49  
ASN CG  OD1  doub N N 50  
ASN CG  ND2  sing N N 51  
ASN ND2 HD21 sing N N 52  
ASN ND2 HD22 sing N N 53  
ASN OXT HXT  sing N N 54  
ASP N   CA   sing N N 55  
ASP N   H    sing N N 56  
ASP N   H2   sing N N 57  
ASP CA  C    sing N N 58  
ASP CA  CB   sing N N 59  
ASP CA  HA   sing N N 60  
ASP C   O    doub N N 61  
ASP C   OXT  sing N N 62  
ASP CB  CG   sing N N 63  
ASP CB  HB2  sing N N 64  
ASP CB  HB3  sing N N 65  
ASP CG  OD1  doub N N 66  
ASP CG  OD2  sing N N 67  
ASP OD2 HD2  sing N N 68  
ASP OXT HXT  sing N N 69  
CYS N   CA   sing N N 70  
CYS N   H    sing N N 71  
CYS N   H2   sing N N 72  
CYS CA  C    sing N N 73  
CYS CA  CB   sing N N 74  
CYS CA  HA   sing N N 75  
CYS C   O    doub N N 76  
CYS C   OXT  sing N N 77  
CYS CB  SG   sing N N 78  
CYS CB  HB2  sing N N 79  
CYS CB  HB3  sing N N 80  
CYS SG  HG   sing N N 81  
CYS OXT HXT  sing N N 82  
GLN N   CA   sing N N 83  
GLN N   H    sing N N 84  
GLN N   H2   sing N N 85  
GLN CA  C    sing N N 86  
GLN CA  CB   sing N N 87  
GLN CA  HA   sing N N 88  
GLN C   O    doub N N 89  
GLN C   OXT  sing N N 90  
GLN CB  CG   sing N N 91  
GLN CB  HB2  sing N N 92  
GLN CB  HB3  sing N N 93  
GLN CG  CD   sing N N 94  
GLN CG  HG2  sing N N 95  
GLN CG  HG3  sing N N 96  
GLN CD  OE1  doub N N 97  
GLN CD  NE2  sing N N 98  
GLN NE2 HE21 sing N N 99  
GLN NE2 HE22 sing N N 100 
GLN OXT HXT  sing N N 101 
GLU N   CA   sing N N 102 
GLU N   H    sing N N 103 
GLU N   H2   sing N N 104 
GLU CA  C    sing N N 105 
GLU CA  CB   sing N N 106 
GLU CA  HA   sing N N 107 
GLU C   O    doub N N 108 
GLU C   OXT  sing N N 109 
GLU CB  CG   sing N N 110 
GLU CB  HB2  sing N N 111 
GLU CB  HB3  sing N N 112 
GLU CG  CD   sing N N 113 
GLU CG  HG2  sing N N 114 
GLU CG  HG3  sing N N 115 
GLU CD  OE1  doub N N 116 
GLU CD  OE2  sing N N 117 
GLU OE2 HE2  sing N N 118 
GLU OXT HXT  sing N N 119 
GLY N   CA   sing N N 120 
GLY N   H    sing N N 121 
GLY N   H2   sing N N 122 
GLY CA  C    sing N N 123 
GLY CA  HA2  sing N N 124 
GLY CA  HA3  sing N N 125 
GLY C   O    doub N N 126 
GLY C   OXT  sing N N 127 
GLY OXT HXT  sing N N 128 
HIS N   CA   sing N N 129 
HIS N   H    sing N N 130 
HIS N   H2   sing N N 131 
HIS CA  C    sing N N 132 
HIS CA  CB   sing N N 133 
HIS CA  HA   sing N N 134 
HIS C   O    doub N N 135 
HIS C   OXT  sing N N 136 
HIS CB  CG   sing N N 137 
HIS CB  HB2  sing N N 138 
HIS CB  HB3  sing N N 139 
HIS CG  ND1  sing Y N 140 
HIS CG  CD2  doub Y N 141 
HIS ND1 CE1  doub Y N 142 
HIS ND1 HD1  sing N N 143 
HIS CD2 NE2  sing Y N 144 
HIS CD2 HD2  sing N N 145 
HIS CE1 NE2  sing Y N 146 
HIS CE1 HE1  sing N N 147 
HIS NE2 HE2  sing N N 148 
HIS OXT HXT  sing N N 149 
HOH O   H1   sing N N 150 
HOH O   H2   sing N N 151 
ILE N   CA   sing N N 152 
ILE N   H    sing N N 153 
ILE N   H2   sing N N 154 
ILE CA  C    sing N N 155 
ILE CA  CB   sing N N 156 
ILE CA  HA   sing N N 157 
ILE C   O    doub N N 158 
ILE C   OXT  sing N N 159 
ILE CB  CG1  sing N N 160 
ILE CB  CG2  sing N N 161 
ILE CB  HB   sing N N 162 
ILE CG1 CD1  sing N N 163 
ILE CG1 HG12 sing N N 164 
ILE CG1 HG13 sing N N 165 
ILE CG2 HG21 sing N N 166 
ILE CG2 HG22 sing N N 167 
ILE CG2 HG23 sing N N 168 
ILE CD1 HD11 sing N N 169 
ILE CD1 HD12 sing N N 170 
ILE CD1 HD13 sing N N 171 
ILE OXT HXT  sing N N 172 
LEU N   CA   sing N N 173 
LEU N   H    sing N N 174 
LEU N   H2   sing N N 175 
LEU CA  C    sing N N 176 
LEU CA  CB   sing N N 177 
LEU CA  HA   sing N N 178 
LEU C   O    doub N N 179 
LEU C   OXT  sing N N 180 
LEU CB  CG   sing N N 181 
LEU CB  HB2  sing N N 182 
LEU CB  HB3  sing N N 183 
LEU CG  CD1  sing N N 184 
LEU CG  CD2  sing N N 185 
LEU CG  HG   sing N N 186 
LEU CD1 HD11 sing N N 187 
LEU CD1 HD12 sing N N 188 
LEU CD1 HD13 sing N N 189 
LEU CD2 HD21 sing N N 190 
LEU CD2 HD22 sing N N 191 
LEU CD2 HD23 sing N N 192 
LEU OXT HXT  sing N N 193 
LYS N   CA   sing N N 194 
LYS N   H    sing N N 195 
LYS N   H2   sing N N 196 
LYS CA  C    sing N N 197 
LYS CA  CB   sing N N 198 
LYS CA  HA   sing N N 199 
LYS C   O    doub N N 200 
LYS C   OXT  sing N N 201 
LYS CB  CG   sing N N 202 
LYS CB  HB2  sing N N 203 
LYS CB  HB3  sing N N 204 
LYS CG  CD   sing N N 205 
LYS CG  HG2  sing N N 206 
LYS CG  HG3  sing N N 207 
LYS CD  CE   sing N N 208 
LYS CD  HD2  sing N N 209 
LYS CD  HD3  sing N N 210 
LYS CE  NZ   sing N N 211 
LYS CE  HE2  sing N N 212 
LYS CE  HE3  sing N N 213 
LYS NZ  HZ1  sing N N 214 
LYS NZ  HZ2  sing N N 215 
LYS NZ  HZ3  sing N N 216 
LYS OXT HXT  sing N N 217 
MET N   CA   sing N N 218 
MET N   H    sing N N 219 
MET N   H2   sing N N 220 
MET CA  C    sing N N 221 
MET CA  CB   sing N N 222 
MET CA  HA   sing N N 223 
MET C   O    doub N N 224 
MET C   OXT  sing N N 225 
MET CB  CG   sing N N 226 
MET CB  HB2  sing N N 227 
MET CB  HB3  sing N N 228 
MET CG  SD   sing N N 229 
MET CG  HG2  sing N N 230 
MET CG  HG3  sing N N 231 
MET SD  CE   sing N N 232 
MET CE  HE1  sing N N 233 
MET CE  HE2  sing N N 234 
MET CE  HE3  sing N N 235 
MET OXT HXT  sing N N 236 
PHE N   CA   sing N N 237 
PHE N   H    sing N N 238 
PHE N   H2   sing N N 239 
PHE CA  C    sing N N 240 
PHE CA  CB   sing N N 241 
PHE CA  HA   sing N N 242 
PHE C   O    doub N N 243 
PHE C   OXT  sing N N 244 
PHE CB  CG   sing N N 245 
PHE CB  HB2  sing N N 246 
PHE CB  HB3  sing N N 247 
PHE CG  CD1  doub Y N 248 
PHE CG  CD2  sing Y N 249 
PHE CD1 CE1  sing Y N 250 
PHE CD1 HD1  sing N N 251 
PHE CD2 CE2  doub Y N 252 
PHE CD2 HD2  sing N N 253 
PHE CE1 CZ   doub Y N 254 
PHE CE1 HE1  sing N N 255 
PHE CE2 CZ   sing Y N 256 
PHE CE2 HE2  sing N N 257 
PHE CZ  HZ   sing N N 258 
PHE OXT HXT  sing N N 259 
PRO N   CA   sing N N 260 
PRO N   CD   sing N N 261 
PRO N   H    sing N N 262 
PRO CA  C    sing N N 263 
PRO CA  CB   sing N N 264 
PRO CA  HA   sing N N 265 
PRO C   O    doub N N 266 
PRO C   OXT  sing N N 267 
PRO CB  CG   sing N N 268 
PRO CB  HB2  sing N N 269 
PRO CB  HB3  sing N N 270 
PRO CG  CD   sing N N 271 
PRO CG  HG2  sing N N 272 
PRO CG  HG3  sing N N 273 
PRO CD  HD2  sing N N 274 
PRO CD  HD3  sing N N 275 
PRO OXT HXT  sing N N 276 
SER N   CA   sing N N 277 
SER N   H    sing N N 278 
SER N   H2   sing N N 279 
SER CA  C    sing N N 280 
SER CA  CB   sing N N 281 
SER CA  HA   sing N N 282 
SER C   O    doub N N 283 
SER C   OXT  sing N N 284 
SER CB  OG   sing N N 285 
SER CB  HB2  sing N N 286 
SER CB  HB3  sing N N 287 
SER OG  HG   sing N N 288 
SER OXT HXT  sing N N 289 
THR N   CA   sing N N 290 
THR N   H    sing N N 291 
THR N   H2   sing N N 292 
THR CA  C    sing N N 293 
THR CA  CB   sing N N 294 
THR CA  HA   sing N N 295 
THR C   O    doub N N 296 
THR C   OXT  sing N N 297 
THR CB  OG1  sing N N 298 
THR CB  CG2  sing N N 299 
THR CB  HB   sing N N 300 
THR OG1 HG1  sing N N 301 
THR CG2 HG21 sing N N 302 
THR CG2 HG22 sing N N 303 
THR CG2 HG23 sing N N 304 
THR OXT HXT  sing N N 305 
TRP N   CA   sing N N 306 
TRP N   H    sing N N 307 
TRP N   H2   sing N N 308 
TRP CA  C    sing N N 309 
TRP CA  CB   sing N N 310 
TRP CA  HA   sing N N 311 
TRP C   O    doub N N 312 
TRP C   OXT  sing N N 313 
TRP CB  CG   sing N N 314 
TRP CB  HB2  sing N N 315 
TRP CB  HB3  sing N N 316 
TRP CG  CD1  doub Y N 317 
TRP CG  CD2  sing Y N 318 
TRP CD1 NE1  sing Y N 319 
TRP CD1 HD1  sing N N 320 
TRP CD2 CE2  doub Y N 321 
TRP CD2 CE3  sing Y N 322 
TRP NE1 CE2  sing Y N 323 
TRP NE1 HE1  sing N N 324 
TRP CE2 CZ2  sing Y N 325 
TRP CE3 CZ3  doub Y N 326 
TRP CE3 HE3  sing N N 327 
TRP CZ2 CH2  doub Y N 328 
TRP CZ2 HZ2  sing N N 329 
TRP CZ3 CH2  sing Y N 330 
TRP CZ3 HZ3  sing N N 331 
TRP CH2 HH2  sing N N 332 
TRP OXT HXT  sing N N 333 
TUD C1  C2   sing N N 334 
TUD C1  C10  sing N N 335 
TUD C1  H11  sing N N 336 
TUD C1  H12  sing N N 337 
TUD C2  C3   sing N N 338 
TUD C2  H21  sing N N 339 
TUD C2  H22  sing N N 340 
TUD C3  O3   sing N N 341 
TUD C3  C4   sing N N 342 
TUD C3  H3   sing N N 343 
TUD O3  HO3  sing N N 344 
TUD C4  C5   sing N N 345 
TUD C4  H41  sing N N 346 
TUD C4  H42  sing N N 347 
TUD C5  C6   sing N N 348 
TUD C5  C10  sing N N 349 
TUD C5  H5   sing N N 350 
TUD C6  C7   sing N N 351 
TUD C6  H61  sing N N 352 
TUD C6  H62  sing N N 353 
TUD C7  O7   sing N N 354 
TUD C7  C8   sing N N 355 
TUD C7  H7   sing N N 356 
TUD O7  HO7  sing N N 357 
TUD C8  C9   sing N N 358 
TUD C8  C14  sing N N 359 
TUD C8  H8   sing N N 360 
TUD C9  C10  sing N N 361 
TUD C9  C11  sing N N 362 
TUD C9  H9   sing N N 363 
TUD C10 C19  sing N N 364 
TUD C11 C12  sing N N 365 
TUD C11 H111 sing N N 366 
TUD C11 H112 sing N N 367 
TUD C12 C13  sing N N 368 
TUD C12 H121 sing N N 369 
TUD C12 H122 sing N N 370 
TUD C13 C14  sing N N 371 
TUD C13 C17  sing N N 372 
TUD C13 C18  sing N N 373 
TUD C14 C15  sing N N 374 
TUD C14 H14  sing N N 375 
TUD C15 C16  sing N N 376 
TUD C15 H151 sing N N 377 
TUD C15 H152 sing N N 378 
TUD C16 C17  sing N N 379 
TUD C16 H161 sing N N 380 
TUD C16 H162 sing N N 381 
TUD C17 C20  sing N N 382 
TUD C17 H17  sing N N 383 
TUD C18 H181 sing N N 384 
TUD C18 H182 sing N N 385 
TUD C18 H183 sing N N 386 
TUD C19 H191 sing N N 387 
TUD C19 H192 sing N N 388 
TUD C19 H193 sing N N 389 
TUD C20 C21  sing N N 390 
TUD C20 C22  sing N N 391 
TUD C20 H20  sing N N 392 
TUD C21 H211 sing N N 393 
TUD C21 H212 sing N N 394 
TUD C21 H213 sing N N 395 
TUD C22 C23  sing N N 396 
TUD C22 H221 sing N N 397 
TUD C22 H222 sing N N 398 
TUD C23 C24  sing N N 399 
TUD C23 H231 sing N N 400 
TUD C23 H232 sing N N 401 
TUD O25 C24  doub N N 402 
TUD C24 N26  sing N N 403 
TUD N26 C25  sing N N 404 
TUD N26 H26  sing N N 405 
TUD C25 C26  sing N N 406 
TUD C25 H251 sing N N 407 
TUD C25 H252 sing N N 408 
TUD C26 S27  sing N N 409 
TUD C26 H261 sing N N 410 
TUD C26 H262 sing N N 411 
TUD S27 O28  doub N N 412 
TUD S27 O29  doub N N 413 
TUD S27 O30  sing N N 414 
TUD O30 H30  sing N N 415 
TYR N   CA   sing N N 416 
TYR N   H    sing N N 417 
TYR N   H2   sing N N 418 
TYR CA  C    sing N N 419 
TYR CA  CB   sing N N 420 
TYR CA  HA   sing N N 421 
TYR C   O    doub N N 422 
TYR C   OXT  sing N N 423 
TYR CB  CG   sing N N 424 
TYR CB  HB2  sing N N 425 
TYR CB  HB3  sing N N 426 
TYR CG  CD1  doub Y N 427 
TYR CG  CD2  sing Y N 428 
TYR CD1 CE1  sing Y N 429 
TYR CD1 HD1  sing N N 430 
TYR CD2 CE2  doub Y N 431 
TYR CD2 HD2  sing N N 432 
TYR CE1 CZ   doub Y N 433 
TYR CE1 HE1  sing N N 434 
TYR CE2 CZ   sing Y N 435 
TYR CE2 HE2  sing N N 436 
TYR CZ  OH   sing N N 437 
TYR OH  HH   sing N N 438 
TYR OXT HXT  sing N N 439 
VAL N   CA   sing N N 440 
VAL N   H    sing N N 441 
VAL N   H2   sing N N 442 
VAL CA  C    sing N N 443 
VAL CA  CB   sing N N 444 
VAL CA  HA   sing N N 445 
VAL C   O    doub N N 446 
VAL C   OXT  sing N N 447 
VAL CB  CG1  sing N N 448 
VAL CB  CG2  sing N N 449 
VAL CB  HB   sing N N 450 
VAL CG1 HG11 sing N N 451 
VAL CG1 HG12 sing N N 452 
VAL CG1 HG13 sing N N 453 
VAL CG2 HG21 sing N N 454 
VAL CG2 HG22 sing N N 455 
VAL CG2 HG23 sing N N 456 
VAL OXT HXT  sing N N 457 
# 
_pdbx_initial_refinement_model.id               1 
_pdbx_initial_refinement_model.entity_id_list   ? 
_pdbx_initial_refinement_model.type             'experimental model' 
_pdbx_initial_refinement_model.source_name      PDB 
_pdbx_initial_refinement_model.accession_code   1FXF 
_pdbx_initial_refinement_model.details          'PDB entry 1FXF' 
# 
_atom_sites.entry_id                    2B01 
_atom_sites.fract_transf_matrix[1][1]   0.00301886 
_atom_sites.fract_transf_matrix[1][2]   0.00882017 
_atom_sites.fract_transf_matrix[1][3]   0.01408932 
_atom_sites.fract_transf_matrix[2][1]   0.01563572 
_atom_sites.fract_transf_matrix[2][2]   0.00065888 
_atom_sites.fract_transf_matrix[2][3]   0.00636642 
_atom_sites.fract_transf_matrix[3][1]   0.00282708 
_atom_sites.fract_transf_matrix[3][2]   0.01212854 
_atom_sites.fract_transf_matrix[3][3]   -0.00819844 
_atom_sites.fract_transf_vector[1]      0.641946 
_atom_sites.fract_transf_vector[2]      0.232083 
_atom_sites.fract_transf_vector[3]      0.199350 
# 
loop_
_atom_type.symbol 
C  
CA 
CL 
N  
O  
S  
# 
loop_
_atom_site.group_PDB 
_atom_site.id 
_atom_site.type_symbol 
_atom_site.label_atom_id 
_atom_site.label_alt_id 
_atom_site.label_comp_id 
_atom_site.label_asym_id 
_atom_site.label_entity_id 
_atom_site.label_seq_id 
_atom_site.pdbx_PDB_ins_code 
_atom_site.Cartn_x 
_atom_site.Cartn_y 
_atom_site.Cartn_z 
_atom_site.occupancy 
_atom_site.B_iso_or_equiv 
_atom_site.pdbx_formal_charge 
_atom_site.auth_seq_id 
_atom_site.auth_comp_id 
_atom_site.auth_asym_id 
_atom_site.auth_atom_id 
_atom_site.pdbx_PDB_model_num 
ATOM   1    N  N   . ALA A 1 1   ? -5.279  4.837   -6.838  1.00 29.39 ? 1   ALA A N   1 
ATOM   2    C  CA  . ALA A 1 1   ? -4.036  5.486   -7.337  1.00 29.49 ? 1   ALA A CA  1 
ATOM   3    C  C   . ALA A 1 1   ? -3.111  5.803   -6.160  1.00 30.47 ? 1   ALA A C   1 
ATOM   4    O  O   . ALA A 1 1   ? -3.557  5.907   -5.014  1.00 30.77 ? 1   ALA A O   1 
ATOM   5    C  CB  . ALA A 1 1   ? -4.377  6.763   -8.112  1.00 27.21 ? 1   ALA A CB  1 
ATOM   6    N  N   . LEU A 1 2   ? -1.826  5.956   -6.452  1.00 29.45 ? 2   LEU A N   1 
ATOM   7    C  CA  . LEU A 1 2   ? -0.836  6.235   -5.423  1.00 31.63 ? 2   LEU A CA  1 
ATOM   8    C  C   . LEU A 1 2   ? -1.198  7.367   -4.452  1.00 31.95 ? 2   LEU A C   1 
ATOM   9    O  O   . LEU A 1 2   ? -1.050  7.216   -3.240  1.00 30.57 ? 2   LEU A O   1 
ATOM   10   C  CB  . LEU A 1 2   ? 0.517   6.541   -6.068  1.00 31.90 ? 2   LEU A CB  1 
ATOM   11   C  CG  . LEU A 1 2   ? 1.649   6.784   -5.067  1.00 32.41 ? 2   LEU A CG  1 
ATOM   12   C  CD1 . LEU A 1 2   ? 1.994   5.470   -4.386  1.00 33.34 ? 2   LEU A CD1 1 
ATOM   13   C  CD2 . LEU A 1 2   ? 2.867   7.359   -5.778  1.00 33.77 ? 2   LEU A CD2 1 
ATOM   14   N  N   . TRP A 1 3   ? -1.672  8.494   -4.973  1.00 32.76 ? 3   TRP A N   1 
ATOM   15   C  CA  . TRP A 1 3   ? -2.013  9.615   -4.107  1.00 33.52 ? 3   TRP A CA  1 
ATOM   16   C  C   . TRP A 1 3   ? -3.198  9.326   -3.195  1.00 32.91 ? 3   TRP A C   1 
ATOM   17   O  O   . TRP A 1 3   ? -3.328  9.925   -2.130  1.00 34.50 ? 3   TRP A O   1 
ATOM   18   C  CB  . TRP A 1 3   ? -2.285  10.882  -4.932  1.00 33.60 ? 3   TRP A CB  1 
ATOM   19   C  CG  . TRP A 1 3   ? -3.587  10.903  -5.668  1.00 33.34 ? 3   TRP A CG  1 
ATOM   20   C  CD1 . TRP A 1 3   ? -3.817  10.483  -6.943  1.00 34.52 ? 3   TRP A CD1 1 
ATOM   21   C  CD2 . TRP A 1 3   ? -4.835  11.401  -5.176  1.00 34.24 ? 3   TRP A CD2 1 
ATOM   22   N  NE1 . TRP A 1 3   ? -5.134  10.694  -7.283  1.00 34.92 ? 3   TRP A NE1 1 
ATOM   23   C  CE2 . TRP A 1 3   ? -5.782  11.255  -6.214  1.00 34.51 ? 3   TRP A CE2 1 
ATOM   24   C  CE3 . TRP A 1 3   ? -5.247  11.958  -3.957  1.00 35.12 ? 3   TRP A CE3 1 
ATOM   25   C  CZ2 . TRP A 1 3   ? -7.118  11.647  -6.073  1.00 35.19 ? 3   TRP A CZ2 1 
ATOM   26   C  CZ3 . TRP A 1 3   ? -6.576  12.346  -3.816  1.00 36.64 ? 3   TRP A CZ3 1 
ATOM   27   C  CH2 . TRP A 1 3   ? -7.496  12.188  -4.872  1.00 36.11 ? 3   TRP A CH2 1 
ATOM   28   N  N   . GLN A 1 4   ? -4.059  8.404   -3.608  1.00 32.34 ? 4   GLN A N   1 
ATOM   29   C  CA  . GLN A 1 4   ? -5.223  8.043   -2.810  1.00 31.77 ? 4   GLN A CA  1 
ATOM   30   C  C   . GLN A 1 4   ? -4.809  7.100   -1.698  1.00 32.01 ? 4   GLN A C   1 
ATOM   31   O  O   . GLN A 1 4   ? -5.351  7.134   -0.594  1.00 34.07 ? 4   GLN A O   1 
ATOM   32   C  CB  . GLN A 1 4   ? -6.272  7.376   -3.688  1.00 30.88 ? 4   GLN A CB  1 
ATOM   33   C  CG  . GLN A 1 4   ? -6.823  8.289   -4.764  1.00 32.19 ? 4   GLN A CG  1 
ATOM   34   C  CD  . GLN A 1 4   ? -7.813  7.590   -5.669  1.00 32.59 ? 4   GLN A CD  1 
ATOM   35   O  OE1 . GLN A 1 4   ? -7.471  6.634   -6.367  1.00 32.02 ? 4   GLN A OE1 1 
ATOM   36   N  NE2 . GLN A 1 4   ? -9.049  8.061   -5.661  1.00 33.86 ? 4   GLN A NE2 1 
ATOM   37   N  N   . PHE A 1 5   ? -3.846  6.247   -2.005  1.00 33.01 ? 5   PHE A N   1 
ATOM   38   C  CA  . PHE A 1 5   ? -3.332  5.291   -1.043  1.00 32.43 ? 5   PHE A CA  1 
ATOM   39   C  C   . PHE A 1 5   ? -2.759  6.089   0.133   1.00 32.41 ? 5   PHE A C   1 
ATOM   40   O  O   . PHE A 1 5   ? -2.996  5.760   1.291   1.00 31.63 ? 5   PHE A O   1 
ATOM   41   C  CB  . PHE A 1 5   ? -2.254  4.438   -1.725  1.00 32.20 ? 5   PHE A CB  1 
ATOM   42   C  CG  . PHE A 1 5   ? -1.728  3.303   -0.887  1.00 32.48 ? 5   PHE A CG  1 
ATOM   43   C  CD1 . PHE A 1 5   ? -2.572  2.574   -0.056  1.00 33.07 ? 5   PHE A CD1 1 
ATOM   44   C  CD2 . PHE A 1 5   ? -0.389  2.929   -0.976  1.00 33.83 ? 5   PHE A CD2 1 
ATOM   45   C  CE1 . PHE A 1 5   ? -2.088  1.489   0.675   1.00 34.85 ? 5   PHE A CE1 1 
ATOM   46   C  CE2 . PHE A 1 5   ? 0.105   1.848   -0.254  1.00 33.82 ? 5   PHE A CE2 1 
ATOM   47   C  CZ  . PHE A 1 5   ? -0.744  1.125   0.574   1.00 35.13 ? 5   PHE A CZ  1 
ATOM   48   N  N   . ARG A 1 6   ? -2.022  7.150   -0.173  1.00 32.92 ? 6   ARG A N   1 
ATOM   49   C  CA  . ARG A 1 6   ? -1.432  7.981   0.872   1.00 35.10 ? 6   ARG A CA  1 
ATOM   50   C  C   . ARG A 1 6   ? -2.491  8.581   1.797   1.00 35.37 ? 6   ARG A C   1 
ATOM   51   O  O   . ARG A 1 6   ? -2.273  8.670   3.001   1.00 36.37 ? 6   ARG A O   1 
ATOM   52   C  CB  . ARG A 1 6   ? -0.564  9.087   0.253   1.00 35.62 ? 6   ARG A CB  1 
ATOM   53   C  CG  . ARG A 1 6   ? 0.680   8.540   -0.432  1.00 37.08 ? 6   ARG A CG  1 
ATOM   54   C  CD  . ARG A 1 6   ? 1.705   9.612   -0.732  1.00 36.71 ? 6   ARG A CD  1 
ATOM   55   N  NE  . ARG A 1 6   ? 1.276   10.492  -1.808  1.00 39.04 ? 6   ARG A NE  1 
ATOM   56   C  CZ  . ARG A 1 6   ? 1.856   10.556  -3.003  1.00 38.65 ? 6   ARG A CZ  1 
ATOM   57   N  NH1 . ARG A 1 6   ? 1.386   11.394  -3.917  1.00 37.55 ? 6   ARG A NH1 1 
ATOM   58   N  NH2 . ARG A 1 6   ? 2.906   9.790   -3.281  1.00 34.68 ? 6   ARG A NH2 1 
ATOM   59   N  N   . SER A 1 7   ? -3.634  8.981   1.242   1.00 34.97 ? 7   SER A N   1 
ATOM   60   C  CA  . SER A 1 7   ? -4.715  9.547   2.046   1.00 36.35 ? 7   SER A CA  1 
ATOM   61   C  C   . SER A 1 7   ? -5.414  8.451   2.839   1.00 36.26 ? 7   SER A C   1 
ATOM   62   O  O   . SER A 1 7   ? -5.731  8.627   4.011   1.00 36.36 ? 7   SER A O   1 
ATOM   63   C  CB  . SER A 1 7   ? -5.752  10.244  1.164   1.00 36.49 ? 7   SER A CB  1 
ATOM   64   O  OG  . SER A 1 7   ? -5.209  11.407  0.571   1.00 42.23 ? 7   SER A OG  1 
ATOM   65   N  N   . MET A 1 8   ? -5.660  7.326   2.180   1.00 35.98 ? 8   MET A N   1 
ATOM   66   C  CA  . MET A 1 8   ? -6.315  6.194   2.804   1.00 36.21 ? 8   MET A CA  1 
ATOM   67   C  C   . MET A 1 8   ? -5.540  5.781   4.053   1.00 38.66 ? 8   MET A C   1 
ATOM   68   O  O   . MET A 1 8   ? -6.126  5.424   5.081   1.00 37.98 ? 8   MET A O   1 
ATOM   69   C  CB  . MET A 1 8   ? -6.363  5.031   1.820   1.00 36.34 ? 8   MET A CB  1 
ATOM   70   C  CG  . MET A 1 8   ? -7.200  3.870   2.277   1.00 34.90 ? 8   MET A CG  1 
ATOM   71   S  SD  . MET A 1 8   ? -7.186  2.515   1.103   1.00 36.63 ? 8   MET A SD  1 
ATOM   72   C  CE  . MET A 1 8   ? -8.421  3.034   -0.057  1.00 32.51 ? 8   MET A CE  1 
ATOM   73   N  N   . ILE A 1 9   ? -4.215  5.835   3.953   1.00 38.28 ? 9   ILE A N   1 
ATOM   74   C  CA  . ILE A 1 9   ? -3.345  5.471   5.062   1.00 39.42 ? 9   ILE A CA  1 
ATOM   75   C  C   . ILE A 1 9   ? -3.500  6.455   6.224   1.00 41.36 ? 9   ILE A C   1 
ATOM   76   O  O   . ILE A 1 9   ? -3.545  6.055   7.386   1.00 40.36 ? 9   ILE A O   1 
ATOM   77   C  CB  . ILE A 1 9   ? -1.866  5.435   4.607   1.00 37.48 ? 9   ILE A CB  1 
ATOM   78   C  CG1 . ILE A 1 9   ? -1.678  4.337   3.553   1.00 36.98 ? 9   ILE A CG1 1 
ATOM   79   C  CG2 . ILE A 1 9   ? -0.960  5.179   5.791   1.00 37.19 ? 9   ILE A CG2 1 
ATOM   80   C  CD1 . ILE A 1 9   ? -0.350  4.377   2.860   1.00 33.83 ? 9   ILE A CD1 1 
ATOM   81   N  N   . LYS A 1 10  ? -3.583  7.742   5.906   1.00 43.37 ? 10  LYS A N   1 
ATOM   82   C  CA  . LYS A 1 10  ? -3.745  8.758   6.936   1.00 46.84 ? 10  LYS A CA  1 
ATOM   83   C  C   . LYS A 1 10  ? -5.137  8.656   7.550   1.00 48.21 ? 10  LYS A C   1 
ATOM   84   O  O   . LYS A 1 10  ? -5.400  9.216   8.611   1.00 49.39 ? 10  LYS A O   1 
ATOM   85   C  CB  . LYS A 1 10  ? -3.497  10.145  6.339   1.00 47.12 ? 10  LYS A CB  1 
ATOM   86   C  CG  . LYS A 1 10  ? -2.031  10.356  5.981   1.00 48.51 ? 10  LYS A CG  1 
ATOM   87   C  CD  . LYS A 1 10  ? -1.815  11.428  4.923   1.00 51.24 ? 10  LYS A CD  1 
ATOM   88   C  CE  . LYS A 1 10  ? -0.377  11.363  4.400   1.00 52.88 ? 10  LYS A CE  1 
ATOM   89   N  NZ  . LYS A 1 10  ? -0.116  12.253  3.231   1.00 53.73 ? 10  LYS A NZ  1 
ATOM   90   N  N   . CYS A 1 11  ? -6.020  7.925   6.876   1.00 49.27 ? 11  CYS A N   1 
ATOM   91   C  CA  . CYS A 1 11  ? -7.379  7.713   7.361   1.00 49.47 ? 11  CYS A CA  1 
ATOM   92   C  C   . CYS A 1 11  ? -7.346  6.626   8.428   1.00 50.21 ? 11  CYS A C   1 
ATOM   93   O  O   . CYS A 1 11  ? -7.920  6.777   9.507   1.00 49.68 ? 11  CYS A O   1 
ATOM   94   C  CB  . CYS A 1 11  ? -8.295  7.276   6.218   1.00 49.32 ? 11  CYS A CB  1 
ATOM   95   S  SG  . CYS A 1 11  ? -9.847  6.498   6.775   1.00 51.14 ? 11  CYS A SG  1 
ATOM   96   N  N   . ALA A 1 12  ? -6.669  5.526   8.116   1.00 50.27 ? 12  ALA A N   1 
ATOM   97   C  CA  . ALA A 1 12  ? -6.550  4.411   9.047   1.00 50.91 ? 12  ALA A CA  1 
ATOM   98   C  C   . ALA A 1 12  ? -5.655  4.804   10.218  1.00 51.36 ? 12  ALA A C   1 
ATOM   99   O  O   . ALA A 1 12  ? -5.774  4.252   11.306  1.00 51.38 ? 12  ALA A O   1 
ATOM   100  C  CB  . ALA A 1 12  ? -5.979  3.195   8.335   1.00 49.61 ? 12  ALA A CB  1 
ATOM   101  N  N   . ILE A 1 13  ? -4.759  5.757   9.985   1.00 52.72 ? 13  ILE A N   1 
ATOM   102  C  CA  . ILE A 1 13  ? -3.850  6.232   11.022  1.00 54.67 ? 13  ILE A CA  1 
ATOM   103  C  C   . ILE A 1 13  ? -3.956  7.751   11.136  1.00 57.32 ? 13  ILE A C   1 
ATOM   104  O  O   . ILE A 1 13  ? -3.140  8.485   10.577  1.00 57.09 ? 13  ILE A O   1 
ATOM   105  C  CB  . ILE A 1 13  ? -2.385  5.871   10.700  1.00 53.85 ? 13  ILE A CB  1 
ATOM   106  C  CG1 . ILE A 1 13  ? -2.254  4.367   10.469  1.00 53.71 ? 13  ILE A CG1 1 
ATOM   107  C  CG2 . ILE A 1 13  ? -1.481  6.292   11.844  1.00 53.10 ? 13  ILE A CG2 1 
ATOM   108  C  CD1 . ILE A 1 13  ? -0.882  3.949   9.990   1.00 51.54 ? 13  ILE A CD1 1 
ATOM   109  N  N   . PRO A 1 14  ? -4.968  8.244   11.865  1.00 60.07 ? 14  PRO A N   1 
ATOM   110  C  CA  . PRO A 1 14  ? -5.174  9.683   12.048  1.00 63.03 ? 14  PRO A CA  1 
ATOM   111  C  C   . PRO A 1 14  ? -3.842  10.406  12.212  1.00 66.04 ? 14  PRO A C   1 
ATOM   112  O  O   . PRO A 1 14  ? -3.646  11.501  11.683  1.00 66.30 ? 14  PRO A O   1 
ATOM   113  C  CB  . PRO A 1 14  ? -6.028  9.743   13.309  1.00 62.77 ? 14  PRO A CB  1 
ATOM   114  C  CG  . PRO A 1 14  ? -6.874  8.520   13.173  1.00 62.04 ? 14  PRO A CG  1 
ATOM   115  C  CD  . PRO A 1 14  ? -5.872  7.471   12.734  1.00 61.06 ? 14  PRO A CD  1 
ATOM   116  N  N   . GLY A 1 15  ? -2.935  9.774   12.953  1.00 68.80 ? 15  GLY A N   1 
ATOM   117  C  CA  . GLY A 1 15  ? -1.609  10.324  13.176  1.00 71.96 ? 15  GLY A CA  1 
ATOM   118  C  C   . GLY A 1 15  ? -1.538  11.787  13.563  1.00 74.40 ? 15  GLY A C   1 
ATOM   119  O  O   . GLY A 1 15  ? -2.556  12.446  13.783  1.00 74.80 ? 15  GLY A O   1 
ATOM   120  N  N   . SER A 1 16  ? -0.312  12.292  13.644  1.00 76.91 ? 16  SER A N   1 
ATOM   121  C  CA  . SER A 1 16  ? -0.063  13.683  14.005  1.00 79.11 ? 16  SER A CA  1 
ATOM   122  C  C   . SER A 1 16  ? 0.792   14.362  12.938  1.00 80.80 ? 16  SER A C   1 
ATOM   123  O  O   . SER A 1 16  ? 1.386   15.416  13.181  1.00 81.10 ? 16  SER A O   1 
ATOM   124  C  CB  . SER A 1 16  ? 0.643   13.757  15.366  1.00 79.61 ? 16  SER A CB  1 
ATOM   125  O  OG  . SER A 1 16  ? 1.871   13.043  15.353  1.00 80.17 ? 16  SER A OG  1 
ATOM   126  N  N   . HIS A 1 17  ? 0.847   13.749  11.758  1.00 81.97 ? 17  HIS A N   1 
ATOM   127  C  CA  . HIS A 1 17  ? 1.623   14.280  10.641  1.00 82.89 ? 17  HIS A CA  1 
ATOM   128  C  C   . HIS A 1 17  ? 0.945   14.003  9.301   1.00 83.37 ? 17  HIS A C   1 
ATOM   129  O  O   . HIS A 1 17  ? 0.958   12.872  8.811   1.00 83.60 ? 17  HIS A O   1 
ATOM   130  C  CB  . HIS A 1 17  ? 3.029   13.668  10.632  1.00 83.94 ? 17  HIS A CB  1 
ATOM   131  C  CG  . HIS A 1 17  ? 3.999   14.355  11.544  1.00 85.50 ? 17  HIS A CG  1 
ATOM   132  N  ND1 . HIS A 1 17  ? 4.411   15.656  11.348  1.00 85.77 ? 17  HIS A ND1 1 
ATOM   133  C  CD2 . HIS A 1 17  ? 4.645   13.918  12.651  1.00 85.74 ? 17  HIS A CD2 1 
ATOM   134  C  CE1 . HIS A 1 17  ? 5.271   15.991  12.295  1.00 85.97 ? 17  HIS A CE1 1 
ATOM   135  N  NE2 . HIS A 1 17  ? 5.430   14.954  13.098  1.00 86.00 ? 17  HIS A NE2 1 
ATOM   136  N  N   . PRO A 1 18  ? 0.329   15.036  8.697   1.00 83.41 ? 18  PRO A N   1 
ATOM   137  C  CA  . PRO A 1 18  ? -0.356  14.909  7.403   1.00 83.38 ? 18  PRO A CA  1 
ATOM   138  C  C   . PRO A 1 18  ? 0.627   14.476  6.313   1.00 83.04 ? 18  PRO A C   1 
ATOM   139  O  O   . PRO A 1 18  ? 1.004   13.305  6.239   1.00 83.43 ? 18  PRO A O   1 
ATOM   140  C  CB  . PRO A 1 18  ? -0.903  16.316  7.164   1.00 83.30 ? 18  PRO A CB  1 
ATOM   141  C  CG  . PRO A 1 18  ? -1.166  16.808  8.556   1.00 83.29 ? 18  PRO A CG  1 
ATOM   142  C  CD  . PRO A 1 18  ? 0.080   16.363  9.289   1.00 83.45 ? 18  PRO A CD  1 
ATOM   143  N  N   . LEU A 1 19  ? 1.035   15.422  5.469   1.00 82.20 ? 19  LEU A N   1 
ATOM   144  C  CA  . LEU A 1 19  ? 1.993   15.127  4.407   1.00 81.30 ? 19  LEU A CA  1 
ATOM   145  C  C   . LEU A 1 19  ? 3.394   15.114  5.017   1.00 80.49 ? 19  LEU A C   1 
ATOM   146  O  O   . LEU A 1 19  ? 4.256   15.913  4.642   1.00 80.23 ? 19  LEU A O   1 
ATOM   147  C  CB  . LEU A 1 19  ? 1.923   16.186  3.300   1.00 81.09 ? 19  LEU A CB  1 
ATOM   148  C  CG  . LEU A 1 19  ? 0.608   16.360  2.535   1.00 80.83 ? 19  LEU A CG  1 
ATOM   149  C  CD1 . LEU A 1 19  ? 0.794   17.415  1.460   1.00 80.03 ? 19  LEU A CD1 1 
ATOM   150  C  CD2 . LEU A 1 19  ? 0.181   15.041  1.910   1.00 80.21 ? 19  LEU A CD2 1 
ATOM   151  N  N   . MET A 1 20  ? 3.605   14.208  5.967   1.00 79.29 ? 20  MET A N   1 
ATOM   152  C  CA  . MET A 1 20  ? 4.888   14.073  6.652   1.00 78.24 ? 20  MET A CA  1 
ATOM   153  C  C   . MET A 1 20  ? 5.938   13.493  5.714   1.00 76.44 ? 20  MET A C   1 
ATOM   154  O  O   . MET A 1 20  ? 7.122   13.430  6.054   1.00 76.88 ? 20  MET A O   1 
ATOM   155  C  CB  . MET A 1 20  ? 4.747   13.144  7.861   1.00 79.14 ? 20  MET A CB  1 
ATOM   156  C  CG  . MET A 1 20  ? 4.371   11.713  7.487   1.00 80.43 ? 20  MET A CG  1 
ATOM   157  S  SD  . MET A 1 20  ? 4.419   10.562  8.875   1.00 81.54 ? 20  MET A SD  1 
ATOM   158  C  CE  . MET A 1 20  ? 6.147   10.077  8.845   1.00 81.13 ? 20  MET A CE  1 
ATOM   159  N  N   . ASP A 1 21  ? 5.496   13.071  4.534   1.00 73.47 ? 21  ASP A N   1 
ATOM   160  C  CA  . ASP A 1 21  ? 6.385   12.470  3.550   1.00 70.71 ? 21  ASP A CA  1 
ATOM   161  C  C   . ASP A 1 21  ? 6.900   11.133  4.050   1.00 67.69 ? 21  ASP A C   1 
ATOM   162  O  O   . ASP A 1 21  ? 7.692   11.064  4.992   1.00 67.31 ? 21  ASP A O   1 
ATOM   163  C  CB  . ASP A 1 21  ? 7.570   13.384  3.244   1.00 71.74 ? 21  ASP A CB  1 
ATOM   164  C  CG  . ASP A 1 21  ? 7.166   14.613  2.474   1.00 73.41 ? 21  ASP A CG  1 
ATOM   165  O  OD1 . ASP A 1 21  ? 8.074   15.329  2.001   1.00 74.60 ? 21  ASP A OD1 1 
ATOM   166  O  OD2 . ASP A 1 21  ? 5.947   14.864  2.344   1.00 74.08 ? 21  ASP A OD2 1 
ATOM   167  N  N   . PHE A 1 22  ? 6.438   10.071  3.408   1.00 63.85 ? 22  PHE A N   1 
ATOM   168  C  CA  . PHE A 1 22  ? 6.845   8.729   3.771   1.00 60.12 ? 22  PHE A CA  1 
ATOM   169  C  C   . PHE A 1 22  ? 8.205   8.414   3.165   1.00 58.57 ? 22  PHE A C   1 
ATOM   170  O  O   . PHE A 1 22  ? 8.480   8.768   2.019   1.00 59.32 ? 22  PHE A O   1 
ATOM   171  C  CB  . PHE A 1 22  ? 5.821   7.714   3.263   1.00 58.31 ? 22  PHE A CB  1 
ATOM   172  C  CG  . PHE A 1 22  ? 4.437   7.909   3.813   1.00 55.97 ? 22  PHE A CG  1 
ATOM   173  C  CD1 . PHE A 1 22  ? 4.207   7.882   5.184   1.00 54.96 ? 22  PHE A CD1 1 
ATOM   174  C  CD2 . PHE A 1 22  ? 3.354   8.086   2.955   1.00 55.43 ? 22  PHE A CD2 1 
ATOM   175  C  CE1 . PHE A 1 22  ? 2.917   8.022   5.691   1.00 54.83 ? 22  PHE A CE1 1 
ATOM   176  C  CE2 . PHE A 1 22  ? 2.062   8.227   3.453   1.00 53.34 ? 22  PHE A CE2 1 
ATOM   177  C  CZ  . PHE A 1 22  ? 1.843   8.194   4.823   1.00 54.16 ? 22  PHE A CZ  1 
ATOM   178  N  N   . ASN A 1 23  ? 9.056   7.757   3.947   1.00 55.88 ? 23  ASN A N   1 
ATOM   179  C  CA  . ASN A 1 23  ? 10.378  7.353   3.486   1.00 52.38 ? 23  ASN A CA  1 
ATOM   180  C  C   . ASN A 1 23  ? 10.339  5.840   3.328   1.00 49.49 ? 23  ASN A C   1 
ATOM   181  O  O   . ASN A 1 23  ? 9.445   5.185   3.861   1.00 48.16 ? 23  ASN A O   1 
ATOM   182  C  CB  . ASN A 1 23  ? 11.445  7.720   4.516   1.00 54.11 ? 23  ASN A CB  1 
ATOM   183  C  CG  . ASN A 1 23  ? 11.678  9.207   4.606   1.00 55.46 ? 23  ASN A CG  1 
ATOM   184  O  OD1 . ASN A 1 23  ? 12.079  9.840   3.632   1.00 56.16 ? 23  ASN A OD1 1 
ATOM   185  N  ND2 . ASN A 1 23  ? 11.427  9.775   5.778   1.00 57.52 ? 23  ASN A ND2 1 
ATOM   186  N  N   . ASN A 1 24  ? 11.299  5.282   2.599   1.00 46.55 ? 24  ASN A N   1 
ATOM   187  C  CA  . ASN A 1 24  ? 11.341  3.837   2.417   1.00 44.33 ? 24  ASN A CA  1 
ATOM   188  C  C   . ASN A 1 24  ? 11.483  3.156   3.771   1.00 43.16 ? 24  ASN A C   1 
ATOM   189  O  O   . ASN A 1 24  ? 11.992  3.742   4.729   1.00 42.78 ? 24  ASN A O   1 
ATOM   190  C  CB  . ASN A 1 24  ? 12.515  3.432   1.524   1.00 44.15 ? 24  ASN A CB  1 
ATOM   191  C  CG  . ASN A 1 24  ? 12.223  3.618   0.047   1.00 45.11 ? 24  ASN A CG  1 
ATOM   192  O  OD1 . ASN A 1 24  ? 13.005  3.191   -0.799  1.00 48.61 ? 24  ASN A OD1 1 
ATOM   193  N  ND2 . ASN A 1 24  ? 11.099  4.255   -0.271  1.00 44.50 ? 24  ASN A ND2 1 
ATOM   194  N  N   . TYR A 1 25  ? 11.033  1.912   3.847   1.00 40.97 ? 25  TYR A N   1 
ATOM   195  C  CA  . TYR A 1 25  ? 11.118  1.162   5.087   1.00 39.18 ? 25  TYR A CA  1 
ATOM   196  C  C   . TYR A 1 25  ? 11.284  -0.315  4.789   1.00 37.46 ? 25  TYR A C   1 
ATOM   197  O  O   . TYR A 1 25  ? 10.587  -0.874  3.944   1.00 36.94 ? 25  TYR A O   1 
ATOM   198  C  CB  . TYR A 1 25  ? 9.858   1.400   5.921   1.00 38.84 ? 25  TYR A CB  1 
ATOM   199  C  CG  . TYR A 1 25  ? 9.826   0.677   7.249   1.00 39.26 ? 25  TYR A CG  1 
ATOM   200  C  CD1 . TYR A 1 25  ? 9.526   -0.685  7.320   1.00 40.27 ? 25  TYR A CD1 1 
ATOM   201  C  CD2 . TYR A 1 25  ? 10.073  1.360   8.441   1.00 40.13 ? 25  TYR A CD2 1 
ATOM   202  C  CE1 . TYR A 1 25  ? 9.470   -1.348  8.541   1.00 39.31 ? 25  TYR A CE1 1 
ATOM   203  C  CE2 . TYR A 1 25  ? 10.021  0.708   9.669   1.00 40.43 ? 25  TYR A CE2 1 
ATOM   204  C  CZ  . TYR A 1 25  ? 9.718   -0.646  9.712   1.00 40.71 ? 25  TYR A CZ  1 
ATOM   205  O  OH  . TYR A 1 25  ? 9.666   -1.296  10.920  1.00 40.20 ? 25  TYR A OH  1 
ATOM   206  N  N   . GLY A 1 26  ? 12.227  -0.940  5.480   1.00 36.95 ? 26  GLY A N   1 
ATOM   207  C  CA  . GLY A 1 26  ? 12.461  -2.356  5.288   1.00 35.71 ? 26  GLY A CA  1 
ATOM   208  C  C   . GLY A 1 26  ? 12.818  -2.776  3.875   1.00 34.69 ? 26  GLY A C   1 
ATOM   209  O  O   . GLY A 1 26  ? 13.397  -2.016  3.097   1.00 34.94 ? 26  GLY A O   1 
ATOM   210  N  N   . CYS A 1 27  ? 12.439  -3.998  3.540   1.00 34.10 ? 27  CYS A N   1 
ATOM   211  C  CA  . CYS A 1 27  ? 12.745  -4.574  2.242   1.00 33.49 ? 27  CYS A CA  1 
ATOM   212  C  C   . CYS A 1 27  ? 11.684  -4.414  1.160   1.00 33.30 ? 27  CYS A C   1 
ATOM   213  O  O   . CYS A 1 27  ? 11.985  -4.575  -0.029  1.00 33.44 ? 27  CYS A O   1 
ATOM   214  C  CB  . CYS A 1 27  ? 13.040  -6.062  2.425   1.00 34.06 ? 27  CYS A CB  1 
ATOM   215  S  SG  . CYS A 1 27  ? 14.494  -6.410  3.460   1.00 34.91 ? 27  CYS A SG  1 
ATOM   216  N  N   . TYR A 1 28  ? 10.453  -4.099  1.558   1.00 32.02 ? 28  TYR A N   1 
ATOM   217  C  CA  . TYR A 1 28  ? 9.370   -3.977  0.594   1.00 31.65 ? 28  TYR A CA  1 
ATOM   218  C  C   . TYR A 1 28  ? 8.620   -2.660  0.546   1.00 33.69 ? 28  TYR A C   1 
ATOM   219  O  O   . TYR A 1 28  ? 7.967   -2.368  -0.457  1.00 33.38 ? 28  TYR A O   1 
ATOM   220  C  CB  . TYR A 1 28  ? 8.386   -5.132  0.794   1.00 30.85 ? 28  TYR A CB  1 
ATOM   221  C  CG  . TYR A 1 28  ? 8.896   -6.414  0.178   1.00 32.36 ? 28  TYR A CG  1 
ATOM   222  C  CD1 . TYR A 1 28  ? 8.667   -6.695  -1.165  1.00 29.95 ? 28  TYR A CD1 1 
ATOM   223  C  CD2 . TYR A 1 28  ? 9.692   -7.299  0.913   1.00 32.35 ? 28  TYR A CD2 1 
ATOM   224  C  CE1 . TYR A 1 28  ? 9.223   -7.816  -1.773  1.00 31.23 ? 28  TYR A CE1 1 
ATOM   225  C  CE2 . TYR A 1 28  ? 10.254  -8.430  0.317   1.00 31.11 ? 28  TYR A CE2 1 
ATOM   226  C  CZ  . TYR A 1 28  ? 10.020  -8.677  -1.032  1.00 30.44 ? 28  TYR A CZ  1 
ATOM   227  O  OH  . TYR A 1 28  ? 10.626  -9.741  -1.656  1.00 28.06 ? 28  TYR A OH  1 
ATOM   228  N  N   . CYS A 1 29  ? 8.695   -1.870  1.614   1.00 33.62 ? 29  CYS A N   1 
ATOM   229  C  CA  . CYS A 1 29  ? 8.015   -0.585  1.626   1.00 33.48 ? 29  CYS A CA  1 
ATOM   230  C  C   . CYS A 1 29  ? 8.845   0.372   0.778   1.00 33.54 ? 29  CYS A C   1 
ATOM   231  O  O   . CYS A 1 29  ? 9.859   0.911   1.222   1.00 32.89 ? 29  CYS A O   1 
ATOM   232  C  CB  . CYS A 1 29  ? 7.871   -0.045  3.053   1.00 32.50 ? 29  CYS A CB  1 
ATOM   233  S  SG  . CYS A 1 29  ? 6.976   -1.119  4.218   1.00 34.70 ? 29  CYS A SG  1 
ATOM   234  N  N   . GLY A 1 30  ? 8.395   0.567   -0.453  1.00 33.76 ? 30  GLY A N   1 
ATOM   235  C  CA  . GLY A 1 30  ? 9.092   1.431   -1.382  1.00 34.40 ? 30  GLY A CA  1 
ATOM   236  C  C   . GLY A 1 30  ? 8.937   0.823   -2.757  1.00 35.43 ? 30  GLY A C   1 
ATOM   237  O  O   . GLY A 1 30  ? 8.377   -0.265  -2.900  1.00 35.78 ? 30  GLY A O   1 
ATOM   238  N  N   . LEU A 1 31  ? 9.430   1.513   -3.774  1.00 36.84 ? 31  LEU A N   1 
ATOM   239  C  CA  . LEU A 1 31  ? 9.321   1.010   -5.130  1.00 37.59 ? 31  LEU A CA  1 
ATOM   240  C  C   . LEU A 1 31  ? 10.048  -0.321  -5.202  1.00 37.94 ? 31  LEU A C   1 
ATOM   241  O  O   . LEU A 1 31  ? 11.222  -0.403  -4.866  1.00 38.33 ? 31  LEU A O   1 
ATOM   242  C  CB  . LEU A 1 31  ? 9.938   2.008   -6.104  1.00 38.97 ? 31  LEU A CB  1 
ATOM   243  C  CG  . LEU A 1 31  ? 9.458   1.958   -7.558  1.00 40.25 ? 31  LEU A CG  1 
ATOM   244  C  CD1 . LEU A 1 31  ? 7.934   2.019   -7.605  1.00 39.84 ? 31  LEU A CD1 1 
ATOM   245  C  CD2 . LEU A 1 31  ? 10.055  3.129   -8.320  1.00 39.91 ? 31  LEU A CD2 1 
ATOM   246  N  N   . GLY A 1 32  ? 9.343   -1.367  -5.618  1.00 38.17 ? 32  GLY A N   1 
ATOM   247  C  CA  . GLY A 1 32  ? 9.961   -2.674  -5.716  1.00 36.30 ? 32  GLY A CA  1 
ATOM   248  C  C   . GLY A 1 32  ? 10.111  -3.380  -4.382  1.00 36.21 ? 32  GLY A C   1 
ATOM   249  O  O   . GLY A 1 32  ? 9.407   -3.085  -3.417  1.00 36.61 ? 32  GLY A O   1 
ATOM   250  N  N   . GLY A 1 33  ? 11.048  -4.320  -4.337  1.00 36.37 ? 33  GLY A N   1 
ATOM   251  C  CA  . GLY A 1 33  ? 11.298  -5.081  -3.128  1.00 35.09 ? 33  GLY A CA  1 
ATOM   252  C  C   . GLY A 1 33  ? 12.128  -6.305  -3.458  1.00 34.90 ? 33  GLY A C   1 
ATOM   253  O  O   . GLY A 1 33  ? 12.214  -6.705  -4.621  1.00 34.61 ? 33  GLY A O   1 
ATOM   254  N  N   . SER A 1 34  ? 12.739  -6.907  -2.442  1.00 33.91 ? 34  SER A N   1 
ATOM   255  C  CA  . SER A 1 34  ? 13.567  -8.085  -2.657  1.00 33.77 ? 34  SER A CA  1 
ATOM   256  C  C   . SER A 1 34  ? 13.755  -8.865  -1.367  1.00 33.22 ? 34  SER A C   1 
ATOM   257  O  O   . SER A 1 34  ? 13.576  -8.334  -0.274  1.00 35.01 ? 34  SER A O   1 
ATOM   258  C  CB  . SER A 1 34  ? 14.930  -7.664  -3.199  1.00 32.60 ? 34  SER A CB  1 
ATOM   259  O  OG  . SER A 1 34  ? 15.614  -6.885  -2.235  1.00 33.50 ? 34  SER A OG  1 
ATOM   260  N  N   . GLY A 1 35  ? 14.116  -10.136 -1.497  1.00 33.81 ? 35  GLY A N   1 
ATOM   261  C  CA  . GLY A 1 35  ? 14.329  -10.952 -0.321  1.00 31.67 ? 35  GLY A CA  1 
ATOM   262  C  C   . GLY A 1 35  ? 13.086  -11.136 0.528   1.00 32.87 ? 35  GLY A C   1 
ATOM   263  O  O   . GLY A 1 35  ? 11.965  -11.180 0.016   1.00 32.45 ? 35  GLY A O   1 
ATOM   264  N  N   . THR A 1 36  ? 13.295  -11.225 1.836   1.00 31.38 ? 36  THR A N   1 
ATOM   265  C  CA  . THR A 1 36  ? 12.227  -11.447 2.794   1.00 31.57 ? 36  THR A CA  1 
ATOM   266  C  C   . THR A 1 36  ? 11.927  -10.223 3.670   1.00 33.49 ? 36  THR A C   1 
ATOM   267  O  O   . THR A 1 36  ? 12.841  -9.529  4.107   1.00 34.34 ? 36  THR A O   1 
ATOM   268  C  CB  . THR A 1 36  ? 12.608  -12.634 3.699   1.00 31.33 ? 36  THR A CB  1 
ATOM   269  O  OG1 . THR A 1 36  ? 12.774  -13.805 2.895   1.00 32.68 ? 36  THR A OG1 1 
ATOM   270  C  CG2 . THR A 1 36  ? 11.544  -12.889 4.750   1.00 32.85 ? 36  THR A CG2 1 
ATOM   271  N  N   . PRO A 1 37  ? 10.639  -9.954  3.945   1.00 33.88 ? 37  PRO A N   1 
ATOM   272  C  CA  . PRO A 1 37  ? 10.247  -8.811  4.779   1.00 34.85 ? 37  PRO A CA  1 
ATOM   273  C  C   . PRO A 1 37  ? 10.957  -8.937  6.124   1.00 36.15 ? 37  PRO A C   1 
ATOM   274  O  O   . PRO A 1 37  ? 11.115  -10.049 6.623   1.00 35.46 ? 37  PRO A O   1 
ATOM   275  C  CB  . PRO A 1 37  ? 8.738   -8.989  4.937   1.00 34.77 ? 37  PRO A CB  1 
ATOM   276  C  CG  . PRO A 1 37  ? 8.347   -9.798  3.751   1.00 37.04 ? 37  PRO A CG  1 
ATOM   277  C  CD  . PRO A 1 37  ? 9.469   -10.776 3.603   1.00 34.90 ? 37  PRO A CD  1 
ATOM   278  N  N   . VAL A 1 38  ? 11.360  -7.816  6.719   1.00 36.86 ? 38  VAL A N   1 
ATOM   279  C  CA  . VAL A 1 38  ? 12.064  -7.866  7.999   1.00 37.79 ? 38  VAL A CA  1 
ATOM   280  C  C   . VAL A 1 38  ? 11.184  -7.845  9.232   1.00 38.62 ? 38  VAL A C   1 
ATOM   281  O  O   . VAL A 1 38  ? 11.613  -8.276  10.301  1.00 39.76 ? 38  VAL A O   1 
ATOM   282  C  CB  . VAL A 1 38  ? 13.080  -6.719  8.144   1.00 37.47 ? 38  VAL A CB  1 
ATOM   283  C  CG1 . VAL A 1 38  ? 14.147  -6.843  7.082   1.00 37.89 ? 38  VAL A CG1 1 
ATOM   284  C  CG2 . VAL A 1 38  ? 12.369  -5.375  8.065   1.00 37.77 ? 38  VAL A CG2 1 
ATOM   285  N  N   . ASP A 1 39  ? 9.966   -7.336  9.102   1.00 39.23 ? 39  ASP A N   1 
ATOM   286  C  CA  . ASP A 1 39  ? 9.068   -7.287  10.246  1.00 40.21 ? 39  ASP A CA  1 
ATOM   287  C  C   . ASP A 1 39  ? 7.605   -7.168  9.853   1.00 41.10 ? 39  ASP A C   1 
ATOM   288  O  O   . ASP A 1 39  ? 7.252   -7.277  8.682   1.00 42.31 ? 39  ASP A O   1 
ATOM   289  C  CB  . ASP A 1 39  ? 9.434   -6.123  11.171  1.00 41.22 ? 39  ASP A CB  1 
ATOM   290  C  CG  . ASP A 1 39  ? 9.306   -4.774  10.491  1.00 41.75 ? 39  ASP A CG  1 
ATOM   291  O  OD1 . ASP A 1 39  ? 8.478   -4.639  9.564   1.00 42.37 ? 39  ASP A OD1 1 
ATOM   292  O  OD2 . ASP A 1 39  ? 10.024  -3.841  10.896  1.00 42.04 ? 39  ASP A OD2 1 
ATOM   293  N  N   . GLU A 1 40  ? 6.763   -6.928  10.853  1.00 41.62 ? 40  GLU A N   1 
ATOM   294  C  CA  . GLU A 1 40  ? 5.324   -6.805  10.660  1.00 41.40 ? 40  GLU A CA  1 
ATOM   295  C  C   . GLU A 1 40  ? 4.948   -5.776  9.595   1.00 40.57 ? 40  GLU A C   1 
ATOM   296  O  O   . GLU A 1 40  ? 4.241   -6.084  8.636   1.00 41.00 ? 40  GLU A O   1 
ATOM   297  C  CB  . GLU A 1 40  ? 4.661   -6.414  11.979  1.00 44.31 ? 40  GLU A CB  1 
ATOM   298  C  CG  . GLU A 1 40  ? 3.204   -6.799  12.061  1.00 47.08 ? 40  GLU A CG  1 
ATOM   299  C  CD  . GLU A 1 40  ? 3.026   -8.226  12.524  1.00 49.52 ? 40  GLU A CD  1 
ATOM   300  O  OE1 . GLU A 1 40  ? 3.199   -8.473  13.736  1.00 50.80 ? 40  GLU A OE1 1 
ATOM   301  O  OE2 . GLU A 1 40  ? 2.728   -9.100  11.681  1.00 51.43 ? 40  GLU A OE2 1 
ATOM   302  N  N   . LEU A 1 41  ? 5.418   -4.551  9.780   1.00 39.82 ? 41  LEU A N   1 
ATOM   303  C  CA  . LEU A 1 41  ? 5.122   -3.468  8.855   1.00 38.45 ? 41  LEU A CA  1 
ATOM   304  C  C   . LEU A 1 41  ? 5.616   -3.814  7.458   1.00 38.47 ? 41  LEU A C   1 
ATOM   305  O  O   . LEU A 1 41  ? 4.899   -3.629  6.470   1.00 38.34 ? 41  LEU A O   1 
ATOM   306  C  CB  . LEU A 1 41  ? 5.777   -2.173  9.346   1.00 38.57 ? 41  LEU A CB  1 
ATOM   307  C  CG  . LEU A 1 41  ? 5.469   -0.886  8.576   1.00 37.10 ? 41  LEU A CG  1 
ATOM   308  C  CD1 . LEU A 1 41  ? 3.960   -0.688  8.445   1.00 36.75 ? 41  LEU A CD1 1 
ATOM   309  C  CD2 . LEU A 1 41  ? 6.100   0.284   9.303   1.00 36.16 ? 41  LEU A CD2 1 
ATOM   310  N  N   . ASP A 1 42  ? 6.838   -4.334  7.385   1.00 35.91 ? 42  ASP A N   1 
ATOM   311  C  CA  . ASP A 1 42  ? 7.424   -4.712  6.109   1.00 34.30 ? 42  ASP A CA  1 
ATOM   312  C  C   . ASP A 1 42  ? 6.566   -5.793  5.446   1.00 33.85 ? 42  ASP A C   1 
ATOM   313  O  O   . ASP A 1 42  ? 6.378   -5.785  4.232   1.00 32.58 ? 42  ASP A O   1 
ATOM   314  C  CB  . ASP A 1 42  ? 8.861   -5.199  6.322   1.00 33.04 ? 42  ASP A CB  1 
ATOM   315  C  CG  . ASP A 1 42  ? 9.707   -5.104  5.063   1.00 33.51 ? 42  ASP A CG  1 
ATOM   316  O  OD1 . ASP A 1 42  ? 9.354   -4.314  4.162   1.00 32.82 ? 42  ASP A OD1 1 
ATOM   317  O  OD2 . ASP A 1 42  ? 10.739  -5.805  4.981   1.00 34.93 ? 42  ASP A OD2 1 
ATOM   318  N  N   . ARG A 1 43  ? 6.033   -6.718  6.240   1.00 33.76 ? 43  ARG A N   1 
ATOM   319  C  CA  . ARG A 1 43  ? 5.195   -7.776  5.679   1.00 33.50 ? 43  ARG A CA  1 
ATOM   320  C  C   . ARG A 1 43  ? 3.961   -7.154  5.048   1.00 34.05 ? 43  ARG A C   1 
ATOM   321  O  O   . ARG A 1 43  ? 3.503   -7.592  3.988   1.00 33.17 ? 43  ARG A O   1 
ATOM   322  C  CB  . ARG A 1 43  ? 4.774   -8.773  6.751   1.00 32.58 ? 43  ARG A CB  1 
ATOM   323  C  CG  . ARG A 1 43  ? 5.872   -9.734  7.142   1.00 34.05 ? 43  ARG A CG  1 
ATOM   324  C  CD  . ARG A 1 43  ? 5.315   -10.880 7.957   1.00 33.44 ? 43  ARG A CD  1 
ATOM   325  N  NE  . ARG A 1 43  ? 6.331   -11.878 8.257   1.00 33.87 ? 43  ARG A NE  1 
ATOM   326  C  CZ  . ARG A 1 43  ? 6.077   -13.039 8.851   1.00 34.35 ? 43  ARG A CZ  1 
ATOM   327  N  NH1 . ARG A 1 43  ? 7.064   -13.891 9.090   1.00 34.49 ? 43  ARG A NH1 1 
ATOM   328  N  NH2 . ARG A 1 43  ? 4.834   -13.348 9.201   1.00 36.70 ? 43  ARG A NH2 1 
ATOM   329  N  N   . CYS A 1 44  ? 3.425   -6.136  5.714   1.00 34.90 ? 44  CYS A N   1 
ATOM   330  C  CA  . CYS A 1 44  ? 2.263   -5.429  5.196   1.00 35.54 ? 44  CYS A CA  1 
ATOM   331  C  C   . CYS A 1 44  ? 2.599   -4.937  3.778   1.00 34.97 ? 44  CYS A C   1 
ATOM   332  O  O   . CYS A 1 44  ? 1.799   -5.071  2.859   1.00 34.73 ? 44  CYS A O   1 
ATOM   333  C  CB  . CYS A 1 44  ? 1.927   -4.225  6.083   1.00 36.48 ? 44  CYS A CB  1 
ATOM   334  S  SG  . CYS A 1 44  ? 1.253   -4.574  7.746   1.00 35.93 ? 44  CYS A SG  1 
ATOM   335  N  N   . CYS A 1 45  ? 3.793   -4.382  3.604   1.00 34.63 ? 45  CYS A N   1 
ATOM   336  C  CA  . CYS A 1 45  ? 4.197   -3.877  2.293   1.00 34.91 ? 45  CYS A CA  1 
ATOM   337  C  C   . CYS A 1 45  ? 4.433   -4.972  1.263   1.00 34.52 ? 45  CYS A C   1 
ATOM   338  O  O   . CYS A 1 45  ? 4.135   -4.780  0.084   1.00 34.49 ? 45  CYS A O   1 
ATOM   339  C  CB  . CYS A 1 45  ? 5.449   -3.002  2.407   1.00 34.75 ? 45  CYS A CB  1 
ATOM   340  S  SG  . CYS A 1 45  ? 5.178   -1.464  3.345   1.00 39.12 ? 45  CYS A SG  1 
ATOM   341  N  N   . GLU A 1 46  ? 4.963   -6.114  1.697   1.00 34.37 ? 46  GLU A N   1 
ATOM   342  C  CA  . GLU A 1 46  ? 5.208   -7.212  0.769   1.00 34.11 ? 46  GLU A CA  1 
ATOM   343  C  C   . GLU A 1 46  ? 3.876   -7.751  0.262   1.00 34.37 ? 46  GLU A C   1 
ATOM   344  O  O   . GLU A 1 46  ? 3.713   -8.020  -0.925  1.00 35.64 ? 46  GLU A O   1 
ATOM   345  C  CB  . GLU A 1 46  ? 5.981   -8.351  1.441   1.00 33.36 ? 46  GLU A CB  1 
ATOM   346  C  CG  . GLU A 1 46  ? 6.439   -9.402  0.433   1.00 33.91 ? 46  GLU A CG  1 
ATOM   347  C  CD  . GLU A 1 46  ? 6.459   -10.809 0.988   1.00 33.32 ? 46  GLU A CD  1 
ATOM   348  O  OE1 . GLU A 1 46  ? 6.835   -11.727 0.236   1.00 34.52 ? 46  GLU A OE1 1 
ATOM   349  O  OE2 . GLU A 1 46  ? 6.100   -11.005 2.166   1.00 35.91 ? 46  GLU A OE2 1 
ATOM   350  N  N   . THR A 1 47  ? 2.925   -7.915  1.175   1.00 34.90 ? 47  THR A N   1 
ATOM   351  C  CA  . THR A 1 47  ? 1.602   -8.411  0.820   1.00 33.85 ? 47  THR A CA  1 
ATOM   352  C  C   . THR A 1 47  ? 0.995   -7.466  -0.217  1.00 33.27 ? 47  THR A C   1 
ATOM   353  O  O   . THR A 1 47  ? 0.411   -7.899  -1.212  1.00 32.82 ? 47  THR A O   1 
ATOM   354  C  CB  . THR A 1 47  ? 0.688   -8.470  2.064   1.00 34.26 ? 47  THR A CB  1 
ATOM   355  O  OG1 . THR A 1 47  ? 1.304   -9.292  3.062   1.00 33.99 ? 47  THR A OG1 1 
ATOM   356  C  CG2 . THR A 1 47  ? -0.681  -9.050  1.708   1.00 33.20 ? 47  THR A CG2 1 
ATOM   357  N  N   . HIS A 1 48  ? 1.160   -6.171  0.023   1.00 32.40 ? 48  HIS A N   1 
ATOM   358  C  CA  . HIS A 1 48  ? 0.654   -5.141  -0.878  1.00 31.64 ? 48  HIS A CA  1 
ATOM   359  C  C   . HIS A 1 48  ? 1.322   -5.290  -2.253  1.00 32.00 ? 48  HIS A C   1 
ATOM   360  O  O   . HIS A 1 48  ? 0.643   -5.272  -3.282  1.00 31.71 ? 48  HIS A O   1 
ATOM   361  C  CB  . HIS A 1 48  ? 0.941   -3.763  -0.284  1.00 30.63 ? 48  HIS A CB  1 
ATOM   362  C  CG  . HIS A 1 48  ? 0.307   -2.636  -1.033  1.00 30.16 ? 48  HIS A CG  1 
ATOM   363  N  ND1 . HIS A 1 48  ? 1.039   -1.707  -1.738  1.00 29.67 ? 48  HIS A ND1 1 
ATOM   364  C  CD2 . HIS A 1 48  ? -0.992  -2.276  -1.170  1.00 30.25 ? 48  HIS A CD2 1 
ATOM   365  C  CE1 . HIS A 1 48  ? 0.219   -0.821  -2.276  1.00 30.68 ? 48  HIS A CE1 1 
ATOM   366  N  NE2 . HIS A 1 48  ? -1.019  -1.143  -1.946  1.00 30.44 ? 48  HIS A NE2 1 
ATOM   367  N  N   . ASP A 1 49  ? 2.646   -5.441  -2.273  1.00 30.27 ? 49  ASP A N   1 
ATOM   368  C  CA  . ASP A 1 49  ? 3.357   -5.621  -3.536  1.00 31.29 ? 49  ASP A CA  1 
ATOM   369  C  C   . ASP A 1 49  ? 2.816   -6.855  -4.266  1.00 31.72 ? 49  ASP A C   1 
ATOM   370  O  O   . ASP A 1 49  ? 2.584   -6.826  -5.478  1.00 32.33 ? 49  ASP A O   1 
ATOM   371  C  CB  . ASP A 1 49  ? 4.866   -5.812  -3.314  1.00 30.91 ? 49  ASP A CB  1 
ATOM   372  C  CG  . ASP A 1 49  ? 5.603   -4.511  -3.015  1.00 31.96 ? 49  ASP A CG  1 
ATOM   373  O  OD1 . ASP A 1 49  ? 6.852   -4.527  -3.032  1.00 31.76 ? 49  ASP A OD1 1 
ATOM   374  O  OD2 . ASP A 1 49  ? 4.951   -3.479  -2.759  1.00 32.26 ? 49  ASP A OD2 1 
ATOM   375  N  N   . ASN A 1 50  ? 2.620   -7.944  -3.528  1.00 32.26 ? 50  ASN A N   1 
ATOM   376  C  CA  . ASN A 1 50  ? 2.121   -9.175  -4.131  1.00 32.92 ? 50  ASN A CA  1 
ATOM   377  C  C   . ASN A 1 50  ? 0.690   -9.004  -4.664  1.00 32.85 ? 50  ASN A C   1 
ATOM   378  O  O   . ASN A 1 50  ? 0.315   -9.619  -5.659  1.00 33.15 ? 50  ASN A O   1 
ATOM   379  C  CB  . ASN A 1 50  ? 2.186   -10.334 -3.119  1.00 33.01 ? 50  ASN A CB  1 
ATOM   380  C  CG  . ASN A 1 50  ? 3.624   -10.684 -2.701  1.00 37.31 ? 50  ASN A CG  1 
ATOM   381  O  OD1 . ASN A 1 50  ? 4.577   -10.468 -3.456  1.00 38.12 ? 50  ASN A OD1 1 
ATOM   382  N  ND2 . ASN A 1 50  ? 3.777   -11.242 -1.503  1.00 36.09 ? 50  ASN A ND2 1 
ATOM   383  N  N   . CYS A 1 51  ? -0.101  -8.165  -4.001  1.00 33.66 ? 51  CYS A N   1 
ATOM   384  C  CA  . CYS A 1 51  ? -1.480  -7.911  -4.422  1.00 32.59 ? 51  CYS A CA  1 
ATOM   385  C  C   . CYS A 1 51  ? -1.437  -7.137  -5.745  1.00 33.00 ? 51  CYS A C   1 
ATOM   386  O  O   . CYS A 1 51  ? -2.228  -7.384  -6.656  1.00 32.65 ? 51  CYS A O   1 
ATOM   387  C  CB  . CYS A 1 51  ? -2.197  -7.097  -3.349  1.00 32.83 ? 51  CYS A CB  1 
ATOM   388  S  SG  . CYS A 1 51  ? -4.021  -7.067  -3.402  1.00 34.43 ? 51  CYS A SG  1 
ATOM   389  N  N   . TYR A 1 52  ? -0.501  -6.202  -5.850  1.00 32.45 ? 52  TYR A N   1 
ATOM   390  C  CA  . TYR A 1 52  ? -0.351  -5.430  -7.078  1.00 33.79 ? 52  TYR A CA  1 
ATOM   391  C  C   . TYR A 1 52  ? 0.221   -6.334  -8.163  1.00 34.87 ? 52  TYR A C   1 
ATOM   392  O  O   . TYR A 1 52  ? -0.039  -6.147  -9.349  1.00 33.51 ? 52  TYR A O   1 
ATOM   393  C  CB  . TYR A 1 52  ? 0.569   -4.229  -6.851  1.00 31.87 ? 52  TYR A CB  1 
ATOM   394  C  CG  . TYR A 1 52  ? -0.170  -2.963  -6.468  1.00 32.83 ? 52  TYR A CG  1 
ATOM   395  C  CD1 . TYR A 1 52  ? -1.239  -3.000  -5.573  1.00 31.17 ? 52  TYR A CD1 1 
ATOM   396  C  CD2 . TYR A 1 52  ? 0.213   -1.726  -6.982  1.00 32.58 ? 52  TYR A CD2 1 
ATOM   397  C  CE1 . TYR A 1 52  ? -1.908  -1.835  -5.200  1.00 32.89 ? 52  TYR A CE1 1 
ATOM   398  C  CE2 . TYR A 1 52  ? -0.453  -0.552  -6.611  1.00 32.93 ? 52  TYR A CE2 1 
ATOM   399  C  CZ  . TYR A 1 52  ? -1.509  -0.618  -5.720  1.00 32.28 ? 52  TYR A CZ  1 
ATOM   400  O  OH  . TYR A 1 52  ? -2.161  0.529   -5.336  1.00 33.92 ? 52  TYR A OH  1 
ATOM   401  N  N   . ARG A 1 53  ? 1.001   -7.323  -7.750  1.00 36.45 ? 53  ARG A N   1 
ATOM   402  C  CA  . ARG A 1 53  ? 1.573   -8.258  -8.706  1.00 39.23 ? 53  ARG A CA  1 
ATOM   403  C  C   . ARG A 1 53  ? 0.407   -9.054  -9.302  1.00 39.18 ? 53  ARG A C   1 
ATOM   404  O  O   . ARG A 1 53  ? 0.344   -9.273  -10.507 1.00 38.64 ? 53  ARG A O   1 
ATOM   405  C  CB  . ARG A 1 53  ? 2.562   -9.186  -7.999  1.00 40.32 ? 53  ARG A CB  1 
ATOM   406  C  CG  . ARG A 1 53  ? 3.282   -10.159 -8.910  1.00 44.03 ? 53  ARG A CG  1 
ATOM   407  C  CD  . ARG A 1 53  ? 3.974   -11.210 -8.071  1.00 47.77 ? 53  ARG A CD  1 
ATOM   408  N  NE  . ARG A 1 53  ? 3.024   -11.807 -7.134  1.00 51.45 ? 53  ARG A NE  1 
ATOM   409  C  CZ  . ARG A 1 53  ? 3.352   -12.661 -6.173  1.00 52.54 ? 53  ARG A CZ  1 
ATOM   410  N  NH1 . ARG A 1 53  ? 2.412   -13.146 -5.371  1.00 54.03 ? 53  ARG A NH1 1 
ATOM   411  N  NH2 . ARG A 1 53  ? 4.616   -13.029 -6.016  1.00 53.96 ? 53  ARG A NH2 1 
ATOM   412  N  N   . ASP A 1 54  ? -0.522  -9.471  -8.450  1.00 39.61 ? 54  ASP A N   1 
ATOM   413  C  CA  . ASP A 1 54  ? -1.688  -10.219 -8.912  1.00 41.47 ? 54  ASP A CA  1 
ATOM   414  C  C   . ASP A 1 54  ? -2.494  -9.352  -9.869  1.00 41.71 ? 54  ASP A C   1 
ATOM   415  O  O   . ASP A 1 54  ? -2.961  -9.819  -10.905 1.00 42.49 ? 54  ASP A O   1 
ATOM   416  C  CB  . ASP A 1 54  ? -2.574  -10.623 -7.729  1.00 41.23 ? 54  ASP A CB  1 
ATOM   417  C  CG  . ASP A 1 54  ? -1.913  -11.643 -6.826  1.00 42.49 ? 54  ASP A CG  1 
ATOM   418  O  OD1 . ASP A 1 54  ? -2.424  -11.858 -5.711  1.00 41.69 ? 54  ASP A OD1 1 
ATOM   419  O  OD2 . ASP A 1 54  ? -0.886  -12.235 -7.230  1.00 45.78 ? 54  ASP A OD2 1 
ATOM   420  N  N   . ALA A 1 55  ? -2.651  -8.083  -9.509  1.00 42.59 ? 55  ALA A N   1 
ATOM   421  C  CA  . ALA A 1 55  ? -3.402  -7.141  -10.326 1.00 43.56 ? 55  ALA A CA  1 
ATOM   422  C  C   . ALA A 1 55  ? -2.883  -7.142  -11.758 1.00 44.25 ? 55  ALA A C   1 
ATOM   423  O  O   . ALA A 1 55  ? -3.663  -7.205  -12.711 1.00 43.34 ? 55  ALA A O   1 
ATOM   424  C  CB  . ALA A 1 55  ? -3.297  -5.734  -9.734  1.00 42.30 ? 55  ALA A CB  1 
ATOM   425  N  N   . LYS A 1 56  ? -1.564  -7.073  -11.899 1.00 45.55 ? 56  LYS A N   1 
ATOM   426  C  CA  . LYS A 1 56  ? -0.934  -7.061  -13.211 1.00 47.65 ? 56  LYS A CA  1 
ATOM   427  C  C   . LYS A 1 56  ? -1.210  -8.346  -13.989 1.00 49.16 ? 56  LYS A C   1 
ATOM   428  O  O   . LYS A 1 56  ? -1.077  -8.373  -15.212 1.00 49.46 ? 56  LYS A O   1 
ATOM   429  C  CB  . LYS A 1 56  ? 0.577   -6.859  -13.068 1.00 48.62 ? 56  LYS A CB  1 
ATOM   430  C  CG  . LYS A 1 56  ? 0.988   -5.482  -12.558 1.00 49.02 ? 56  LYS A CG  1 
ATOM   431  C  CD  . LYS A 1 56  ? 2.504   -5.379  -12.432 1.00 50.77 ? 56  LYS A CD  1 
ATOM   432  C  CE  . LYS A 1 56  ? 2.931   -4.046  -11.837 1.00 51.86 ? 56  LYS A CE  1 
ATOM   433  N  NZ  . LYS A 1 56  ? 4.404   -3.972  -11.619 1.00 52.05 ? 56  LYS A NZ  1 
ATOM   434  N  N   . ASN A 1 57  ? -1.598  -9.402  -13.282 1.00 49.49 ? 57  ASN A N   1 
ATOM   435  C  CA  . ASN A 1 57  ? -1.882  -10.681 -13.925 1.00 50.86 ? 57  ASN A CA  1 
ATOM   436  C  C   . ASN A 1 57  ? -3.357  -10.906 -14.220 1.00 51.50 ? 57  ASN A C   1 
ATOM   437  O  O   . ASN A 1 57  ? -3.739  -11.971 -14.692 1.00 52.81 ? 57  ASN A O   1 
ATOM   438  C  CB  . ASN A 1 57  ? -1.353  -11.826 -13.069 1.00 50.98 ? 57  ASN A CB  1 
ATOM   439  C  CG  . ASN A 1 57  ? 0.156   -11.892 -13.068 1.00 51.98 ? 57  ASN A CG  1 
ATOM   440  O  OD1 . ASN A 1 57  ? 0.770   -12.317 -12.091 1.00 53.46 ? 57  ASN A OD1 1 
ATOM   441  N  ND2 . ASN A 1 57  ? 0.765   -11.477 -14.172 1.00 52.42 ? 57  ASN A ND2 1 
ATOM   442  N  N   . LEU A 1 58  ? -4.191  -9.914  -13.934 1.00 52.03 ? 58  LEU A N   1 
ATOM   443  C  CA  . LEU A 1 58  ? -5.613  -10.044 -14.217 1.00 51.58 ? 58  LEU A CA  1 
ATOM   444  C  C   . LEU A 1 58  ? -5.791  -10.063 -15.731 1.00 51.85 ? 58  LEU A C   1 
ATOM   445  O  O   . LEU A 1 58  ? -5.339  -9.160  -16.430 1.00 51.85 ? 58  LEU A O   1 
ATOM   446  C  CB  . LEU A 1 58  ? -6.383  -8.872  -13.608 1.00 51.29 ? 58  LEU A CB  1 
ATOM   447  C  CG  . LEU A 1 58  ? -6.517  -8.889  -12.082 1.00 51.23 ? 58  LEU A CG  1 
ATOM   448  C  CD1 . LEU A 1 58  ? -7.072  -7.563  -11.588 1.00 49.56 ? 58  LEU A CD1 1 
ATOM   449  C  CD2 . LEU A 1 58  ? -7.426  -10.039 -11.669 1.00 50.79 ? 58  LEU A CD2 1 
ATOM   450  N  N   . ASP A 1 59  ? -6.442  -11.103 -16.238 1.00 53.28 ? 59  ASP A N   1 
ATOM   451  C  CA  . ASP A 1 59  ? -6.659  -11.231 -17.674 1.00 53.80 ? 59  ASP A CA  1 
ATOM   452  C  C   . ASP A 1 59  ? -7.588  -10.152 -18.215 1.00 52.56 ? 59  ASP A C   1 
ATOM   453  O  O   . ASP A 1 59  ? -7.525  -9.801  -19.393 1.00 52.99 ? 59  ASP A O   1 
ATOM   454  C  CB  . ASP A 1 59  ? -7.219  -12.623 -17.994 1.00 56.77 ? 59  ASP A CB  1 
ATOM   455  C  CG  . ASP A 1 59  ? -8.413  -12.986 -17.127 1.00 60.22 ? 59  ASP A CG  1 
ATOM   456  O  OD1 . ASP A 1 59  ? -8.307  -12.851 -15.887 1.00 63.21 ? 59  ASP A OD1 1 
ATOM   457  O  OD2 . ASP A 1 59  ? -9.453  -13.412 -17.678 1.00 60.44 ? 59  ASP A OD2 1 
ATOM   458  N  N   . SER A 1 60  ? -8.436  -9.613  -17.347 1.00 50.80 ? 60  SER A N   1 
ATOM   459  C  CA  . SER A 1 60  ? -9.387  -8.578  -17.737 1.00 48.48 ? 60  SER A CA  1 
ATOM   460  C  C   . SER A 1 60  ? -8.898  -7.143  -17.498 1.00 46.58 ? 60  SER A C   1 
ATOM   461  O  O   . SER A 1 60  ? -9.508  -6.183  -17.974 1.00 45.55 ? 60  SER A O   1 
ATOM   462  C  CB  . SER A 1 60  ? -10.702 -8.803  -16.995 1.00 49.73 ? 60  SER A CB  1 
ATOM   463  O  OG  . SER A 1 60  ? -10.453 -9.117  -15.633 1.00 51.08 ? 60  SER A OG  1 
ATOM   464  N  N   . CYS A 1 61  ? -7.797  -6.994  -16.771 1.00 43.86 ? 61  CYS A N   1 
ATOM   465  C  CA  . CYS A 1 61  ? -7.272  -5.663  -16.483 1.00 41.34 ? 61  CYS A CA  1 
ATOM   466  C  C   . CYS A 1 61  ? -5.891  -5.414  -17.057 1.00 39.70 ? 61  CYS A C   1 
ATOM   467  O  O   . CYS A 1 61  ? -5.020  -6.278  -17.004 1.00 38.58 ? 61  CYS A O   1 
ATOM   468  C  CB  . CYS A 1 61  ? -7.214  -5.426  -14.974 1.00 40.41 ? 61  CYS A CB  1 
ATOM   469  S  SG  . CYS A 1 61  ? -8.793  -5.712  -14.130 1.00 41.19 ? 61  CYS A SG  1 
ATOM   470  N  N   . LYS A 1 62  ? -5.715  -4.213  -17.594 1.00 38.46 ? 62  LYS A N   1 
ATOM   471  C  CA  . LYS A 1 62  ? -4.457  -3.757  -18.169 1.00 39.68 ? 62  LYS A CA  1 
ATOM   472  C  C   . LYS A 1 62  ? -4.410  -2.269  -17.819 1.00 38.47 ? 62  LYS A C   1 
ATOM   473  O  O   . LYS A 1 62  ? -5.207  -1.488  -18.327 1.00 37.84 ? 62  LYS A O   1 
ATOM   474  C  CB  . LYS A 1 62  ? -4.474  -3.944  -19.687 1.00 41.96 ? 62  LYS A CB  1 
ATOM   475  C  CG  . LYS A 1 62  ? -3.177  -3.591  -20.382 1.00 45.01 ? 62  LYS A CG  1 
ATOM   476  C  CD  . LYS A 1 62  ? -2.051  -4.507  -19.948 1.00 48.61 ? 62  LYS A CD  1 
ATOM   477  C  CE  . LYS A 1 62  ? -0.809  -4.303  -20.811 1.00 50.11 ? 62  LYS A CE  1 
ATOM   478  N  NZ  . LYS A 1 62  ? 0.317   -5.191  -20.384 1.00 50.52 ? 62  LYS A NZ  1 
ATOM   479  N  N   . PHE A 1 63  ? -3.484  -1.878  -16.947 1.00 37.88 ? 63  PHE A N   1 
ATOM   480  C  CA  . PHE A 1 63  ? -3.406  -0.482  -16.525 1.00 36.29 ? 63  PHE A CA  1 
ATOM   481  C  C   . PHE A 1 63  ? -2.434  0.373   -17.316 1.00 36.11 ? 63  PHE A C   1 
ATOM   482  O  O   . PHE A 1 63  ? -1.536  -0.143  -17.974 1.00 36.31 ? 63  PHE A O   1 
ATOM   483  C  CB  . PHE A 1 63  ? -3.043  -0.408  -15.044 1.00 35.37 ? 63  PHE A CB  1 
ATOM   484  C  CG  . PHE A 1 63  ? -3.885  -1.288  -14.176 1.00 34.58 ? 63  PHE A CG  1 
ATOM   485  C  CD1 . PHE A 1 63  ? -3.415  -2.523  -13.755 1.00 34.57 ? 63  PHE A CD1 1 
ATOM   486  C  CD2 . PHE A 1 63  ? -5.163  -0.886  -13.790 1.00 34.45 ? 63  PHE A CD2 1 
ATOM   487  C  CE1 . PHE A 1 63  ? -4.201  -3.349  -12.958 1.00 35.23 ? 63  PHE A CE1 1 
ATOM   488  C  CE2 . PHE A 1 63  ? -5.954  -1.703  -12.995 1.00 33.30 ? 63  PHE A CE2 1 
ATOM   489  C  CZ  . PHE A 1 63  ? -5.474  -2.938  -12.576 1.00 34.90 ? 63  PHE A CZ  1 
ATOM   490  N  N   . LEU A 1 64  ? -2.620  1.688   -17.240 1.00 35.57 ? 64  LEU A N   1 
ATOM   491  C  CA  . LEU A 1 64  ? -1.744  2.620   -17.938 1.00 35.50 ? 64  LEU A CA  1 
ATOM   492  C  C   . LEU A 1 64  ? -0.310  2.250   -17.576 1.00 35.50 ? 64  LEU A C   1 
ATOM   493  O  O   . LEU A 1 64  ? -0.002  2.022   -16.400 1.00 34.14 ? 64  LEU A O   1 
ATOM   494  C  CB  . LEU A 1 64  ? -2.051  4.051   -17.512 1.00 34.30 ? 64  LEU A CB  1 
ATOM   495  C  CG  . LEU A 1 64  ? -1.429  5.154   -18.363 1.00 35.43 ? 64  LEU A CG  1 
ATOM   496  C  CD1 . LEU A 1 64  ? -1.997  5.094   -19.783 1.00 35.03 ? 64  LEU A CD1 1 
ATOM   497  C  CD2 . LEU A 1 64  ? -1.722  6.506   -17.719 1.00 35.65 ? 64  LEU A CD2 1 
ATOM   498  N  N   . VAL A 1 65  ? 0.553   2.190   -18.590 1.00 36.07 ? 65  VAL A N   1 
ATOM   499  C  CA  . VAL A 1 65  ? 1.956   1.795   -18.437 1.00 35.51 ? 65  VAL A CA  1 
ATOM   500  C  C   . VAL A 1 65  ? 2.109   0.638   -17.453 1.00 36.08 ? 65  VAL A C   1 
ATOM   501  O  O   . VAL A 1 65  ? 3.089   0.554   -16.713 1.00 35.92 ? 65  VAL A O   1 
ATOM   502  C  CB  . VAL A 1 65  ? 2.872   2.978   -18.001 1.00 36.26 ? 65  VAL A CB  1 
ATOM   503  C  CG1 . VAL A 1 65  ? 2.889   4.041   -19.092 1.00 34.46 ? 65  VAL A CG1 1 
ATOM   504  C  CG2 . VAL A 1 65  ? 2.413   3.565   -16.673 1.00 36.33 ? 65  VAL A CG2 1 
ATOM   505  N  N   . ASP A 1 66  ? 1.129   -0.261  -17.468 1.00 36.50 ? 66  ASP A N   1 
ATOM   506  C  CA  . ASP A 1 66  ? 1.124   -1.433  -16.599 1.00 38.35 ? 66  ASP A CA  1 
ATOM   507  C  C   . ASP A 1 66  ? 1.408   -1.158  -15.136 1.00 36.84 ? 66  ASP A C   1 
ATOM   508  O  O   . ASP A 1 66  ? 1.980   -2.001  -14.444 1.00 35.98 ? 66  ASP A O   1 
ATOM   509  C  CB  . ASP A 1 66  ? 2.121   -2.479  -17.097 1.00 42.12 ? 66  ASP A CB  1 
ATOM   510  C  CG  . ASP A 1 66  ? 1.537   -3.362  -18.167 1.00 46.44 ? 66  ASP A CG  1 
ATOM   511  O  OD1 . ASP A 1 66  ? 1.443   -2.912  -19.324 1.00 48.76 ? 66  ASP A OD1 1 
ATOM   512  O  OD2 . ASP A 1 66  ? 1.150   -4.505  -17.843 1.00 51.17 ? 66  ASP A OD2 1 
ATOM   513  N  N   . ASN A 1 67  ? 1.014   0.014   -14.658 1.00 34.99 ? 67  ASN A N   1 
ATOM   514  C  CA  . ASN A 1 67  ? 1.248   0.346   -13.264 1.00 33.85 ? 67  ASN A CA  1 
ATOM   515  C  C   . ASN A 1 67  ? -0.072  0.522   -12.524 1.00 33.37 ? 67  ASN A C   1 
ATOM   516  O  O   . ASN A 1 67  ? -0.793  1.494   -12.739 1.00 34.65 ? 67  ASN A O   1 
ATOM   517  C  CB  . ASN A 1 67  ? 2.081   1.622   -13.160 1.00 33.14 ? 67  ASN A CB  1 
ATOM   518  C  CG  . ASN A 1 67  ? 2.474   1.938   -11.732 1.00 33.10 ? 67  ASN A CG  1 
ATOM   519  O  OD1 . ASN A 1 67  ? 2.144   1.197   -10.806 1.00 34.28 ? 67  ASN A OD1 1 
ATOM   520  N  ND2 . ASN A 1 67  ? 3.179   3.045   -11.545 1.00 34.55 ? 67  ASN A ND2 1 
ATOM   521  N  N   . PRO A 1 68  ? -0.415  -0.434  -11.650 1.00 34.66 ? 68  PRO A N   1 
ATOM   522  C  CA  . PRO A 1 68  ? -1.661  -0.367  -10.881 1.00 33.88 ? 68  PRO A CA  1 
ATOM   523  C  C   . PRO A 1 68  ? -1.800  0.942   -10.100 1.00 34.64 ? 68  PRO A C   1 
ATOM   524  O  O   . PRO A 1 68  ? -2.910  1.392   -9.817  1.00 34.33 ? 68  PRO A O   1 
ATOM   525  C  CB  . PRO A 1 68  ? -1.560  -1.584  -9.965  1.00 34.35 ? 68  PRO A CB  1 
ATOM   526  C  CG  . PRO A 1 68  ? -0.826  -2.567  -10.820 1.00 34.34 ? 68  PRO A CG  1 
ATOM   527  C  CD  . PRO A 1 68  ? 0.274   -1.716  -11.413 1.00 34.20 ? 68  PRO A CD  1 
ATOM   528  N  N   . TYR A 1 69  ? -0.669  1.552   -9.759  1.00 32.92 ? 69  TYR A N   1 
ATOM   529  C  CA  . TYR A 1 69  ? -0.688  2.800   -9.010  1.00 32.33 ? 69  TYR A CA  1 
ATOM   530  C  C   . TYR A 1 69  ? -1.328  3.948   -9.778  1.00 32.24 ? 69  TYR A C   1 
ATOM   531  O  O   . TYR A 1 69  ? -1.692  4.961   -9.183  1.00 31.29 ? 69  TYR A O   1 
ATOM   532  C  CB  . TYR A 1 69  ? 0.728   3.204   -8.596  1.00 30.97 ? 69  TYR A CB  1 
ATOM   533  C  CG  . TYR A 1 69  ? 1.166   2.649   -7.264  1.00 32.39 ? 69  TYR A CG  1 
ATOM   534  C  CD1 . TYR A 1 69  ? 0.383   2.829   -6.123  1.00 31.07 ? 69  TYR A CD1 1 
ATOM   535  C  CD2 . TYR A 1 69  ? 2.387   1.983   -7.130  1.00 32.40 ? 69  TYR A CD2 1 
ATOM   536  C  CE1 . TYR A 1 69  ? 0.802   2.366   -4.881  1.00 31.63 ? 69  TYR A CE1 1 
ATOM   537  C  CE2 . TYR A 1 69  ? 2.820   1.515   -5.891  1.00 32.21 ? 69  TYR A CE2 1 
ATOM   538  C  CZ  . TYR A 1 69  ? 2.022   1.710   -4.768  1.00 34.17 ? 69  TYR A CZ  1 
ATOM   539  O  OH  . TYR A 1 69  ? 2.444   1.259   -3.534  1.00 32.81 ? 69  TYR A OH  1 
ATOM   540  N  N   . THR A 1 70  ? -1.457  3.796   -11.092 1.00 31.00 ? 70  THR A N   1 
ATOM   541  C  CA  . THR A 1 70  ? -2.059  4.836   -11.920 1.00 29.01 ? 70  THR A CA  1 
ATOM   542  C  C   . THR A 1 70  ? -3.580  4.773   -11.865 1.00 29.32 ? 70  THR A C   1 
ATOM   543  O  O   . THR A 1 70  ? -4.251  5.753   -12.171 1.00 29.93 ? 70  THR A O   1 
ATOM   544  C  CB  . THR A 1 70  ? -1.655  4.702   -13.408 1.00 30.66 ? 70  THR A CB  1 
ATOM   545  O  OG1 . THR A 1 70  ? -2.182  3.479   -13.938 1.00 29.74 ? 70  THR A OG1 1 
ATOM   546  C  CG2 . THR A 1 70  ? -0.130  4.714   -13.565 1.00 29.13 ? 70  THR A CG2 1 
ATOM   547  N  N   . GLU A 1 71  ? -4.115  3.621   -11.465 1.00 28.67 ? 71  GLU A N   1 
ATOM   548  C  CA  . GLU A 1 71  ? -5.566  3.408   -11.414 1.00 28.97 ? 71  GLU A CA  1 
ATOM   549  C  C   . GLU A 1 71  ? -6.294  4.096   -10.258 1.00 28.84 ? 71  GLU A C   1 
ATOM   550  O  O   . GLU A 1 71  ? -6.199  3.677   -9.102  1.00 28.53 ? 71  GLU A O   1 
ATOM   551  C  CB  . GLU A 1 71  ? -5.861  1.903   -11.382 1.00 28.02 ? 71  GLU A CB  1 
ATOM   552  C  CG  . GLU A 1 71  ? -7.336  1.541   -11.307 1.00 27.08 ? 71  GLU A CG  1 
ATOM   553  C  CD  . GLU A 1 71  ? -8.101  1.949   -12.547 1.00 29.45 ? 71  GLU A CD  1 
ATOM   554  O  OE1 . GLU A 1 71  ? -8.322  3.164   -12.744 1.00 30.95 ? 71  GLU A OE1 1 
ATOM   555  O  OE2 . GLU A 1 71  ? -8.475  1.050   -13.335 1.00 30.32 ? 71  GLU A OE2 1 
ATOM   556  N  N   . SER A 1 72  ? -7.037  5.145   -10.584 1.00 28.69 ? 72  SER A N   1 
ATOM   557  C  CA  . SER A 1 72  ? -7.788  5.884   -9.577  1.00 28.38 ? 72  SER A CA  1 
ATOM   558  C  C   . SER A 1 72  ? -9.102  5.184   -9.288  1.00 28.51 ? 72  SER A C   1 
ATOM   559  O  O   . SER A 1 72  ? -9.743  4.654   -10.191 1.00 28.18 ? 72  SER A O   1 
ATOM   560  C  CB  . SER A 1 72  ? -8.067  7.315   -10.050 1.00 28.76 ? 72  SER A CB  1 
ATOM   561  O  OG  . SER A 1 72  ? -6.859  8.017   -10.292 1.00 28.89 ? 72  SER A OG  1 
ATOM   562  N  N   . TYR A 1 73  ? -9.490  5.181   -8.017  1.00 28.50 ? 73  TYR A N   1 
ATOM   563  C  CA  . TYR A 1 73  ? -10.732 4.557   -7.581  1.00 30.06 ? 73  TYR A CA  1 
ATOM   564  C  C   . TYR A 1 73  ? -11.494 5.504   -6.660  1.00 31.06 ? 73  TYR A C   1 
ATOM   565  O  O   . TYR A 1 73  ? -11.102 6.653   -6.477  1.00 31.89 ? 73  TYR A O   1 
ATOM   566  C  CB  . TYR A 1 73  ? -10.434 3.242   -6.850  1.00 29.47 ? 73  TYR A CB  1 
ATOM   567  C  CG  . TYR A 1 73  ? -9.373  3.353   -5.771  1.00 28.08 ? 73  TYR A CG  1 
ATOM   568  C  CD1 . TYR A 1 73  ? -9.615  4.062   -4.591  1.00 27.63 ? 73  TYR A CD1 1 
ATOM   569  C  CD2 . TYR A 1 73  ? -8.127  2.752   -5.934  1.00 26.80 ? 73  TYR A CD2 1 
ATOM   570  C  CE1 . TYR A 1 73  ? -8.636  4.169   -3.597  1.00 25.73 ? 73  TYR A CE1 1 
ATOM   571  C  CE2 . TYR A 1 73  ? -7.143  2.853   -4.952  1.00 28.00 ? 73  TYR A CE2 1 
ATOM   572  C  CZ  . TYR A 1 73  ? -7.405  3.561   -3.785  1.00 27.16 ? 73  TYR A CZ  1 
ATOM   573  O  OH  . TYR A 1 73  ? -6.437  3.648   -2.812  1.00 26.76 ? 73  TYR A OH  1 
ATOM   574  N  N   . SER A 1 74  ? -12.588 5.022   -6.089  1.00 33.15 ? 74  SER A N   1 
ATOM   575  C  CA  . SER A 1 74  ? -13.379 5.840   -5.182  1.00 34.63 ? 74  SER A CA  1 
ATOM   576  C  C   . SER A 1 74  ? -13.535 5.129   -3.846  1.00 35.06 ? 74  SER A C   1 
ATOM   577  O  O   . SER A 1 74  ? -13.890 3.951   -3.796  1.00 36.49 ? 74  SER A O   1 
ATOM   578  C  CB  . SER A 1 74  ? -14.755 6.123   -5.780  1.00 36.26 ? 74  SER A CB  1 
ATOM   579  O  OG  . SER A 1 74  ? -15.539 6.896   -4.891  1.00 39.99 ? 74  SER A OG  1 
ATOM   580  N  N   . TYR A 1 75  ? -13.255 5.850   -2.767  1.00 35.54 ? 75  TYR A N   1 
ATOM   581  C  CA  . TYR A 1 75  ? -13.371 5.294   -1.425  1.00 36.53 ? 75  TYR A CA  1 
ATOM   582  C  C   . TYR A 1 75  ? -13.755 6.410   -0.449  1.00 37.77 ? 75  TYR A C   1 
ATOM   583  O  O   . TYR A 1 75  ? -13.598 7.590   -0.751  1.00 37.13 ? 75  TYR A O   1 
ATOM   584  C  CB  . TYR A 1 75  ? -12.039 4.681   -0.990  1.00 34.49 ? 75  TYR A CB  1 
ATOM   585  C  CG  . TYR A 1 75  ? -11.049 5.710   -0.507  1.00 33.17 ? 75  TYR A CG  1 
ATOM   586  C  CD1 . TYR A 1 75  ? -10.792 5.874   0.853   1.00 32.71 ? 75  TYR A CD1 1 
ATOM   587  C  CD2 . TYR A 1 75  ? -10.401 6.551   -1.406  1.00 32.53 ? 75  TYR A CD2 1 
ATOM   588  C  CE1 . TYR A 1 75  ? -9.910  6.855   1.307   1.00 33.43 ? 75  TYR A CE1 1 
ATOM   589  C  CE2 . TYR A 1 75  ? -9.522  7.533   -0.965  1.00 33.20 ? 75  TYR A CE2 1 
ATOM   590  C  CZ  . TYR A 1 75  ? -9.282  7.678   0.392   1.00 33.90 ? 75  TYR A CZ  1 
ATOM   591  O  OH  . TYR A 1 75  ? -8.407  8.641   0.825   1.00 35.84 ? 75  TYR A OH  1 
ATOM   592  N  N   . SER A 1 76  ? -14.248 6.021   0.720   1.00 39.63 ? 76  SER A N   1 
ATOM   593  C  CA  . SER A 1 76  ? -14.643 6.984   1.735   1.00 42.09 ? 76  SER A CA  1 
ATOM   594  C  C   . SER A 1 76  ? -14.008 6.632   3.075   1.00 44.71 ? 76  SER A C   1 
ATOM   595  O  O   . SER A 1 76  ? -13.646 5.478   3.321   1.00 44.56 ? 76  SER A O   1 
ATOM   596  C  CB  . SER A 1 76  ? -16.165 7.010   1.869   1.00 41.03 ? 76  SER A CB  1 
ATOM   597  O  OG  . SER A 1 76  ? -16.672 5.720   2.169   1.00 42.55 ? 76  SER A OG  1 
ATOM   598  N  N   . CYS A 1 77  ? -13.878 7.638   3.935   1.00 48.01 ? 77  CYS A N   1 
ATOM   599  C  CA  . CYS A 1 77  ? -13.280 7.461   5.249   1.00 51.15 ? 77  CYS A CA  1 
ATOM   600  C  C   . CYS A 1 77  ? -14.141 8.038   6.369   1.00 53.26 ? 77  CYS A C   1 
ATOM   601  O  O   . CYS A 1 77  ? -14.662 9.147   6.259   1.00 54.06 ? 77  CYS A O   1 
ATOM   602  C  CB  . CYS A 1 77  ? -11.909 8.128   5.288   1.00 50.18 ? 77  CYS A CB  1 
ATOM   603  S  SG  . CYS A 1 77  ? -11.135 8.058   6.932   1.00 54.80 ? 77  CYS A SG  1 
ATOM   604  N  N   . SER A 1 78  ? -14.280 7.282   7.451   1.00 55.81 ? 78  SER A N   1 
ATOM   605  C  CA  . SER A 1 78  ? -15.064 7.724   8.601   1.00 58.62 ? 78  SER A CA  1 
ATOM   606  C  C   . SER A 1 78  ? -14.134 7.791   9.805   1.00 59.99 ? 78  SER A C   1 
ATOM   607  O  O   . SER A 1 78  ? -13.076 8.423   9.763   1.00 61.82 ? 78  SER A O   1 
ATOM   608  C  CB  . SER A 1 78  ? -16.183 6.730   8.892   1.00 58.73 ? 78  SER A CB  1 
ATOM   609  O  OG  . SER A 1 78  ? -15.644 5.522   9.405   1.00 58.92 ? 78  SER A OG  1 
ATOM   610  N  N   . ASN A 1 79  ? -14.537 7.138   10.887  1.00 60.83 ? 79  ASN A N   1 
ATOM   611  C  CA  . ASN A 1 79  ? -13.720 7.100   12.084  1.00 60.84 ? 79  ASN A CA  1 
ATOM   612  C  C   . ASN A 1 79  ? -12.675 6.031   11.805  1.00 59.64 ? 79  ASN A C   1 
ATOM   613  O  O   . ASN A 1 79  ? -12.775 4.909   12.301  1.00 59.78 ? 79  ASN A O   1 
ATOM   614  C  CB  . ASN A 1 79  ? -14.569 6.710   13.293  1.00 63.13 ? 79  ASN A CB  1 
ATOM   615  C  CG  . ASN A 1 79  ? -15.838 7.530   13.396  1.00 65.38 ? 79  ASN A CG  1 
ATOM   616  O  OD1 . ASN A 1 79  ? -15.792 8.761   13.460  1.00 67.02 ? 79  ASN A OD1 1 
ATOM   617  N  ND2 . ASN A 1 79  ? -16.983 6.854   13.406  1.00 65.87 ? 79  ASN A ND2 1 
ATOM   618  N  N   . THR A 1 80  ? -11.696 6.390   10.977  1.00 57.47 ? 80  THR A N   1 
ATOM   619  C  CA  . THR A 1 80  ? -10.611 5.497   10.587  1.00 54.57 ? 80  THR A CA  1 
ATOM   620  C  C   . THR A 1 80  ? -11.096 4.290   9.785   1.00 52.99 ? 80  THR A C   1 
ATOM   621  O  O   . THR A 1 80  ? -10.303 3.433   9.408   1.00 53.50 ? 80  THR A O   1 
ATOM   622  C  CB  . THR A 1 80  ? -9.824  4.988   11.816  1.00 53.77 ? 80  THR A CB  1 
ATOM   623  O  OG1 . THR A 1 80  ? -10.617 4.042   12.543  1.00 53.19 ? 80  THR A OG1 1 
ATOM   624  C  CG2 . THR A 1 80  ? -9.467  6.146   12.726  1.00 53.88 ? 80  THR A CG2 1 
ATOM   625  N  N   . GLU A 1 81  ? -12.398 4.228   9.524   1.00 50.54 ? 81  GLU A N   1 
ATOM   626  C  CA  . GLU A 1 81  ? -12.970 3.128   8.755   1.00 48.42 ? 81  GLU A CA  1 
ATOM   627  C  C   . GLU A 1 81  ? -12.875 3.443   7.263   1.00 45.51 ? 81  GLU A C   1 
ATOM   628  O  O   . GLU A 1 81  ? -13.221 4.538   6.831   1.00 44.81 ? 81  GLU A O   1 
ATOM   629  C  CB  . GLU A 1 81  ? -14.429 2.913   9.160   1.00 51.33 ? 81  GLU A CB  1 
ATOM   630  C  CG  . GLU A 1 81  ? -15.168 1.841   8.377   1.00 55.07 ? 81  GLU A CG  1 
ATOM   631  C  CD  . GLU A 1 81  ? -14.498 0.482   8.454   1.00 58.37 ? 81  GLU A CD  1 
ATOM   632  O  OE1 . GLU A 1 81  ? -14.092 0.082   9.569   1.00 59.25 ? 81  GLU A OE1 1 
ATOM   633  O  OE2 . GLU A 1 81  ? -14.389 -0.191  7.403   1.00 60.52 ? 81  GLU A OE2 1 
ATOM   634  N  N   . ILE A 1 82  ? -12.401 2.477   6.484   1.00 43.28 ? 82  ILE A N   1 
ATOM   635  C  CA  . ILE A 1 82  ? -12.235 2.647   5.043   1.00 40.36 ? 82  ILE A CA  1 
ATOM   636  C  C   . ILE A 1 82  ? -13.251 1.828   4.264   1.00 38.96 ? 82  ILE A C   1 
ATOM   637  O  O   . ILE A 1 82  ? -13.430 0.643   4.529   1.00 38.99 ? 82  ILE A O   1 
ATOM   638  C  CB  . ILE A 1 82  ? -10.833 2.195   4.597   1.00 39.93 ? 82  ILE A CB  1 
ATOM   639  C  CG1 . ILE A 1 82  ? -9.767  3.019   5.319   1.00 39.16 ? 82  ILE A CG1 1 
ATOM   640  C  CG2 . ILE A 1 82  ? -10.697 2.323   3.093   1.00 37.27 ? 82  ILE A CG2 1 
ATOM   641  C  CD1 . ILE A 1 82  ? -8.365  2.476   5.138   1.00 39.57 ? 82  ILE A CD1 1 
ATOM   642  N  N   . THR A 1 83  ? -13.908 2.451   3.292   1.00 38.21 ? 83  THR A N   1 
ATOM   643  C  CA  . THR A 1 83  ? -14.887 1.734   2.490   1.00 37.29 ? 83  THR A CA  1 
ATOM   644  C  C   . THR A 1 83  ? -14.684 2.003   1.004   1.00 37.47 ? 83  THR A C   1 
ATOM   645  O  O   . THR A 1 83  ? -14.765 3.150   0.555   1.00 38.75 ? 83  THR A O   1 
ATOM   646  C  CB  . THR A 1 83  ? -16.333 2.135   2.882   1.00 38.82 ? 83  THR A CB  1 
ATOM   647  O  OG1 . THR A 1 83  ? -16.513 1.962   4.296   1.00 38.52 ? 83  THR A OG1 1 
ATOM   648  C  CG2 . THR A 1 83  ? -17.350 1.262   2.144   1.00 36.60 ? 83  THR A CG2 1 
ATOM   649  N  N   . CYS A 1 84  ? -14.404 0.945   0.246   1.00 36.72 ? 84  CYS A N   1 
ATOM   650  C  CA  . CYS A 1 84  ? -14.209 1.074   -1.194  1.00 35.02 ? 84  CYS A CA  1 
ATOM   651  C  C   . CYS A 1 84  ? -15.579 1.167   -1.835  1.00 34.81 ? 84  CYS A C   1 
ATOM   652  O  O   . CYS A 1 84  ? -16.468 0.378   -1.529  1.00 34.75 ? 84  CYS A O   1 
ATOM   653  C  CB  . CYS A 1 84  ? -13.460 -0.138  -1.757  1.00 35.06 ? 84  CYS A CB  1 
ATOM   654  S  SG  . CYS A 1 84  ? -11.702 -0.183  -1.293  1.00 35.25 ? 84  CYS A SG  1 
ATOM   655  N  N   . ASN A 1 85  ? -15.751 2.135   -2.722  1.00 35.44 ? 85  ASN A N   1 
ATOM   656  C  CA  . ASN A 1 85  ? -17.029 2.330   -3.382  1.00 33.66 ? 85  ASN A CA  1 
ATOM   657  C  C   . ASN A 1 85  ? -17.407 1.130   -4.249  1.00 34.06 ? 85  ASN A C   1 
ATOM   658  O  O   . ASN A 1 85  ? -16.610 0.657   -5.056  1.00 33.36 ? 85  ASN A O   1 
ATOM   659  C  CB  . ASN A 1 85  ? -16.972 3.590   -4.232  1.00 34.93 ? 85  ASN A CB  1 
ATOM   660  C  CG  . ASN A 1 85  ? -18.343 4.082   -4.631  1.00 36.12 ? 85  ASN A CG  1 
ATOM   661  O  OD1 . ASN A 1 85  ? -19.150 3.334   -5.188  1.00 36.96 ? 85  ASN A OD1 1 
ATOM   662  N  ND2 . ASN A 1 85  ? -18.613 5.349   -4.357  1.00 35.79 ? 85  ASN A ND2 1 
ATOM   663  N  N   . SER A 1 86  ? -18.630 0.641   -4.085  1.00 32.85 ? 86  SER A N   1 
ATOM   664  C  CA  . SER A 1 86  ? -19.088 -0.500  -4.862  1.00 32.40 ? 86  SER A CA  1 
ATOM   665  C  C   . SER A 1 86  ? -19.192 -0.167  -6.348  1.00 31.20 ? 86  SER A C   1 
ATOM   666  O  O   . SER A 1 86  ? -19.265 -1.066  -7.183  1.00 31.31 ? 86  SER A O   1 
ATOM   667  C  CB  . SER A 1 86  ? -20.442 -0.993  -4.339  1.00 32.83 ? 86  SER A CB  1 
ATOM   668  O  OG  . SER A 1 86  ? -21.426 0.020   -4.441  1.00 35.77 ? 86  SER A OG  1 
ATOM   669  N  N   . LYS A 1 87  ? -19.185 1.122   -6.680  1.00 31.38 ? 87  LYS A N   1 
ATOM   670  C  CA  . LYS A 1 87  ? -19.283 1.544   -8.077  1.00 31.07 ? 87  LYS A CA  1 
ATOM   671  C  C   . LYS A 1 87  ? -17.926 1.499   -8.791  1.00 30.98 ? 87  LYS A C   1 
ATOM   672  O  O   . LYS A 1 87  ? -17.842 1.769   -9.987  1.00 31.43 ? 87  LYS A O   1 
ATOM   673  C  CB  . LYS A 1 87  ? -19.854 2.957   -8.176  1.00 33.11 ? 87  LYS A CB  1 
ATOM   674  C  CG  . LYS A 1 87  ? -21.170 3.183   -7.442  1.00 34.75 ? 87  LYS A CG  1 
ATOM   675  C  CD  . LYS A 1 87  ? -22.365 2.629   -8.180  1.00 35.31 ? 87  LYS A CD  1 
ATOM   676  C  CE  . LYS A 1 87  ? -23.651 3.215   -7.594  1.00 37.25 ? 87  LYS A CE  1 
ATOM   677  N  NZ  . LYS A 1 87  ? -24.876 2.592   -8.155  1.00 36.68 ? 87  LYS A NZ  1 
ATOM   678  N  N   . ASN A 1 88  ? -16.862 1.186   -8.055  1.00 30.76 ? 88  ASN A N   1 
ATOM   679  C  CA  . ASN A 1 88  ? -15.540 1.073   -8.668  1.00 30.52 ? 88  ASN A CA  1 
ATOM   680  C  C   . ASN A 1 88  ? -15.649 -0.081  -9.669  1.00 30.19 ? 88  ASN A C   1 
ATOM   681  O  O   . ASN A 1 88  ? -16.333 -1.066  -9.390  1.00 30.35 ? 88  ASN A O   1 
ATOM   682  C  CB  . ASN A 1 88  ? -14.474 0.709   -7.621  1.00 28.54 ? 88  ASN A CB  1 
ATOM   683  C  CG  . ASN A 1 88  ? -14.090 1.878   -6.733  1.00 26.75 ? 88  ASN A CG  1 
ATOM   684  O  OD1 . ASN A 1 88  ? -14.128 3.030   -7.157  1.00 29.17 ? 88  ASN A OD1 1 
ATOM   685  N  ND2 . ASN A 1 88  ? -13.683 1.579   -5.503  1.00 25.53 ? 88  ASN A ND2 1 
ATOM   686  N  N   . ASN A 1 89  ? -15.017 0.024   -10.837 1.00 30.39 ? 89  ASN A N   1 
ATOM   687  C  CA  . ASN A 1 89  ? -15.105 -1.103  -11.758 1.00 28.58 ? 89  ASN A CA  1 
ATOM   688  C  C   . ASN A 1 89  ? -14.226 -2.210  -11.174 1.00 30.02 ? 89  ASN A C   1 
ATOM   689  O  O   . ASN A 1 89  ? -13.462 -1.968  -10.226 1.00 27.78 ? 89  ASN A O   1 
ATOM   690  C  CB  . ASN A 1 89  ? -14.688 -0.712  -13.192 1.00 27.84 ? 89  ASN A CB  1 
ATOM   691  C  CG  . ASN A 1 89  ? -13.226 -0.310  -13.319 1.00 25.85 ? 89  ASN A CG  1 
ATOM   692  O  OD1 . ASN A 1 89  ? -12.915 0.771   -13.835 1.00 28.01 ? 89  ASN A OD1 1 
ATOM   693  N  ND2 . ASN A 1 89  ? -12.324 -1.176  -12.878 1.00 25.03 ? 89  ASN A ND2 1 
ATOM   694  N  N   . ALA A 1 90  ? -14.354 -3.420  -11.716 1.00 29.51 ? 90  ALA A N   1 
ATOM   695  C  CA  . ALA A 1 90  ? -13.611 -4.584  -11.223 1.00 30.81 ? 90  ALA A CA  1 
ATOM   696  C  C   . ALA A 1 90  ? -12.113 -4.352  -11.005 1.00 31.03 ? 90  ALA A C   1 
ATOM   697  O  O   . ALA A 1 90  ? -11.572 -4.726  -9.966  1.00 31.23 ? 90  ALA A O   1 
ATOM   698  C  CB  . ALA A 1 90  ? -13.826 -5.775  -12.164 1.00 30.64 ? 90  ALA A CB  1 
ATOM   699  N  N   . CYS A 1 91  ? -11.449 -3.743  -11.981 1.00 31.35 ? 91  CYS A N   1 
ATOM   700  C  CA  . CYS A 1 91  ? -10.019 -3.469  -11.868 1.00 33.47 ? 91  CYS A CA  1 
ATOM   701  C  C   . CYS A 1 91  ? -9.720  -2.474  -10.746 1.00 32.79 ? 91  CYS A C   1 
ATOM   702  O  O   . CYS A 1 91  ? -8.759  -2.641  -9.996  1.00 33.11 ? 91  CYS A O   1 
ATOM   703  C  CB  . CYS A 1 91  ? -9.485  -2.938  -13.199 1.00 34.51 ? 91  CYS A CB  1 
ATOM   704  S  SG  . CYS A 1 91  ? -9.870  -4.060  -14.577 1.00 37.98 ? 91  CYS A SG  1 
ATOM   705  N  N   . GLU A 1 92  ? -10.549 -1.441  -10.641 1.00 32.31 ? 92  GLU A N   1 
ATOM   706  C  CA  . GLU A 1 92  ? -10.390 -0.425  -9.605  1.00 31.23 ? 92  GLU A CA  1 
ATOM   707  C  C   . GLU A 1 92  ? -10.660 -1.022  -8.224  1.00 30.87 ? 92  GLU A C   1 
ATOM   708  O  O   . GLU A 1 92  ? -9.960  -0.715  -7.258  1.00 30.91 ? 92  GLU A O   1 
ATOM   709  C  CB  . GLU A 1 92  ? -11.352 0.739   -9.872  1.00 30.06 ? 92  GLU A CB  1 
ATOM   710  C  CG  . GLU A 1 92  ? -10.970 1.576   -11.079 1.00 29.96 ? 92  GLU A CG  1 
ATOM   711  C  CD  . GLU A 1 92  ? -12.071 2.517   -11.529 1.00 30.08 ? 92  GLU A CD  1 
ATOM   712  O  OE1 . GLU A 1 92  ? -11.759 3.464   -12.276 1.00 32.18 ? 92  GLU A OE1 1 
ATOM   713  O  OE2 . GLU A 1 92  ? -13.244 2.306   -11.150 1.00 33.80 ? 92  GLU A OE2 1 
ATOM   714  N  N   . ALA A 1 93  ? -11.673 -1.881  -8.140  1.00 31.06 ? 93  ALA A N   1 
ATOM   715  C  CA  . ALA A 1 93  ? -12.038 -2.520  -6.880  1.00 30.66 ? 93  ALA A CA  1 
ATOM   716  C  C   . ALA A 1 93  ? -10.909 -3.409  -6.362  1.00 30.95 ? 93  ALA A C   1 
ATOM   717  O  O   . ALA A 1 93  ? -10.627 -3.442  -5.166  1.00 31.83 ? 93  ALA A O   1 
ATOM   718  C  CB  . ALA A 1 93  ? -13.313 -3.343  -7.062  1.00 29.41 ? 93  ALA A CB  1 
ATOM   719  N  N   . PHE A 1 94  ? -10.266 -4.135  -7.267  1.00 33.00 ? 94  PHE A N   1 
ATOM   720  C  CA  . PHE A 1 94  ? -9.171  -5.006  -6.885  1.00 32.42 ? 94  PHE A CA  1 
ATOM   721  C  C   . PHE A 1 94  ? -8.050  -4.145  -6.303  1.00 31.73 ? 94  PHE A C   1 
ATOM   722  O  O   . PHE A 1 94  ? -7.480  -4.479  -5.269  1.00 32.51 ? 94  PHE A O   1 
ATOM   723  C  CB  . PHE A 1 94  ? -8.673  -5.792  -8.104  1.00 34.59 ? 94  PHE A CB  1 
ATOM   724  C  CG  . PHE A 1 94  ? -7.769  -6.943  -7.755  1.00 35.84 ? 94  PHE A CG  1 
ATOM   725  C  CD1 . PHE A 1 94  ? -6.456  -6.718  -7.346  1.00 36.89 ? 94  PHE A CD1 1 
ATOM   726  C  CD2 . PHE A 1 94  ? -8.245  -8.251  -7.802  1.00 37.32 ? 94  PHE A CD2 1 
ATOM   727  C  CE1 . PHE A 1 94  ? -5.627  -7.783  -6.982  1.00 37.59 ? 94  PHE A CE1 1 
ATOM   728  C  CE2 . PHE A 1 94  ? -7.427  -9.322  -7.440  1.00 36.87 ? 94  PHE A CE2 1 
ATOM   729  C  CZ  . PHE A 1 94  ? -6.113  -9.087  -7.028  1.00 37.17 ? 94  PHE A CZ  1 
ATOM   730  N  N   . ILE A 1 95  ? -7.749  -3.026  -6.955  1.00 31.12 ? 95  ILE A N   1 
ATOM   731  C  CA  . ILE A 1 95  ? -6.702  -2.140  -6.459  1.00 30.82 ? 95  ILE A CA  1 
ATOM   732  C  C   . ILE A 1 95  ? -7.109  -1.494  -5.134  1.00 31.78 ? 95  ILE A C   1 
ATOM   733  O  O   . ILE A 1 95  ? -6.308  -1.423  -4.199  1.00 30.87 ? 95  ILE A O   1 
ATOM   734  C  CB  . ILE A 1 95  ? -6.377  -0.996  -7.457  1.00 32.03 ? 95  ILE A CB  1 
ATOM   735  C  CG1 . ILE A 1 95  ? -5.975  -1.565  -8.820  1.00 32.80 ? 95  ILE A CG1 1 
ATOM   736  C  CG2 . ILE A 1 95  ? -5.252  -0.124  -6.893  1.00 30.42 ? 95  ILE A CG2 1 
ATOM   737  C  CD1 . ILE A 1 95  ? -4.839  -2.562  -8.759  1.00 34.78 ? 95  ILE A CD1 1 
ATOM   738  N  N   . CYS A 1 96  ? -8.349  -1.014  -5.055  1.00 31.88 ? 96  CYS A N   1 
ATOM   739  C  CA  . CYS A 1 96  ? -8.820  -0.368  -3.831  1.00 32.91 ? 96  CYS A CA  1 
ATOM   740  C  C   . CYS A 1 96  ? -8.699  -1.325  -2.659  1.00 32.55 ? 96  CYS A C   1 
ATOM   741  O  O   . CYS A 1 96  ? -8.281  -0.935  -1.573  1.00 33.11 ? 96  CYS A O   1 
ATOM   742  C  CB  . CYS A 1 96  ? -10.279 0.089   -3.968  1.00 33.84 ? 96  CYS A CB  1 
ATOM   743  S  SG  . CYS A 1 96  ? -10.830 1.128   -2.574  1.00 33.66 ? 96  CYS A SG  1 
ATOM   744  N  N   . ASN A 1 97  ? -9.061  -2.583  -2.881  1.00 32.07 ? 97  ASN A N   1 
ATOM   745  C  CA  . ASN A 1 97  ? -8.968  -3.580  -1.823  1.00 34.13 ? 97  ASN A CA  1 
ATOM   746  C  C   . ASN A 1 97  ? -7.533  -3.833  -1.389  1.00 34.06 ? 97  ASN A C   1 
ATOM   747  O  O   . ASN A 1 97  ? -7.264  -3.995  -0.200  1.00 33.10 ? 97  ASN A O   1 
ATOM   748  C  CB  . ASN A 1 97  ? -9.611  -4.886  -2.265  1.00 38.48 ? 97  ASN A CB  1 
ATOM   749  C  CG  . ASN A 1 97  ? -11.113 -4.844  -2.153  1.00 45.32 ? 97  ASN A CG  1 
ATOM   750  O  OD1 . ASN A 1 97  ? -11.654 -4.601  -1.068  1.00 48.10 ? 97  ASN A OD1 1 
ATOM   751  N  ND2 . ASN A 1 97  ? -11.805 -5.070  -3.269  1.00 48.38 ? 97  ASN A ND2 1 
ATOM   752  N  N   . CYS A 1 98  ? -6.612  -3.879  -2.348  1.00 33.47 ? 98  CYS A N   1 
ATOM   753  C  CA  . CYS A 1 98  ? -5.210  -4.092  -2.014  1.00 33.24 ? 98  CYS A CA  1 
ATOM   754  C  C   . CYS A 1 98  ? -4.786  -2.958  -1.076  1.00 33.27 ? 98  CYS A C   1 
ATOM   755  O  O   . CYS A 1 98  ? -4.180  -3.190  -0.031  1.00 32.09 ? 98  CYS A O   1 
ATOM   756  C  CB  . CYS A 1 98  ? -4.328  -4.048  -3.266  1.00 33.65 ? 98  CYS A CB  1 
ATOM   757  S  SG  . CYS A 1 98  ? -4.457  -5.409  -4.479  1.00 35.13 ? 98  CYS A SG  1 
ATOM   758  N  N   . ASP A 1 99  ? -5.116  -1.729  -1.463  1.00 33.17 ? 99  ASP A N   1 
ATOM   759  C  CA  . ASP A 1 99  ? -4.768  -0.549  -0.678  1.00 33.06 ? 99  ASP A CA  1 
ATOM   760  C  C   . ASP A 1 99  ? -5.413  -0.537  0.705   1.00 35.31 ? 99  ASP A C   1 
ATOM   761  O  O   . ASP A 1 99  ? -4.762  -0.200  1.698   1.00 34.10 ? 99  ASP A O   1 
ATOM   762  C  CB  . ASP A 1 99  ? -5.148  0.721   -1.445  1.00 29.99 ? 99  ASP A CB  1 
ATOM   763  C  CG  . ASP A 1 99  ? -4.198  1.008   -2.598  1.00 30.94 ? 99  ASP A CG  1 
ATOM   764  O  OD1 . ASP A 1 99  ? -3.316  0.170   -2.871  1.00 30.65 ? 99  ASP A OD1 1 
ATOM   765  O  OD2 . ASP A 1 99  ? -4.327  2.072   -3.239  1.00 30.79 ? 99  ASP A OD2 1 
ATOM   766  N  N   . ARG A 1 100 ? -6.690  -0.900  0.767   1.00 36.50 ? 100 ARG A N   1 
ATOM   767  C  CA  . ARG A 1 100 ? -7.398  -0.927  2.039   1.00 37.53 ? 100 ARG A CA  1 
ATOM   768  C  C   . ARG A 1 100 ? -6.784  -1.947  2.998   1.00 37.46 ? 100 ARG A C   1 
ATOM   769  O  O   . ARG A 1 100 ? -6.563  -1.641  4.169   1.00 37.63 ? 100 ARG A O   1 
ATOM   770  C  CB  . ARG A 1 100 ? -8.874  -1.244  1.817   1.00 37.78 ? 100 ARG A CB  1 
ATOM   771  C  CG  . ARG A 1 100 ? -9.657  -1.411  3.105   1.00 39.04 ? 100 ARG A CG  1 
ATOM   772  C  CD  . ARG A 1 100 ? -11.138 -1.583  2.826   1.00 40.62 ? 100 ARG A CD  1 
ATOM   773  N  NE  . ARG A 1 100 ? -11.909 -1.634  4.064   1.00 42.54 ? 100 ARG A NE  1 
ATOM   774  C  CZ  . ARG A 1 100 ? -12.027 -2.713  4.831   1.00 41.95 ? 100 ARG A CZ  1 
ATOM   775  N  NH1 . ARG A 1 100 ? -11.426 -3.843  4.483   1.00 41.36 ? 100 ARG A NH1 1 
ATOM   776  N  NH2 . ARG A 1 100 ? -12.737 -2.655  5.950   1.00 42.08 ? 100 ARG A NH2 1 
ATOM   777  N  N   . ASN A 1 101 ? -6.511  -3.153  2.506   1.00 37.18 ? 101 ASN A N   1 
ATOM   778  C  CA  . ASN A 1 101 ? -5.908  -4.189  3.347   1.00 37.71 ? 101 ASN A CA  1 
ATOM   779  C  C   . ASN A 1 101 ? -4.575  -3.716  3.905   1.00 36.64 ? 101 ASN A C   1 
ATOM   780  O  O   . ASN A 1 101 ? -4.240  -3.991  5.050   1.00 37.53 ? 101 ASN A O   1 
ATOM   781  C  CB  . ASN A 1 101 ? -5.656  -5.478  2.558   1.00 38.32 ? 101 ASN A CB  1 
ATOM   782  C  CG  . ASN A 1 101 ? -6.925  -6.174  2.162   1.00 40.22 ? 101 ASN A CG  1 
ATOM   783  O  OD1 . ASN A 1 101 ? -7.955  -6.022  2.810   1.00 42.03 ? 101 ASN A OD1 1 
ATOM   784  N  ND2 . ASN A 1 101 ? -6.857  -6.966  1.100   1.00 40.75 ? 101 ASN A ND2 1 
ATOM   785  N  N   . ALA A 1 102 ? -3.818  -3.004  3.083   1.00 35.53 ? 102 ALA A N   1 
ATOM   786  C  CA  . ALA A 1 102 ? -2.517  -2.506  3.488   1.00 35.36 ? 102 ALA A CA  1 
ATOM   787  C  C   . ALA A 1 102 ? -2.637  -1.412  4.538   1.00 35.98 ? 102 ALA A C   1 
ATOM   788  O  O   . ALA A 1 102 ? -1.907  -1.419  5.531   1.00 35.92 ? 102 ALA A O   1 
ATOM   789  C  CB  . ALA A 1 102 ? -1.763  -1.986  2.272   1.00 34.43 ? 102 ALA A CB  1 
ATOM   790  N  N   . ALA A 1 103 ? -3.554  -0.471  4.321   1.00 35.43 ? 103 ALA A N   1 
ATOM   791  C  CA  . ALA A 1 103 ? -3.750  0.623   5.273   1.00 36.25 ? 103 ALA A CA  1 
ATOM   792  C  C   . ALA A 1 103 ? -4.085  0.054   6.648   1.00 35.22 ? 103 ALA A C   1 
ATOM   793  O  O   . ALA A 1 103 ? -3.529  0.482   7.655   1.00 35.49 ? 103 ALA A O   1 
ATOM   794  C  CB  . ALA A 1 103 ? -4.867  1.557   4.797   1.00 35.66 ? 103 ALA A CB  1 
ATOM   795  N  N   . ILE A 1 104 ? -4.988  -0.917  6.690   1.00 36.30 ? 104 ILE A N   1 
ATOM   796  C  CA  . ILE A 1 104 ? -5.360  -1.530  7.959   1.00 36.84 ? 104 ILE A CA  1 
ATOM   797  C  C   . ILE A 1 104 ? -4.156  -2.254  8.547   1.00 38.39 ? 104 ILE A C   1 
ATOM   798  O  O   . ILE A 1 104 ? -3.852  -2.107  9.733   1.00 39.37 ? 104 ILE A O   1 
ATOM   799  C  CB  . ILE A 1 104 ? -6.512  -2.534  7.787   1.00 37.37 ? 104 ILE A CB  1 
ATOM   800  C  CG1 . ILE A 1 104 ? -7.777  -1.805  7.317   1.00 36.19 ? 104 ILE A CG1 1 
ATOM   801  C  CG2 . ILE A 1 104 ? -6.775  -3.254  9.105   1.00 36.29 ? 104 ILE A CG2 1 
ATOM   802  C  CD1 . ILE A 1 104 ? -8.931  -2.733  6.987   1.00 36.00 ? 104 ILE A CD1 1 
ATOM   803  N  N   . CYS A 1 105 ? -3.471  -3.032  7.711   1.00 37.71 ? 105 CYS A N   1 
ATOM   804  C  CA  . CYS A 1 105 ? -2.291  -3.774  8.148   1.00 37.50 ? 105 CYS A CA  1 
ATOM   805  C  C   . CYS A 1 105 ? -1.265  -2.819  8.751   1.00 38.00 ? 105 CYS A C   1 
ATOM   806  O  O   . CYS A 1 105 ? -0.733  -3.074  9.826   1.00 38.43 ? 105 CYS A O   1 
ATOM   807  C  CB  . CYS A 1 105 ? -1.679  -4.520  6.963   1.00 36.73 ? 105 CYS A CB  1 
ATOM   808  S  SG  . CYS A 1 105 ? -0.368  -5.726  7.353   1.00 36.29 ? 105 CYS A SG  1 
ATOM   809  N  N   . PHE A 1 106 ? -0.997  -1.711  8.064   1.00 38.82 ? 106 PHE A N   1 
ATOM   810  C  CA  . PHE A 1 106 ? -0.041  -0.727  8.560   1.00 40.36 ? 106 PHE A CA  1 
ATOM   811  C  C   . PHE A 1 106 ? -0.437  -0.197  9.941   1.00 42.45 ? 106 PHE A C   1 
ATOM   812  O  O   . PHE A 1 106 ? 0.411   -0.051  10.827  1.00 42.10 ? 106 PHE A O   1 
ATOM   813  C  CB  . PHE A 1 106 ? 0.056   0.488   7.629   1.00 40.00 ? 106 PHE A CB  1 
ATOM   814  C  CG  . PHE A 1 106 ? 0.572   0.188   6.248   1.00 39.95 ? 106 PHE A CG  1 
ATOM   815  C  CD1 . PHE A 1 106 ? 1.456   -0.864  6.018   1.00 39.16 ? 106 PHE A CD1 1 
ATOM   816  C  CD2 . PHE A 1 106 ? 0.208   1.004   5.176   1.00 39.75 ? 106 PHE A CD2 1 
ATOM   817  C  CE1 . PHE A 1 106 ? 1.970   -1.097  4.747   1.00 37.62 ? 106 PHE A CE1 1 
ATOM   818  C  CE2 . PHE A 1 106 ? 0.719   0.780   3.897   1.00 38.61 ? 106 PHE A CE2 1 
ATOM   819  C  CZ  . PHE A 1 106 ? 1.601   -0.273  3.683   1.00 38.57 ? 106 PHE A CZ  1 
ATOM   820  N  N   . SER A 1 107 ? -1.722  0.107   10.108  1.00 42.61 ? 107 SER A N   1 
ATOM   821  C  CA  . SER A 1 107 ? -2.225  0.672   11.361  1.00 43.84 ? 107 SER A CA  1 
ATOM   822  C  C   . SER A 1 107 ? -2.116  -0.247  12.572  1.00 45.62 ? 107 SER A C   1 
ATOM   823  O  O   . SER A 1 107 ? -2.382  0.177   13.694  1.00 45.64 ? 107 SER A O   1 
ATOM   824  C  CB  . SER A 1 107 ? -3.687  1.119   11.202  1.00 41.13 ? 107 SER A CB  1 
ATOM   825  O  OG  . SER A 1 107 ? -4.574  0.016   11.214  1.00 37.72 ? 107 SER A OG  1 
ATOM   826  N  N   . LYS A 1 108 ? -1.725  -1.497  12.351  1.00 47.44 ? 108 LYS A N   1 
ATOM   827  C  CA  . LYS A 1 108 ? -1.595  -2.455  13.443  1.00 49.52 ? 108 LYS A CA  1 
ATOM   828  C  C   . LYS A 1 108 ? -0.145  -2.838  13.711  1.00 50.17 ? 108 LYS A C   1 
ATOM   829  O  O   . LYS A 1 108 ? 0.163   -3.427  14.745  1.00 51.22 ? 108 LYS A O   1 
ATOM   830  C  CB  . LYS A 1 108 ? -2.382  -3.725  13.119  1.00 50.84 ? 108 LYS A CB  1 
ATOM   831  C  CG  . LYS A 1 108 ? -3.887  -3.537  13.042  1.00 54.41 ? 108 LYS A CG  1 
ATOM   832  C  CD  . LYS A 1 108 ? -4.516  -4.564  12.102  1.00 56.43 ? 108 LYS A CD  1 
ATOM   833  C  CE  . LYS A 1 108 ? -4.119  -5.990  12.454  1.00 57.70 ? 108 LYS A CE  1 
ATOM   834  N  NZ  . LYS A 1 108 ? -4.704  -6.966  11.490  1.00 60.32 ? 108 LYS A NZ  1 
ATOM   835  N  N   . ALA A 1 109 ? 0.746   -2.501  12.785  1.00 49.71 ? 109 ALA A N   1 
ATOM   836  C  CA  . ALA A 1 109 ? 2.149   -2.861  12.922  1.00 49.14 ? 109 ALA A CA  1 
ATOM   837  C  C   . ALA A 1 109 ? 3.022   -1.816  13.599  1.00 49.59 ? 109 ALA A C   1 
ATOM   838  O  O   . ALA A 1 109 ? 2.874   -0.619  13.368  1.00 49.33 ? 109 ALA A O   1 
ATOM   839  C  CB  . ALA A 1 109 ? 2.726   -3.199  11.551  1.00 48.09 ? 109 ALA A CB  1 
ATOM   840  N  N   . PRO A 1 110 ? 3.952   -2.269  14.454  1.00 49.59 ? 110 PRO A N   1 
ATOM   841  C  CA  . PRO A 1 110 ? 4.872   -1.383  15.176  1.00 49.34 ? 110 PRO A CA  1 
ATOM   842  C  C   . PRO A 1 110 ? 5.803   -0.720  14.163  1.00 49.64 ? 110 PRO A C   1 
ATOM   843  O  O   . PRO A 1 110 ? 5.986   -1.234  13.061  1.00 50.51 ? 110 PRO A O   1 
ATOM   844  C  CB  . PRO A 1 110 ? 5.635   -2.343  16.090  1.00 48.53 ? 110 PRO A CB  1 
ATOM   845  C  CG  . PRO A 1 110 ? 4.692   -3.488  16.266  1.00 48.77 ? 110 PRO A CG  1 
ATOM   846  C  CD  . PRO A 1 110 ? 4.122   -3.665  14.888  1.00 48.76 ? 110 PRO A CD  1 
ATOM   847  N  N   . TYR A 1 111 ? 6.393   0.411   14.527  1.00 49.80 ? 111 TYR A N   1 
ATOM   848  C  CA  . TYR A 1 111 ? 7.306   1.094   13.623  1.00 49.57 ? 111 TYR A CA  1 
ATOM   849  C  C   . TYR A 1 111 ? 8.723   1.054   14.175  1.00 50.79 ? 111 TYR A C   1 
ATOM   850  O  O   . TYR A 1 111 ? 9.080   1.842   15.052  1.00 51.65 ? 111 TYR A O   1 
ATOM   851  C  CB  . TYR A 1 111 ? 6.872   2.549   13.402  1.00 48.66 ? 111 TYR A CB  1 
ATOM   852  C  CG  . TYR A 1 111 ? 7.768   3.291   12.436  1.00 48.05 ? 111 TYR A CG  1 
ATOM   853  C  CD1 . TYR A 1 111 ? 8.921   3.936   12.875  1.00 47.46 ? 111 TYR A CD1 1 
ATOM   854  C  CD2 . TYR A 1 111 ? 7.507   3.278   11.066  1.00 47.99 ? 111 TYR A CD2 1 
ATOM   855  C  CE1 . TYR A 1 111 ? 9.797   4.544   11.973  1.00 46.46 ? 111 TYR A CE1 1 
ATOM   856  C  CE2 . TYR A 1 111 ? 8.378   3.881   10.156  1.00 46.25 ? 111 TYR A CE2 1 
ATOM   857  C  CZ  . TYR A 1 111 ? 9.517   4.507   10.617  1.00 46.31 ? 111 TYR A CZ  1 
ATOM   858  O  OH  . TYR A 1 111 ? 10.386  5.083   9.723   1.00 45.89 ? 111 TYR A OH  1 
ATOM   859  N  N   . ASN A 1 112 ? 9.525   0.128   13.660  1.00 50.19 ? 112 ASN A N   1 
ATOM   860  C  CA  . ASN A 1 112 ? 10.904  -0.019  14.099  1.00 51.33 ? 112 ASN A CA  1 
ATOM   861  C  C   . ASN A 1 112 ? 11.825  0.948   13.359  1.00 51.40 ? 112 ASN A C   1 
ATOM   862  O  O   . ASN A 1 112 ? 12.201  0.719   12.208  1.00 49.96 ? 112 ASN A O   1 
ATOM   863  C  CB  . ASN A 1 112 ? 11.368  -1.459  13.883  1.00 52.71 ? 112 ASN A CB  1 
ATOM   864  C  CG  . ASN A 1 112 ? 10.533  -2.459  14.661  1.00 54.76 ? 112 ASN A CG  1 
ATOM   865  O  OD1 . ASN A 1 112 ? 10.493  -2.426  15.894  1.00 56.80 ? 112 ASN A OD1 1 
ATOM   866  N  ND2 . ASN A 1 112 ? 9.856   -3.353  13.944  1.00 53.95 ? 112 ASN A ND2 1 
ATOM   867  N  N   . LYS A 1 113 ? 12.186  2.030   14.040  1.00 51.30 ? 113 LYS A N   1 
ATOM   868  C  CA  . LYS A 1 113 ? 13.049  3.051   13.471  1.00 52.28 ? 113 LYS A CA  1 
ATOM   869  C  C   . LYS A 1 113 ? 14.359  2.511   12.907  1.00 52.10 ? 113 LYS A C   1 
ATOM   870  O  O   . LYS A 1 113 ? 15.016  3.187   12.118  1.00 51.80 ? 113 LYS A O   1 
ATOM   871  C  CB  . LYS A 1 113 ? 13.352  4.123   14.521  1.00 54.35 ? 113 LYS A CB  1 
ATOM   872  C  CG  . LYS A 1 113 ? 12.116  4.835   15.048  1.00 57.31 ? 113 LYS A CG  1 
ATOM   873  C  CD  . LYS A 1 113 ? 12.488  6.022   15.928  1.00 59.52 ? 113 LYS A CD  1 
ATOM   874  C  CE  . LYS A 1 113 ? 11.247  6.773   16.396  1.00 60.39 ? 113 LYS A CE  1 
ATOM   875  N  NZ  . LYS A 1 113 ? 11.592  8.010   17.155  1.00 61.41 ? 113 LYS A NZ  1 
ATOM   876  N  N   . GLU A 1 114 ? 14.745  1.301   13.302  1.00 51.71 ? 114 GLU A N   1 
ATOM   877  C  CA  . GLU A 1 114 ? 15.989  0.722   12.807  1.00 51.69 ? 114 GLU A CA  1 
ATOM   878  C  C   . GLU A 1 114 ? 15.834  0.188   11.383  1.00 51.38 ? 114 GLU A C   1 
ATOM   879  O  O   . GLU A 1 114 ? 16.818  -0.182  10.741  1.00 51.65 ? 114 GLU A O   1 
ATOM   880  C  CB  . GLU A 1 114 ? 16.475  -0.410  13.728  1.00 53.28 ? 114 GLU A CB  1 
ATOM   881  C  CG  . GLU A 1 114 ? 15.610  -1.662  13.714  1.00 56.24 ? 114 GLU A CG  1 
ATOM   882  C  CD  . GLU A 1 114 ? 14.649  -1.731  14.889  1.00 58.20 ? 114 GLU A CD  1 
ATOM   883  O  OE1 . GLU A 1 114 ? 14.070  -0.684  15.255  1.00 57.98 ? 114 GLU A OE1 1 
ATOM   884  O  OE2 . GLU A 1 114 ? 14.465  -2.840  15.440  1.00 59.79 ? 114 GLU A OE2 1 
ATOM   885  N  N   . HIS A 1 115 ? 14.601  0.148   10.886  1.00 49.85 ? 115 HIS A N   1 
ATOM   886  C  CA  . HIS A 1 115 ? 14.359  -0.349  9.538   1.00 48.41 ? 115 HIS A CA  1 
ATOM   887  C  C   . HIS A 1 115 ? 14.069  0.753   8.523   1.00 47.75 ? 115 HIS A C   1 
ATOM   888  O  O   . HIS A 1 115 ? 13.903  0.479   7.332   1.00 47.59 ? 115 HIS A O   1 
ATOM   889  C  CB  . HIS A 1 115 ? 13.215  -1.369  9.542   1.00 47.45 ? 115 HIS A CB  1 
ATOM   890  C  CG  . HIS A 1 115 ? 13.494  -2.585  10.370  1.00 46.88 ? 115 HIS A CG  1 
ATOM   891  N  ND1 . HIS A 1 115 ? 14.755  -3.127  10.494  1.00 47.43 ? 115 HIS A ND1 1 
ATOM   892  C  CD2 . HIS A 1 115 ? 12.670  -3.385  11.086  1.00 45.99 ? 115 HIS A CD2 1 
ATOM   893  C  CE1 . HIS A 1 115 ? 14.697  -4.208  11.252  1.00 46.44 ? 115 HIS A CE1 1 
ATOM   894  N  NE2 . HIS A 1 115 ? 13.442  -4.386  11.623  1.00 46.88 ? 115 HIS A NE2 1 
ATOM   895  N  N   . LYS A 1 116 ? 14.012  1.998   8.988   1.00 47.00 ? 116 LYS A N   1 
ATOM   896  C  CA  . LYS A 1 116 ? 13.757  3.131   8.100   1.00 46.66 ? 116 LYS A CA  1 
ATOM   897  C  C   . LYS A 1 116 ? 14.957  3.317   7.181   1.00 46.35 ? 116 LYS A C   1 
ATOM   898  O  O   . LYS A 1 116 ? 16.091  3.389   7.646   1.00 47.12 ? 116 LYS A O   1 
ATOM   899  C  CB  . LYS A 1 116 ? 13.529  4.404   8.922   1.00 46.94 ? 116 LYS A CB  1 
ATOM   900  C  CG  . LYS A 1 116 ? 13.320  5.668   8.102   1.00 47.99 ? 116 LYS A CG  1 
ATOM   901  C  CD  . LYS A 1 116 ? 12.998  6.856   9.002   1.00 50.09 ? 116 LYS A CD  1 
ATOM   902  C  CE  . LYS A 1 116 ? 12.771  8.129   8.195   1.00 52.17 ? 116 LYS A CE  1 
ATOM   903  N  NZ  . LYS A 1 116 ? 12.327  9.271   9.052   1.00 51.59 ? 116 LYS A NZ  1 
ATOM   904  N  N   . ASN A 1 117 ? 14.712  3.386   5.876   1.00 46.05 ? 117 ASN A N   1 
ATOM   905  C  CA  . ASN A 1 117 ? 15.795  3.556   4.912   1.00 46.24 ? 117 ASN A CA  1 
ATOM   906  C  C   . ASN A 1 117 ? 16.863  2.479   5.084   1.00 45.47 ? 117 ASN A C   1 
ATOM   907  O  O   . ASN A 1 117 ? 18.062  2.761   5.104   1.00 45.83 ? 117 ASN A O   1 
ATOM   908  C  CB  . ASN A 1 117 ? 16.422  4.947   5.063   1.00 46.66 ? 117 ASN A CB  1 
ATOM   909  C  CG  . ASN A 1 117 ? 15.538  6.046   4.502   1.00 47.30 ? 117 ASN A CG  1 
ATOM   910  O  OD1 . ASN A 1 117 ? 15.470  7.142   5.051   1.00 49.40 ? 117 ASN A OD1 1 
ATOM   911  N  ND2 . ASN A 1 117 ? 14.869  5.762   3.394   1.00 48.38 ? 117 ASN A ND2 1 
ATOM   912  N  N   . LEU A 1 118 ? 16.406  1.241   5.207   1.00 44.70 ? 118 LEU A N   1 
ATOM   913  C  CA  . LEU A 1 118 ? 17.283  0.088   5.373   1.00 44.93 ? 118 LEU A CA  1 
ATOM   914  C  C   . LEU A 1 118 ? 18.171  -0.133  4.142   1.00 44.78 ? 118 LEU A C   1 
ATOM   915  O  O   . LEU A 1 118 ? 17.749  0.113   3.014   1.00 43.90 ? 118 LEU A O   1 
ATOM   916  C  CB  . LEU A 1 118 ? 16.425  -1.157  5.613   1.00 44.24 ? 118 LEU A CB  1 
ATOM   917  C  CG  . LEU A 1 118 ? 17.121  -2.507  5.747   1.00 43.84 ? 118 LEU A CG  1 
ATOM   918  C  CD1 . LEU A 1 118 ? 17.904  -2.559  7.048   1.00 43.86 ? 118 LEU A CD1 1 
ATOM   919  C  CD2 . LEU A 1 118 ? 16.072  -3.608  5.711   1.00 43.97 ? 118 LEU A CD2 1 
ATOM   920  N  N   . ASP A 1 119 ? 19.403  -0.586  4.359   1.00 45.85 ? 119 ASP A N   1 
ATOM   921  C  CA  . ASP A 1 119 ? 20.305  -0.857  3.240   1.00 46.55 ? 119 ASP A CA  1 
ATOM   922  C  C   . ASP A 1 119 ? 19.832  -2.162  2.616   1.00 46.78 ? 119 ASP A C   1 
ATOM   923  O  O   . ASP A 1 119 ? 20.307  -3.243  2.969   1.00 48.19 ? 119 ASP A O   1 
ATOM   924  C  CB  . ASP A 1 119 ? 21.750  -1.011  3.722   1.00 47.69 ? 119 ASP A CB  1 
ATOM   925  C  CG  . ASP A 1 119 ? 22.721  -1.252  2.580   1.00 49.71 ? 119 ASP A CG  1 
ATOM   926  O  OD1 . ASP A 1 119 ? 23.940  -1.327  2.832   1.00 52.32 ? 119 ASP A OD1 1 
ATOM   927  O  OD2 . ASP A 1 119 ? 22.268  -1.368  1.423   1.00 52.87 ? 119 ASP A OD2 1 
ATOM   928  N  N   . THR A 1 120 ? 18.886  -2.046  1.692   1.00 46.06 ? 120 THR A N   1 
ATOM   929  C  CA  . THR A 1 120 ? 18.301  -3.198  1.021   1.00 45.85 ? 120 THR A CA  1 
ATOM   930  C  C   . THR A 1 120 ? 19.306  -4.054  0.255   1.00 46.70 ? 120 THR A C   1 
ATOM   931  O  O   . THR A 1 120 ? 19.087  -5.247  0.058   1.00 46.54 ? 120 THR A O   1 
ATOM   932  C  CB  . THR A 1 120 ? 17.203  -2.751  0.045   1.00 44.43 ? 120 THR A CB  1 
ATOM   933  O  OG1 . THR A 1 120 ? 17.792  -2.017  -1.031  1.00 45.83 ? 120 THR A OG1 1 
ATOM   934  C  CG2 . THR A 1 120 ? 16.202  -1.858  0.750   1.00 42.98 ? 120 THR A CG2 1 
ATOM   935  N  N   . LYS A 1 121 ? 20.407  -3.452  -0.173  1.00 47.47 ? 121 LYS A N   1 
ATOM   936  C  CA  . LYS A 1 121 ? 21.412  -4.192  -0.923  1.00 48.52 ? 121 LYS A CA  1 
ATOM   937  C  C   . LYS A 1 121 ? 22.110  -5.248  -0.074  1.00 48.01 ? 121 LYS A C   1 
ATOM   938  O  O   . LYS A 1 121 ? 22.634  -6.225  -0.602  1.00 47.41 ? 121 LYS A O   1 
ATOM   939  C  CB  . LYS A 1 121 ? 22.451  -3.234  -1.506  1.00 50.83 ? 121 LYS A CB  1 
ATOM   940  C  CG  . LYS A 1 121 ? 23.387  -3.879  -2.519  1.00 53.00 ? 121 LYS A CG  1 
ATOM   941  C  CD  . LYS A 1 121 ? 22.609  -4.419  -3.716  1.00 55.67 ? 121 LYS A CD  1 
ATOM   942  C  CE  . LYS A 1 121 ? 23.508  -5.196  -4.669  1.00 57.65 ? 121 LYS A CE  1 
ATOM   943  N  NZ  . LYS A 1 121 ? 22.747  -5.810  -5.801  1.00 57.21 ? 121 LYS A NZ  1 
ATOM   944  N  N   . LYS A 1 122 ? 22.099  -5.067  1.241   1.00 47.79 ? 122 LYS A N   1 
ATOM   945  C  CA  . LYS A 1 122 ? 22.759  -6.018  2.126   1.00 47.58 ? 122 LYS A CA  1 
ATOM   946  C  C   . LYS A 1 122 ? 21.843  -6.852  3.009   1.00 46.25 ? 122 LYS A C   1 
ATOM   947  O  O   . LYS A 1 122 ? 22.159  -7.997  3.321   1.00 45.55 ? 122 LYS A O   1 
ATOM   948  C  CB  . LYS A 1 122 ? 23.750  -5.295  3.043   1.00 50.11 ? 122 LYS A CB  1 
ATOM   949  C  CG  . LYS A 1 122 ? 24.939  -4.674  2.346   1.00 53.64 ? 122 LYS A CG  1 
ATOM   950  C  CD  . LYS A 1 122 ? 25.846  -4.004  3.364   1.00 56.86 ? 122 LYS A CD  1 
ATOM   951  C  CE  . LYS A 1 122 ? 27.024  -3.328  2.690   1.00 58.28 ? 122 LYS A CE  1 
ATOM   952  N  NZ  . LYS A 1 122 ? 27.938  -2.723  3.697   1.00 60.57 ? 122 LYS A NZ  1 
ATOM   953  N  N   . TYR A 1 123 ? 20.718  -6.283  3.420   1.00 44.57 ? 123 TYR A N   1 
ATOM   954  C  CA  . TYR A 1 123 ? 19.819  -6.991  4.317   1.00 43.40 ? 123 TYR A CA  1 
ATOM   955  C  C   . TYR A 1 123 ? 18.526  -7.496  3.695   1.00 41.19 ? 123 TYR A C   1 
ATOM   956  O  O   . TYR A 1 123 ? 17.672  -8.040  4.389   1.00 40.02 ? 123 TYR A O   1 
ATOM   957  C  CB  . TYR A 1 123 ? 19.510  -6.091  5.515   1.00 45.77 ? 123 TYR A CB  1 
ATOM   958  C  CG  . TYR A 1 123 ? 20.759  -5.608  6.216   1.00 48.54 ? 123 TYR A CG  1 
ATOM   959  C  CD1 . TYR A 1 123 ? 21.642  -6.514  6.805   1.00 50.69 ? 123 TYR A CD1 1 
ATOM   960  C  CD2 . TYR A 1 123 ? 21.086  -4.254  6.252   1.00 49.91 ? 123 TYR A CD2 1 
ATOM   961  C  CE1 . TYR A 1 123 ? 22.826  -6.085  7.407   1.00 52.41 ? 123 TYR A CE1 1 
ATOM   962  C  CE2 . TYR A 1 123 ? 22.267  -3.812  6.853   1.00 51.72 ? 123 TYR A CE2 1 
ATOM   963  C  CZ  . TYR A 1 123 ? 23.132  -4.735  7.427   1.00 52.93 ? 123 TYR A CZ  1 
ATOM   964  O  OH  . TYR A 1 123 ? 24.309  -4.314  8.010   1.00 54.33 ? 123 TYR A OH  1 
ATOM   965  N  N   . CYS A 1 124 ? 18.388  -7.335  2.386   1.00 39.51 ? 124 CYS A N   1 
ATOM   966  C  CA  . CYS A 1 124 ? 17.174  -7.772  1.713   1.00 38.32 ? 124 CYS A CA  1 
ATOM   967  C  C   . CYS A 1 124 ? 17.411  -8.785  0.595   1.00 37.36 ? 124 CYS A C   1 
ATOM   968  O  O   . CYS A 1 124 ? 17.297  -8.405  -0.586  1.00 36.85 ? 124 CYS A O   1 
ATOM   969  C  CB  . CYS A 1 124 ? 16.430  -6.556  1.174   1.00 37.55 ? 124 CYS A CB  1 
ATOM   970  S  SG  . CYS A 1 124 ? 15.934  -5.389  2.480   1.00 36.38 ? 124 CYS A SG  1 
ATOM   971  O  OXT . CYS A 1 124 ? 17.704  -9.952  0.923   1.00 36.87 ? 124 CYS A OXT 1 
HETATM 972  CA CA  . CA  B 2 .   ? 7.290   -2.301  -2.683  1.00 35.93 ? 130 CA  A CA  1 
HETATM 973  CA CA  . CA  C 2 .   ? -9.911  4.821   -12.612 0.50 12.97 ? 131 CA  A CA  1 
HETATM 974  CA CA  . CA  D 2 .   ? -6.807  -0.688  -19.691 0.50 30.01 ? 132 CA  A CA  1 
HETATM 975  CL CL  . CL  E 3 .   ? 5.477   1.762   -3.463  1.00 34.33 ? 133 CL  A CL  1 
HETATM 976  CL CL  . CL  F 3 .   ? -4.573  0.481   -21.380 1.00 61.58 ? 134 CL  A CL  1 
HETATM 977  CL CL  . CL  G 3 .   ? -7.671  0.853   -17.779 0.50 18.93 ? 135 CL  A CL  1 
HETATM 978  CL CL  . CL  H 3 .   ? 13.128  -0.574  -3.180  1.00 62.12 ? 136 CL  A CL  1 
HETATM 979  C  C1  . TUD I 4 .   ? 3.109   4.335   -0.423  1.00 39.10 ? 137 TUD A C1  1 
HETATM 980  C  C2  . TUD I 4 .   ? 3.160   5.931   -0.513  1.00 39.17 ? 137 TUD A C2  1 
HETATM 981  C  C3  . TUD I 4 .   ? 4.475   6.384   -1.216  1.00 39.85 ? 137 TUD A C3  1 
HETATM 982  O  O3  . TUD I 4 .   ? 4.502   7.841   -1.277  1.00 42.42 ? 137 TUD A O3  1 
HETATM 983  C  C4  . TUD I 4 .   ? 5.757   5.866   -0.451  1.00 38.64 ? 137 TUD A C4  1 
HETATM 984  C  C5  . TUD I 4 .   ? 5.756   4.274   -0.363  1.00 38.93 ? 137 TUD A C5  1 
HETATM 985  C  C6  . TUD I 4 .   ? 7.024   3.659   0.412   1.00 39.17 ? 137 TUD A C6  1 
HETATM 986  C  C7  . TUD I 4 .   ? 7.056   3.989   1.935   1.00 41.15 ? 137 TUD A C7  1 
HETATM 987  O  O7  . TUD I 4 .   ? 7.283   5.397   2.266   1.00 41.12 ? 137 TUD A O7  1 
HETATM 988  C  C8  . TUD I 4 .   ? 5.718   3.491   2.663   1.00 41.48 ? 137 TUD A C8  1 
HETATM 989  C  C9  . TUD I 4 .   ? 4.413   4.129   1.928   1.00 40.29 ? 137 TUD A C9  1 
HETATM 990  C  C10 . TUD I 4 .   ? 4.377   3.722   0.328   1.00 39.84 ? 137 TUD A C10 1 
HETATM 991  C  C11 . TUD I 4 .   ? 3.074   3.601   2.724   1.00 40.59 ? 137 TUD A C11 1 
HETATM 992  C  C12 . TUD I 4 .   ? 3.293   4.099   4.191   1.00 41.56 ? 137 TUD A C12 1 
HETATM 993  C  C13 . TUD I 4 .   ? 4.517   3.417   5.000   1.00 42.18 ? 137 TUD A C13 1 
HETATM 994  C  C14 . TUD I 4 .   ? 5.758   3.873   4.232   1.00 41.89 ? 137 TUD A C14 1 
HETATM 995  C  C15 . TUD I 4 .   ? 6.958   3.262   5.067   1.00 43.61 ? 137 TUD A C15 1 
HETATM 996  C  C16 . TUD I 4 .   ? 6.314   3.130   6.511   1.00 43.53 ? 137 TUD A C16 1 
HETATM 997  C  C17 . TUD I 4 .   ? 4.872   3.896   6.423   1.00 43.73 ? 137 TUD A C17 1 
HETATM 998  C  C18 . TUD I 4 .   ? 4.217   1.804   4.926   1.00 40.36 ? 137 TUD A C18 1 
HETATM 999  C  C19 . TUD I 4 .   ? 4.213   2.157   0.004   1.00 38.26 ? 137 TUD A C19 1 
HETATM 1000 C  C20 . TUD I 4 .   ? 3.862   3.531   7.639   1.00 46.00 ? 137 TUD A C20 1 
HETATM 1001 C  C21 . TUD I 4 .   ? 2.327   3.766   7.543   1.00 46.76 ? 137 TUD A C21 1 
HETATM 1002 C  C22 . TUD I 4 .   ? 4.326   4.249   8.988   1.00 48.77 ? 137 TUD A C22 1 
HETATM 1003 C  C23 . TUD I 4 .   ? 4.660   5.819   9.127   1.00 52.52 ? 137 TUD A C23 1 
HETATM 1004 O  O25 . TUD I 4 .   ? 4.965   6.117   11.463  1.00 55.28 ? 137 TUD A O25 1 
HETATM 1005 C  C24 . TUD I 4 .   ? 5.466   6.362   10.231  1.00 55.54 ? 137 TUD A C24 1 
HETATM 1006 N  N26 . TUD I 4 .   ? 6.531   7.004   10.095  1.00 58.66 ? 137 TUD A N26 1 
HETATM 1007 C  C25 . TUD I 4 .   ? 7.262   7.512   11.259  1.00 62.49 ? 137 TUD A C25 1 
HETATM 1008 C  C26 . TUD I 4 .   ? 8.718   7.945   10.967  1.00 66.30 ? 137 TUD A C26 1 
HETATM 1009 S  S27 . TUD I 4 .   ? 9.540   8.474   12.032  1.00 68.39 ? 137 TUD A S27 1 
HETATM 1010 O  O28 . TUD I 4 .   ? 10.871  8.772   11.434  1.00 67.09 ? 137 TUD A O28 1 
HETATM 1011 O  O29 . TUD I 4 .   ? 8.868   9.679   12.553  1.00 68.44 ? 137 TUD A O29 1 
HETATM 1012 O  O30 . TUD I 4 .   ? 9.712   7.478   13.143  1.00 68.12 ? 137 TUD A O30 1 
HETATM 1013 O  O   . HOH J 5 .   ? -5.766  1.965   -19.457 1.00 38.37 ? 138 HOH A O   1 
HETATM 1014 O  O   . HOH J 5 .   ? -7.038  10.530  -9.376  1.00 38.61 ? 139 HOH A O   1 
HETATM 1015 O  O   . HOH J 5 .   ? -1.211  8.828   -7.935  1.00 32.77 ? 140 HOH A O   1 
HETATM 1016 O  O   . HOH J 5 .   ? -14.403 -1.059  -4.630  1.00 29.23 ? 141 HOH A O   1 
HETATM 1017 O  O   . HOH J 5 .   ? -16.333 -3.860  -9.271  1.00 31.09 ? 142 HOH A O   1 
HETATM 1018 O  O   . HOH J 5 .   ? -3.507  2.962   -5.637  1.00 30.29 ? 143 HOH A O   1 
HETATM 1019 O  O   . HOH J 5 .   ? 7.637   7.309   6.899   1.00 31.51 ? 144 HOH A O   1 
HETATM 1020 O  O   . HOH J 5 .   ? 9.880   5.195   7.094   1.00 54.54 ? 145 HOH A O   1 
HETATM 1021 O  O   . HOH J 5 .   ? -10.491 1.884   -14.879 1.00 24.43 ? 146 HOH A O   1 
HETATM 1022 O  O   . HOH J 5 .   ? -11.827 1.247   -17.438 1.00 26.62 ? 147 HOH A O   1 
HETATM 1023 O  O   . HOH J 5 .   ? -17.159 1.896   -12.671 1.00 31.43 ? 148 HOH A O   1 
HETATM 1024 O  O   . HOH J 5 .   ? 15.901  -11.267 2.837   1.00 30.52 ? 149 HOH A O   1 
HETATM 1025 O  O   . HOH J 5 .   ? 15.584  -9.470  5.120   1.00 32.89 ? 150 HOH A O   1 
HETATM 1026 O  O   . HOH J 5 .   ? 14.002  -10.595 7.335   1.00 33.42 ? 151 HOH A O   1 
HETATM 1027 O  O   . HOH J 5 .   ? 6.758   -3.800  12.142  1.00 35.30 ? 152 HOH A O   1 
HETATM 1028 O  O   . HOH J 5 .   ? 7.575   -6.147  14.445  1.00 34.96 ? 153 HOH A O   1 
HETATM 1029 O  O   . HOH J 5 .   ? 3.683   -1.679  -0.531  1.00 35.89 ? 154 HOH A O   1 
HETATM 1030 O  O   . HOH J 5 .   ? 3.100   -2.141  -4.050  1.00 31.55 ? 155 HOH A O   1 
HETATM 1031 O  O   . HOH J 5 .   ? 5.923   -0.544  -1.624  1.00 31.63 ? 156 HOH A O   1 
HETATM 1032 O  O   . HOH J 5 .   ? 0.425   -9.198  5.636   1.00 43.86 ? 157 HOH A O   1 
HETATM 1033 O  O   . HOH J 5 .   ? 9.319   -12.502 0.610   1.00 34.35 ? 158 HOH A O   1 
HETATM 1034 O  O   . HOH J 5 .   ? 3.914   -10.659 3.902   1.00 35.25 ? 159 HOH A O   1 
HETATM 1035 O  O   . HOH J 5 .   ? -0.999  13.945  -2.879  1.00 35.62 ? 160 HOH A O   1 
HETATM 1036 O  O   . HOH J 5 .   ? -10.318 10.071  -3.593  1.00 43.76 ? 161 HOH A O   1 
HETATM 1037 O  O   . HOH J 5 .   ? -12.576 8.554   -3.471  1.00 39.08 ? 162 HOH A O   1 
HETATM 1038 O  O   . HOH J 5 .   ? -16.679 6.926   -1.905  1.00 46.51 ? 163 HOH A O   1 
HETATM 1039 O  O   . HOH J 5 .   ? 2.146   -11.550 11.793  1.00 49.41 ? 164 HOH A O   1 
HETATM 1040 O  O   . HOH J 5 .   ? 2.252   -11.756 8.732   1.00 41.39 ? 165 HOH A O   1 
HETATM 1041 O  O   . HOH J 5 .   ? -1.405  -3.715  -16.241 1.00 40.71 ? 166 HOH A O   1 
HETATM 1042 O  O   . HOH J 5 .   ? -11.199 12.205  -5.095  1.00 43.58 ? 167 HOH A O   1 
HETATM 1043 O  O   . HOH J 5 .   ? 9.128   6.379   0.411   1.00 38.89 ? 168 HOH A O   1 
HETATM 1044 O  O   . HOH J 5 .   ? -2.482  -5.413  0.534   1.00 34.69 ? 169 HOH A O   1 
HETATM 1045 O  O   . HOH J 5 .   ? -0.884  -5.421  2.895   1.00 33.78 ? 170 HOH A O   1 
HETATM 1046 O  O   . HOH J 5 .   ? -10.061 -4.631  2.166   1.00 43.42 ? 171 HOH A O   1 
HETATM 1047 O  O   . HOH J 5 .   ? -8.236  -9.685  -0.249  1.00 41.68 ? 172 HOH A O   1 
HETATM 1048 O  O   . HOH J 5 .   ? -11.069 0.442   7.316   1.00 44.96 ? 173 HOH A O   1 
HETATM 1049 O  O   . HOH J 5 .   ? -7.562  -6.566  11.599  1.00 45.94 ? 174 HOH A O   1 
HETATM 1050 O  O   . HOH J 5 .   ? -4.297  -8.526  14.362  1.00 49.79 ? 175 HOH A O   1 
HETATM 1051 O  O   . HOH J 5 .   ? -1.143  -8.606  11.915  1.00 65.94 ? 176 HOH A O   1 
HETATM 1052 O  O   . HOH J 5 .   ? 20.586  -0.053  7.197   1.00 53.23 ? 177 HOH A O   1 
HETATM 1053 O  O   . HOH J 5 .   ? 12.265  -0.793  0.973   1.00 35.57 ? 178 HOH A O   1 
HETATM 1054 O  O   . HOH J 5 .   ? -3.904  -7.779  0.162   1.00 43.87 ? 179 HOH A O   1 
HETATM 1055 O  O   . HOH J 5 .   ? -3.806  -8.626  3.136   1.00 54.93 ? 180 HOH A O   1 
HETATM 1056 O  O   . HOH J 5 .   ? -4.158  -7.517  8.197   1.00 50.14 ? 181 HOH A O   1 
HETATM 1057 O  O   . HOH J 5 .   ? 8.031   -6.148  -5.125  1.00 41.62 ? 182 HOH A O   1 
HETATM 1058 O  O   . HOH J 5 .   ? -1.655  -7.305  5.089   1.00 52.92 ? 183 HOH A O   1 
HETATM 1059 O  O   . HOH J 5 .   ? -3.696  -9.747  -1.607  1.00 49.42 ? 184 HOH A O   1 
HETATM 1060 O  O   . HOH J 5 .   ? -0.935  -10.425 -1.321  1.00 45.02 ? 185 HOH A O   1 
HETATM 1061 O  O   . HOH J 5 .   ? 25.142  -0.860  5.115   1.00 59.33 ? 186 HOH A O   1 
HETATM 1062 O  O   . HOH J 5 .   ? 19.588  -1.509  10.879  1.00 61.48 ? 187 HOH A O   1 
HETATM 1063 O  O   . HOH J 5 .   ? 14.066  -9.776  10.133  1.00 42.15 ? 188 HOH A O   1 
HETATM 1064 O  O   . HOH J 5 .   ? 4.589   11.288  1.540   1.00 66.34 ? 189 HOH A O   1 
HETATM 1065 O  O   . HOH J 5 .   ? -4.268  -12.456 -10.711 1.00 39.49 ? 190 HOH A O   1 
HETATM 1066 O  O   . HOH J 5 .   ? -6.086  -12.874 -8.014  1.00 56.89 ? 191 HOH A O   1 
HETATM 1067 O  O   . HOH J 5 .   ? 1.531   -7.907  -17.489 1.00 62.27 ? 192 HOH A O   1 
HETATM 1068 O  O   . HOH J 5 .   ? 5.922   -3.083  -14.681 1.00 48.23 ? 193 HOH A O   1 
HETATM 1069 O  O   . HOH J 5 .   ? 8.870   -5.362  -12.836 1.00 61.33 ? 194 HOH A O   1 
HETATM 1070 O  O   . HOH J 5 .   ? 3.444   -5.557  -16.988 1.00 64.21 ? 195 HOH A O   1 
HETATM 1071 O  O   . HOH J 5 .   ? 14.735  -4.406  -1.325  1.00 34.52 ? 196 HOH A O   1 
HETATM 1072 O  O   . HOH J 5 .   ? -1.983  -8.483  9.077   1.00 60.28 ? 197 HOH A O   1 
HETATM 1073 O  O   . HOH J 5 .   ? -21.238 6.723   -4.103  1.00 48.11 ? 198 HOH A O   1 
HETATM 1074 O  O   . HOH J 5 .   ? -14.269 10.339  2.914   1.00 45.66 ? 199 HOH A O   1 
HETATM 1075 O  O   . HOH J 5 .   ? -20.498 1.259   -1.975  1.00 50.41 ? 200 HOH A O   1 
HETATM 1076 O  O   . HOH J 5 .   ? 26.739  -4.751  -0.933  1.00 68.73 ? 201 HOH A O   1 
HETATM 1077 O  O   . HOH J 5 .   ? 7.762   -2.986  -8.815  1.00 55.23 ? 202 HOH A O   1 
HETATM 1078 O  O   . HOH J 5 .   ? 14.086  0.893   3.581   1.00 39.98 ? 203 HOH A O   1 
HETATM 1079 O  O   . HOH J 5 .   ? 3.917   13.647  -1.356  1.00 39.12 ? 204 HOH A O   1 
HETATM 1080 O  O   . HOH J 5 .   ? 0.526   0.616   15.838  1.00 63.16 ? 205 HOH A O   1 
HETATM 1081 O  O   . HOH J 5 .   ? -16.141 1.961   11.313  1.00 64.67 ? 206 HOH A O   1 
HETATM 1082 O  O   . HOH J 5 .   ? -16.004 4.186   5.357   1.00 56.20 ? 207 HOH A O   1 
HETATM 1083 O  O   . HOH J 5 .   ? -19.157 7.874   -1.953  1.00 53.03 ? 208 HOH A O   1 
HETATM 1084 O  O   . HOH J 5 .   ? -14.531 -1.656  1.297   1.00 46.17 ? 209 HOH A O   1 
HETATM 1085 O  O   . HOH J 5 .   ? -12.756 -8.299  0.949   1.00 68.52 ? 210 HOH A O   1 
HETATM 1086 O  O   . HOH J 5 .   ? 19.553  -6.702  -3.127  1.00 51.35 ? 211 HOH A O   1 
HETATM 1087 O  O   . HOH J 5 .   ? 17.738  -5.179  -4.210  1.00 60.33 ? 212 HOH A O   1 
HETATM 1088 O  O   . HOH J 5 .   ? 6.526   -1.996  -4.781  1.00 42.78 ? 213 HOH A O   1 
HETATM 1089 O  O   . HOH J 5 .   ? 5.404   -1.028  -12.899 1.00 57.04 ? 214 HOH A O   1 
HETATM 1090 O  O   . HOH J 5 .   ? -2.991  -8.401  -17.325 1.00 49.55 ? 215 HOH A O   1 
HETATM 1091 O  O   . HOH J 5 .   ? 26.039  -6.547  -4.678  1.00 58.30 ? 216 HOH A O   1 
HETATM 1092 O  O   . HOH J 5 .   ? 24.510  -9.158  -7.949  1.00 49.63 ? 217 HOH A O   1 
HETATM 1093 O  O   . HOH J 5 .   ? 26.404  -10.976 -8.684  1.00 38.98 ? 218 HOH A O   1 
HETATM 1094 O  O   . HOH J 5 .   ? -15.970 -2.376  4.098   1.00 56.08 ? 219 HOH A O   1 
HETATM 1095 O  O   . HOH J 5 .   ? -6.935  -4.066  16.081  1.00 60.12 ? 220 HOH A O   1 
HETATM 1096 O  O   . HOH J 5 .   ? 22.383  -8.957  -5.820  1.00 46.78 ? 221 HOH A O   1 
HETATM 1097 O  O   . HOH J 5 .   ? -2.185  12.577  1.598   1.00 42.97 ? 222 HOH A O   1 
HETATM 1098 O  O   . HOH J 5 .   ? -2.196  -14.540 -10.381 1.00 50.27 ? 223 HOH A O   1 
HETATM 1099 O  O   . HOH J 5 .   ? -6.146  11.883  8.346   1.00 55.67 ? 224 HOH A O   1 
HETATM 1100 O  O   . HOH J 5 .   ? 14.805  10.871  8.001   1.00 55.88 ? 225 HOH A O   1 
HETATM 1101 O  O   . HOH J 5 .   ? 4.722   -4.849  -7.531  1.00 48.47 ? 226 HOH A O   1 
HETATM 1102 O  O   . HOH J 5 .   ? 4.449   -1.229  -10.423 1.00 52.07 ? 227 HOH A O   1 
HETATM 1103 O  O   . HOH J 5 .   ? 9.011   1.711   -15.086 1.00 62.21 ? 228 HOH A O   1 
HETATM 1104 O  O   . HOH J 5 .   ? 9.140   -11.451 8.411   1.00 41.27 ? 229 HOH A O   1 
HETATM 1105 O  O   . HOH J 5 .   ? 5.703   1.307   -20.198 1.00 53.48 ? 230 HOH A O   1 
HETATM 1106 O  O   . HOH J 5 .   ? 6.483   3.871   -21.572 1.00 52.08 ? 231 HOH A O   1 
HETATM 1107 O  O   . HOH J 5 .   ? 6.535   4.363   -19.130 1.00 48.77 ? 232 HOH A O   1 
HETATM 1108 O  O   . HOH J 5 .   ? 7.593   2.852   -17.614 1.00 62.68 ? 233 HOH A O   1 
HETATM 1109 O  O   . HOH J 5 .   ? 12.707  -4.786  16.173  1.00 54.56 ? 234 HOH A O   1 
HETATM 1110 O  O   . HOH J 5 .   ? 11.160  -1.504  -1.801  1.00 41.18 ? 235 HOH A O   1 
HETATM 1111 O  O   . HOH J 5 .   ? 14.279  -3.029  -3.287  1.00 46.35 ? 236 HOH A O   1 
HETATM 1112 O  O   . HOH J 5 .   ? 13.186  2.103   -3.407  1.00 54.60 ? 237 HOH A O   1 
HETATM 1113 O  O   . HOH J 5 .   ? 3.887   -2.815  -8.624  1.00 53.57 ? 238 HOH A O   1 
HETATM 1114 O  O   . HOH J 5 .   ? 14.108  0.555   -0.934  1.00 57.35 ? 239 HOH A O   1 
HETATM 1115 O  O   . HOH J 5 .   ? 15.966  2.956   -3.917  1.00 61.40 ? 240 HOH A O   1 
HETATM 1116 O  O   . HOH J 5 .   ? 0.039   1.617   -21.347 1.00 42.10 ? 241 HOH A O   1 
HETATM 1117 O  O   . HOH J 5 .   ? -2.344  12.030  -1.069  1.00 45.18 ? 242 HOH A O   1 
HETATM 1118 O  O   . HOH J 5 .   ? 5.175   11.497  -1.699  1.00 46.08 ? 243 HOH A O   1 
HETATM 1119 O  O   . HOH J 5 .   ? 4.799   -6.282  -9.817  1.00 47.52 ? 244 HOH A O   1 
HETATM 1120 O  O   . HOH J 5 .   ? -0.562  -16.240 -6.909  1.00 62.66 ? 245 HOH A O   1 
HETATM 1121 O  O   . HOH J 5 .   ? -2.611  -6.086  -15.996 1.00 43.05 ? 246 HOH A O   1 
HETATM 1122 O  O   . HOH J 5 .   ? 8.557   0.656   -18.204 1.00 50.57 ? 247 HOH A O   1 
HETATM 1123 O  O   . HOH J 5 .   ? -11.964 10.911  1.897   1.00 54.48 ? 248 HOH A O   1 
HETATM 1124 O  O   . HOH J 5 .   ? -17.104 4.701   -0.657  1.00 47.42 ? 249 HOH A O   1 
HETATM 1125 O  O   . HOH J 5 .   ? -7.295  0.990   11.165  1.00 49.75 ? 250 HOH A O   1 
HETATM 1126 O  O   . HOH J 5 .   ? 1.415   14.059  -0.463  1.00 49.79 ? 251 HOH A O   1 
# 
